data_5LS8
# 
_entry.id   5LS8 
# 
_audit_conform.dict_name       mmcif_pdbx.dic 
_audit_conform.dict_version    5.383 
_audit_conform.dict_location   http://mmcif.pdb.org/dictionaries/ascii/mmcif_pdbx.dic 
# 
loop_
_database_2.database_id 
_database_2.database_code 
_database_2.pdbx_database_accession 
_database_2.pdbx_DOI 
PDB   5LS8         pdb_00005ls8 10.2210/pdb5ls8/pdb 
WWPDB D_1200001281 ?            ?                   
# 
loop_
_pdbx_audit_revision_history.ordinal 
_pdbx_audit_revision_history.data_content_type 
_pdbx_audit_revision_history.major_revision 
_pdbx_audit_revision_history.minor_revision 
_pdbx_audit_revision_history.revision_date 
1 'Structure model' 1 0 2018-01-17 
2 'Structure model' 2 0 2018-10-03 
3 'Structure model' 2 1 2019-08-28 
4 'Structure model' 2 2 2019-09-11 
5 'Structure model' 3 0 2023-12-27 
6 'Structure model' 3 1 2024-01-10 
# 
_pdbx_audit_revision_details.ordinal             1 
_pdbx_audit_revision_details.revision_ordinal    1 
_pdbx_audit_revision_details.data_content_type   'Structure model' 
_pdbx_audit_revision_details.provider            repository 
_pdbx_audit_revision_details.type                'Initial release' 
_pdbx_audit_revision_details.description         ? 
_pdbx_audit_revision_details.details             ? 
# 
loop_
_pdbx_audit_revision_group.ordinal 
_pdbx_audit_revision_group.revision_ordinal 
_pdbx_audit_revision_group.data_content_type 
_pdbx_audit_revision_group.group 
1  2 'Structure model' 'Atomic model'            
2  2 'Structure model' 'Data collection'         
3  2 'Structure model' 'Derived calculations'    
4  2 'Structure model' 'Non-polymer description' 
5  2 'Structure model' 'Structure summary'       
6  3 'Structure model' 'Data collection'         
7  3 'Structure model' 'Database references'     
8  4 'Structure model' 'Data collection'         
9  4 'Structure model' 'Database references'     
10 5 'Structure model' 'Atomic model'            
11 5 'Structure model' 'Data collection'         
12 5 'Structure model' 'Database references'     
13 5 'Structure model' 'Derived calculations'    
14 5 'Structure model' 'Non-polymer description' 
15 5 'Structure model' 'Structure summary'       
16 6 'Structure model' 'Derived calculations'    
17 6 'Structure model' 'Structure summary'       
# 
loop_
_pdbx_audit_revision_category.ordinal 
_pdbx_audit_revision_category.revision_ordinal 
_pdbx_audit_revision_category.data_content_type 
_pdbx_audit_revision_category.category 
1  2 'Structure model' atom_site           
2  2 'Structure model' chem_comp           
3  2 'Structure model' entity              
4  2 'Structure model' pdbx_entity_nonpoly 
5  2 'Structure model' pdbx_nonpoly_scheme 
6  2 'Structure model' struct_asym         
7  2 'Structure model' struct_site         
8  2 'Structure model' struct_site_gen     
9  3 'Structure model' citation            
10 3 'Structure model' citation_author     
11 4 'Structure model' citation            
12 4 'Structure model' citation_author     
13 5 'Structure model' atom_site           
14 5 'Structure model' chem_comp           
15 5 'Structure model' chem_comp_atom      
16 5 'Structure model' chem_comp_bond      
17 5 'Structure model' database_2          
18 5 'Structure model' entity              
19 5 'Structure model' pdbx_entity_nonpoly 
20 5 'Structure model' pdbx_nonpoly_scheme 
21 5 'Structure model' struct_asym         
22 5 'Structure model' struct_conn         
23 5 'Structure model' struct_site         
24 5 'Structure model' struct_site_gen     
25 6 'Structure model' chem_comp           
26 6 'Structure model' entity              
27 6 'Structure model' pdbx_entity_nonpoly 
# 
loop_
_pdbx_audit_revision_item.ordinal 
_pdbx_audit_revision_item.revision_ordinal 
_pdbx_audit_revision_item.data_content_type 
_pdbx_audit_revision_item.item 
1  2 'Structure model' '_atom_site.auth_comp_id'              
2  2 'Structure model' '_atom_site.label_comp_id'             
3  2 'Structure model' '_atom_site.label_entity_id'           
4  2 'Structure model' '_chem_comp.id'                        
5  2 'Structure model' '_chem_comp.name'                      
6  2 'Structure model' '_pdbx_nonpoly_scheme.entity_id'       
7  2 'Structure model' '_pdbx_nonpoly_scheme.mon_id'          
8  2 'Structure model' '_pdbx_nonpoly_scheme.pdb_mon_id'      
9  2 'Structure model' '_struct_asym.entity_id'               
10 2 'Structure model' '_struct_site.details'                 
11 2 'Structure model' '_struct_site.pdbx_auth_comp_id'       
12 2 'Structure model' '_struct_site_gen.auth_comp_id'        
13 2 'Structure model' '_struct_site_gen.label_comp_id'       
14 3 'Structure model' '_citation.country'                    
15 3 'Structure model' '_citation.journal_abbrev'             
16 3 'Structure model' '_citation.journal_id_CSD'             
17 3 'Structure model' '_citation.journal_id_ISSN'            
18 3 'Structure model' '_citation.journal_volume'             
19 3 'Structure model' '_citation.page_first'                 
20 3 'Structure model' '_citation.page_last'                  
21 3 'Structure model' '_citation.pdbx_database_id_DOI'       
22 3 'Structure model' '_citation.pdbx_database_id_PubMed'    
23 3 'Structure model' '_citation.title'                      
24 3 'Structure model' '_citation.year'                       
25 3 'Structure model' '_citation_author.identifier_ORCID'    
26 3 'Structure model' '_citation_author.name'                
27 4 'Structure model' '_citation.journal_abbrev'             
28 4 'Structure model' '_citation.journal_id_ASTM'            
29 4 'Structure model' '_citation.journal_id_CSD'             
30 4 'Structure model' '_citation.journal_id_ISSN'            
31 4 'Structure model' '_citation.journal_volume'             
32 4 'Structure model' '_citation.page_first'                 
33 4 'Structure model' '_citation.page_last'                  
34 4 'Structure model' '_citation.pdbx_database_id_DOI'       
35 4 'Structure model' '_citation.pdbx_database_id_PubMed'    
36 4 'Structure model' '_citation.title'                      
37 4 'Structure model' '_citation.year'                       
38 5 'Structure model' '_atom_site.auth_comp_id'              
39 5 'Structure model' '_atom_site.label_comp_id'             
40 5 'Structure model' '_atom_site.label_entity_id'           
41 5 'Structure model' '_chem_comp.id'                        
42 5 'Structure model' '_chem_comp.name'                      
43 5 'Structure model' '_database_2.pdbx_DOI'                 
44 5 'Structure model' '_database_2.pdbx_database_accession'  
45 5 'Structure model' '_pdbx_nonpoly_scheme.entity_id'       
46 5 'Structure model' '_pdbx_nonpoly_scheme.mon_id'          
47 5 'Structure model' '_pdbx_nonpoly_scheme.pdb_mon_id'      
48 5 'Structure model' '_struct_asym.entity_id'               
49 5 'Structure model' '_struct_conn.pdbx_dist_value'         
50 5 'Structure model' '_struct_conn.pdbx_ptnr1_label_alt_id' 
51 5 'Structure model' '_struct_conn.pdbx_ptnr2_label_alt_id' 
52 5 'Structure model' '_struct_conn.ptnr1_auth_asym_id'      
53 5 'Structure model' '_struct_conn.ptnr1_auth_comp_id'      
54 5 'Structure model' '_struct_conn.ptnr1_auth_seq_id'       
55 5 'Structure model' '_struct_conn.ptnr1_label_asym_id'     
56 5 'Structure model' '_struct_conn.ptnr1_label_atom_id'     
57 5 'Structure model' '_struct_conn.ptnr1_label_comp_id'     
58 5 'Structure model' '_struct_conn.ptnr1_label_seq_id'      
59 5 'Structure model' '_struct_conn.ptnr2_auth_asym_id'      
60 5 'Structure model' '_struct_conn.ptnr2_auth_comp_id'      
61 5 'Structure model' '_struct_conn.ptnr2_auth_seq_id'       
62 5 'Structure model' '_struct_conn.ptnr2_label_asym_id'     
63 5 'Structure model' '_struct_conn.ptnr2_label_atom_id'     
64 5 'Structure model' '_struct_conn.ptnr2_label_comp_id'     
65 5 'Structure model' '_struct_conn.ptnr2_label_seq_id'      
66 5 'Structure model' '_struct_site.details'                 
67 5 'Structure model' '_struct_site.pdbx_auth_comp_id'       
68 5 'Structure model' '_struct_site_gen.auth_comp_id'        
69 5 'Structure model' '_struct_site_gen.label_comp_id'       
70 6 'Structure model' '_chem_comp.name'                      
71 6 'Structure model' '_chem_comp.type'                      
72 6 'Structure model' '_entity.pdbx_description'             
73 6 'Structure model' '_pdbx_entity_nonpoly.name'            
# 
_pdbx_database_status.status_code                     REL 
_pdbx_database_status.status_code_sf                  REL 
_pdbx_database_status.status_code_mr                  ? 
_pdbx_database_status.entry_id                        5LS8 
_pdbx_database_status.recvd_initial_deposition_date   2016-08-22 
_pdbx_database_status.SG_entry                        N 
_pdbx_database_status.deposit_site                    PDBE 
_pdbx_database_status.process_site                    PDBE 
_pdbx_database_status.status_code_cs                  ? 
_pdbx_database_status.methods_development_category    ? 
_pdbx_database_status.pdb_format_compatible           Y 
_pdbx_database_status.status_code_nmr_data            ? 
# 
loop_
_audit_author.name 
_audit_author.pdbx_ordinal 
_audit_author.identifier_ORCID 
'McQuaid, K.T.' 1 ? 
'Abell, H.'     2 ? 
'Hall, J.P.'    3 ? 
'Cardin, C.J.'  4 ? 
# 
_citation.abstract                  ? 
_citation.abstract_id_CAS           ? 
_citation.book_id_ISBN              ? 
_citation.book_publisher            ? 
_citation.book_publisher_city       ? 
_citation.book_title                ? 
_citation.coordinate_linkage        ? 
_citation.country                   GE 
_citation.database_id_Medline       ? 
_citation.details                   ? 
_citation.id                        primary 
_citation.journal_abbrev            Angew.Chem.Int.Ed.Engl. 
_citation.journal_id_ASTM           ACIEAY 
_citation.journal_id_CSD            0179 
_citation.journal_id_ISSN           1521-3773 
_citation.journal_full              ? 
_citation.journal_issue             ? 
_citation.journal_volume            58 
_citation.language                  ? 
_citation.page_first                9881 
_citation.page_last                 9885 
_citation.title                     
'Structural Studies Reveal Enantiospecific Recognition of a DNA G-Quadruplex by a Ruthenium Polypyridyl Complex.' 
_citation.year                      2019 
_citation.database_id_CSD           ? 
_citation.pdbx_database_id_DOI      10.1002/anie.201814502 
_citation.pdbx_database_id_PubMed   30958918 
_citation.unpublished_flag          ? 
# 
loop_
_citation_author.citation_id 
_citation_author.name 
_citation_author.ordinal 
_citation_author.identifier_ORCID 
primary 'McQuaid, K.'   1  0000-0002-3222-5584 
primary 'Abell, H.'     2  ?                   
primary 'Gurung, S.P.'  3  ?                   
primary 'Allan, D.R.'   4  ?                   
primary 'Winter, G.'    5  ?                   
primary 'Sorensen, T.'  6  ?                   
primary 'Cardin, D.J.'  7  ?                   
primary 'Brazier, J.A.' 8  0000-0002-4952-584X 
primary 'Cardin, C.J.'  9  0000-0002-2556-9995 
primary 'Hall, J.P.'    10 0000-0003-3716-4378 
# 
loop_
_entity.id 
_entity.type 
_entity.src_method 
_entity.pdbx_description 
_entity.formula_weight 
_entity.pdbx_number_of_molecules 
_entity.pdbx_ec 
_entity.pdbx_mutation 
_entity.pdbx_fragment 
_entity.details 
1 polymer     syn 
;DNA (5'-D(*TP*AP*GP*GP*GP*TP*TP*A)-3')
;
2481.652 4  ? ? ? ? 
2 non-polymer syn 'lambda-[Ru(tap2-dppz-CN)]2+'            772.741  4  ? ? ? ? 
3 non-polymer syn 'delta-[Ru(tap2-dppz-CN)]2+'             772.741  2  ? ? ? ? 
4 non-polymer syn 'POTASSIUM ION'                          39.098   2  ? ? ? ? 
5 water       nat water                                    18.015   24 ? ? ? ? 
# 
_entity_poly.entity_id                      1 
_entity_poly.type                           polydeoxyribonucleotide 
_entity_poly.nstd_linkage                   no 
_entity_poly.nstd_monomer                   no 
_entity_poly.pdbx_seq_one_letter_code       '(DT)(DA)(DG)(DG)(DG)(DT)(DT)(DA)' 
_entity_poly.pdbx_seq_one_letter_code_can   TAGGGTTA 
_entity_poly.pdbx_strand_id                 A,B,C,D 
_entity_poly.pdbx_target_identifier         ? 
# 
loop_
_pdbx_entity_nonpoly.entity_id 
_pdbx_entity_nonpoly.name 
_pdbx_entity_nonpoly.comp_id 
2 'lambda-[Ru(tap2-dppz-CN)]2+' KSB 
3 'delta-[Ru(tap2-dppz-CN)]2+'  QHL 
4 'POTASSIUM ION'               K   
5 water                         HOH 
# 
loop_
_entity_poly_seq.entity_id 
_entity_poly_seq.num 
_entity_poly_seq.mon_id 
_entity_poly_seq.hetero 
1 1 DT n 
1 2 DA n 
1 3 DG n 
1 4 DG n 
1 5 DG n 
1 6 DT n 
1 7 DT n 
1 8 DA n 
# 
_pdbx_entity_src_syn.entity_id              1 
_pdbx_entity_src_syn.pdbx_src_id            1 
_pdbx_entity_src_syn.pdbx_alt_source_flag   sample 
_pdbx_entity_src_syn.pdbx_beg_seq_num       1 
_pdbx_entity_src_syn.pdbx_end_seq_num       8 
_pdbx_entity_src_syn.organism_scientific    'synthetic construct' 
_pdbx_entity_src_syn.organism_common_name   ? 
_pdbx_entity_src_syn.ncbi_taxonomy_id       32630 
_pdbx_entity_src_syn.details                ? 
# 
loop_
_chem_comp.id 
_chem_comp.type 
_chem_comp.mon_nstd_flag 
_chem_comp.name 
_chem_comp.pdbx_synonyms 
_chem_comp.formula 
_chem_comp.formula_weight 
DA  'DNA linking'                     y "2'-DEOXYADENOSINE-5'-MONOPHOSPHATE" ?                                                 
'C10 H14 N5 O6 P'  331.222 
DG  'DNA linking'                     y "2'-DEOXYGUANOSINE-5'-MONOPHOSPHATE" ?                                                 
'C10 H14 N5 O7 P'  347.221 
DT  'DNA linking'                     y "THYMIDINE-5'-MONOPHOSPHATE"         ?                                                 
'C10 H15 N2 O8 P'  322.208 
HOH non-polymer                       . WATER                                ?                                                 
'H2 O'             18.015  
K   non-polymer                       . 'POTASSIUM ION'                      ?                                                 
'K 1'              39.098  
KSB 'D-beta-peptide, C-gamma linking' . 'lambda-[Ru(tap2-dppz-CN)]2+'        'Cyano-derivative of Ruthenium-dipyridophenazine' 
'C39 H21 N13 Ru 6' 772.741 
QHL non-polymer                       . 'delta-[Ru(tap2-dppz-CN)]2+'         'Cyano-derivative of Ruthenium-dipyridophenazine' 
'C39 H21 N13 Ru 6' 772.741 
# 
loop_
_pdbx_poly_seq_scheme.asym_id 
_pdbx_poly_seq_scheme.entity_id 
_pdbx_poly_seq_scheme.seq_id 
_pdbx_poly_seq_scheme.mon_id 
_pdbx_poly_seq_scheme.ndb_seq_num 
_pdbx_poly_seq_scheme.pdb_seq_num 
_pdbx_poly_seq_scheme.auth_seq_num 
_pdbx_poly_seq_scheme.pdb_mon_id 
_pdbx_poly_seq_scheme.auth_mon_id 
_pdbx_poly_seq_scheme.pdb_strand_id 
_pdbx_poly_seq_scheme.pdb_ins_code 
_pdbx_poly_seq_scheme.hetero 
A 1 1 DT 1 1 1 DT DT A . n 
A 1 2 DA 2 2 2 DA DA A . n 
A 1 3 DG 3 3 3 DG DG A . n 
A 1 4 DG 4 4 4 DG DG A . n 
A 1 5 DG 5 5 5 DG DG A . n 
A 1 6 DT 6 6 6 DT DT A . n 
A 1 7 DT 7 7 7 DT DT A . n 
A 1 8 DA 8 8 8 DA DA A . n 
B 1 1 DT 1 1 1 DT DT B . n 
B 1 2 DA 2 2 2 DA DA B . n 
B 1 3 DG 3 3 3 DG DG B . n 
B 1 4 DG 4 4 4 DG DG B . n 
B 1 5 DG 5 5 5 DG DG B . n 
B 1 6 DT 6 6 6 DT DT B . n 
B 1 7 DT 7 7 7 DT DT B . n 
B 1 8 DA 8 8 8 DA DA B . n 
C 1 1 DT 1 1 1 DT DT C . n 
C 1 2 DA 2 2 2 DA DA C . n 
C 1 3 DG 3 3 3 DG DG C . n 
C 1 4 DG 4 4 4 DG DG C . n 
C 1 5 DG 5 5 5 DG DG C . n 
C 1 6 DT 6 6 6 DT DT C . n 
C 1 7 DT 7 7 7 DT DT C . n 
C 1 8 DA 8 8 8 DA DA C . n 
D 1 1 DT 1 1 1 DT DT D . n 
D 1 2 DA 2 2 2 DA DA D . n 
D 1 3 DG 3 3 3 DG DG D . n 
D 1 4 DG 4 4 4 DG DG D . n 
D 1 5 DG 5 5 5 DG DG D . n 
D 1 6 DT 6 6 6 DT DT D . n 
D 1 7 DT 7 7 7 DT DT D . n 
D 1 8 DA 8 8 8 DA DA D . n 
# 
loop_
_pdbx_nonpoly_scheme.asym_id 
_pdbx_nonpoly_scheme.entity_id 
_pdbx_nonpoly_scheme.mon_id 
_pdbx_nonpoly_scheme.ndb_seq_num 
_pdbx_nonpoly_scheme.pdb_seq_num 
_pdbx_nonpoly_scheme.auth_seq_num 
_pdbx_nonpoly_scheme.pdb_mon_id 
_pdbx_nonpoly_scheme.auth_mon_id 
_pdbx_nonpoly_scheme.pdb_strand_id 
_pdbx_nonpoly_scheme.pdb_ins_code 
E 2 KSB 1  101 2  KSB KSB A . 
F 3 QHL 1  102 5  QHL QHL A . 
G 4 K   1  103 1  K   K   A . 
H 4 K   1  104 2  K   K   A . 
I 2 KSB 1  101 4  KSB KSB B . 
J 2 KSB 1  101 1  KSB KSB C . 
K 3 QHL 1  102 6  QHL QHL C . 
L 2 KSB 1  101 3  KSB KSB D . 
M 5 HOH 1  201 21 HOH HOH A . 
M 5 HOH 2  202 13 HOH HOH A . 
M 5 HOH 3  203 16 HOH HOH A . 
M 5 HOH 4  204 12 HOH HOH A . 
M 5 HOH 5  205 17 HOH HOH A . 
M 5 HOH 6  206 4  HOH HOH A . 
M 5 HOH 7  207 22 HOH HOH A . 
M 5 HOH 8  208 2  HOH HOH A . 
M 5 HOH 9  209 14 HOH HOH A . 
M 5 HOH 10 210 6  HOH HOH A . 
N 5 HOH 1  201 23 HOH HOH B . 
N 5 HOH 2  202 18 HOH HOH B . 
N 5 HOH 3  203 20 HOH HOH B . 
N 5 HOH 4  204 10 HOH HOH B . 
N 5 HOH 5  205 7  HOH HOH B . 
N 5 HOH 6  206 5  HOH HOH B . 
O 5 HOH 1  201 24 HOH HOH C . 
O 5 HOH 2  202 11 HOH HOH C . 
O 5 HOH 3  203 15 HOH HOH C . 
O 5 HOH 4  204 19 HOH HOH C . 
O 5 HOH 5  205 1  HOH HOH C . 
P 5 HOH 1  201 3  HOH HOH D . 
P 5 HOH 2  202 9  HOH HOH D . 
P 5 HOH 3  203 8  HOH HOH D . 
# 
loop_
_pdbx_unobs_or_zero_occ_atoms.id 
_pdbx_unobs_or_zero_occ_atoms.PDB_model_num 
_pdbx_unobs_or_zero_occ_atoms.polymer_flag 
_pdbx_unobs_or_zero_occ_atoms.occupancy_flag 
_pdbx_unobs_or_zero_occ_atoms.auth_asym_id 
_pdbx_unobs_or_zero_occ_atoms.auth_comp_id 
_pdbx_unobs_or_zero_occ_atoms.auth_seq_id 
_pdbx_unobs_or_zero_occ_atoms.PDB_ins_code 
_pdbx_unobs_or_zero_occ_atoms.auth_atom_id 
_pdbx_unobs_or_zero_occ_atoms.label_alt_id 
_pdbx_unobs_or_zero_occ_atoms.label_asym_id 
_pdbx_unobs_or_zero_occ_atoms.label_comp_id 
_pdbx_unobs_or_zero_occ_atoms.label_seq_id 
_pdbx_unobs_or_zero_occ_atoms.label_atom_id 
1  1 Y 1 A DA 8 ? "C4'" ? A DA 8 "C4'" 
2  1 Y 1 A DA 8 ? "O4'" ? A DA 8 "O4'" 
3  1 Y 1 A DA 8 ? "C3'" ? A DA 8 "C3'" 
4  1 Y 1 A DA 8 ? "O3'" ? A DA 8 "O3'" 
5  1 Y 1 A DA 8 ? "C2'" ? A DA 8 "C2'" 
6  1 Y 1 A DA 8 ? "C1'" ? A DA 8 "C1'" 
7  1 Y 1 A DA 8 ? N9    ? A DA 8 N9    
8  1 Y 1 A DA 8 ? C8    ? A DA 8 C8    
9  1 Y 1 A DA 8 ? N7    ? A DA 8 N7    
10 1 Y 1 A DA 8 ? C5    ? A DA 8 C5    
11 1 Y 1 A DA 8 ? C6    ? A DA 8 C6    
12 1 Y 1 A DA 8 ? N6    ? A DA 8 N6    
13 1 Y 1 A DA 8 ? N1    ? A DA 8 N1    
14 1 Y 1 A DA 8 ? C2    ? A DA 8 C2    
15 1 Y 1 A DA 8 ? N3    ? A DA 8 N3    
16 1 Y 1 A DA 8 ? C4    ? A DA 8 C4    
17 1 Y 1 B DA 8 ? "C5'" ? B DA 8 "C5'" 
18 1 Y 1 B DA 8 ? "C4'" ? B DA 8 "C4'" 
19 1 Y 1 B DA 8 ? "O4'" ? B DA 8 "O4'" 
20 1 Y 1 B DA 8 ? "C3'" ? B DA 8 "C3'" 
21 1 Y 1 B DA 8 ? "O3'" ? B DA 8 "O3'" 
22 1 Y 1 B DA 8 ? "C2'" ? B DA 8 "C2'" 
23 1 Y 1 B DA 8 ? "C1'" ? B DA 8 "C1'" 
24 1 Y 1 B DA 8 ? N9    ? B DA 8 N9    
25 1 Y 1 B DA 8 ? C8    ? B DA 8 C8    
26 1 Y 1 B DA 8 ? N7    ? B DA 8 N7    
27 1 Y 1 B DA 8 ? C5    ? B DA 8 C5    
28 1 Y 1 B DA 8 ? C6    ? B DA 8 C6    
29 1 Y 1 B DA 8 ? N6    ? B DA 8 N6    
30 1 Y 1 B DA 8 ? N1    ? B DA 8 N1    
31 1 Y 1 B DA 8 ? C2    ? B DA 8 C2    
32 1 Y 1 B DA 8 ? N3    ? B DA 8 N3    
33 1 Y 1 B DA 8 ? C4    ? B DA 8 C4    
34 1 Y 1 C DA 8 ? "C4'" ? C DA 8 "C4'" 
35 1 Y 1 C DA 8 ? "O4'" ? C DA 8 "O4'" 
36 1 Y 1 C DA 8 ? "C3'" ? C DA 8 "C3'" 
37 1 Y 1 C DA 8 ? "O3'" ? C DA 8 "O3'" 
38 1 Y 1 C DA 8 ? "C2'" ? C DA 8 "C2'" 
39 1 Y 1 C DA 8 ? "C1'" ? C DA 8 "C1'" 
40 1 Y 1 C DA 8 ? N9    ? C DA 8 N9    
41 1 Y 1 C DA 8 ? C8    ? C DA 8 C8    
42 1 Y 1 C DA 8 ? N7    ? C DA 8 N7    
43 1 Y 1 C DA 8 ? C5    ? C DA 8 C5    
44 1 Y 1 C DA 8 ? C6    ? C DA 8 C6    
45 1 Y 1 C DA 8 ? N6    ? C DA 8 N6    
46 1 Y 1 C DA 8 ? N1    ? C DA 8 N1    
47 1 Y 1 C DA 8 ? C2    ? C DA 8 C2    
48 1 Y 1 C DA 8 ? N3    ? C DA 8 N3    
49 1 Y 1 C DA 8 ? C4    ? C DA 8 C4    
# 
loop_
_software.citation_id 
_software.classification 
_software.compiler_name 
_software.compiler_version 
_software.contact_author 
_software.contact_author_email 
_software.date 
_software.description 
_software.dependencies 
_software.hardware 
_software.language 
_software.location 
_software.mods 
_software.name 
_software.os 
_software.os_version 
_software.type 
_software.version 
_software.pdbx_ordinal 
? refinement       ? ? ? ? ? ? ? ? ? ? ? PHENIX  ? ? ? '(dev_2450: ???)' 1 
? 'data reduction' ? ? ? ? ? ? ? ? ? ? ? DIALS   ? ? ? .                 2 
? 'data scaling'   ? ? ? ? ? ? ? ? ? ? ? DIALS   ? ? ? .                 3 
? phasing          ? ? ? ? ? ? ? ? ? ? ? SHELXDE ? ? ? .                 4 
? 'data scaling'   ? ? ? ? ? ? ? ? ? ? ? xia2    ? ? ? .                 5 
# 
_cell.angle_alpha                  90.00 
_cell.angle_alpha_esd              ? 
_cell.angle_beta                   90.00 
_cell.angle_beta_esd               ? 
_cell.angle_gamma                  120.00 
_cell.angle_gamma_esd              ? 
_cell.entry_id                     5LS8 
_cell.details                      ? 
_cell.formula_units_Z              ? 
_cell.length_a                     36.625 
_cell.length_a_esd                 ? 
_cell.length_b                     36.625 
_cell.length_b_esd                 ? 
_cell.length_c                     136.104 
_cell.length_c_esd                 ? 
_cell.volume                       ? 
_cell.volume_esd                   ? 
_cell.Z_PDB                        24 
_cell.reciprocal_angle_alpha       ? 
_cell.reciprocal_angle_beta        ? 
_cell.reciprocal_angle_gamma       ? 
_cell.reciprocal_angle_alpha_esd   ? 
_cell.reciprocal_angle_beta_esd    ? 
_cell.reciprocal_angle_gamma_esd   ? 
_cell.reciprocal_length_a          ? 
_cell.reciprocal_length_b          ? 
_cell.reciprocal_length_c          ? 
_cell.reciprocal_length_a_esd      ? 
_cell.reciprocal_length_b_esd      ? 
_cell.reciprocal_length_c_esd      ? 
_cell.pdbx_unique_axis             ? 
# 
_symmetry.entry_id                         5LS8 
_symmetry.cell_setting                     ? 
_symmetry.Int_Tables_number                170 
_symmetry.space_group_name_Hall            ? 
_symmetry.space_group_name_H-M             'P 65' 
_symmetry.pdbx_full_space_group_name_H-M   ? 
# 
_exptl.absorpt_coefficient_mu     ? 
_exptl.absorpt_correction_T_max   ? 
_exptl.absorpt_correction_T_min   ? 
_exptl.absorpt_correction_type    ? 
_exptl.absorpt_process_details    ? 
_exptl.entry_id                   5LS8 
_exptl.crystals_number            1 
_exptl.details                    ? 
_exptl.method                     'X-RAY DIFFRACTION' 
_exptl.method_details             ? 
# 
_exptl_crystal.colour                      ? 
_exptl_crystal.density_diffrn              ? 
_exptl_crystal.density_Matthews            2.65 
_exptl_crystal.density_method              ? 
_exptl_crystal.density_percent_sol         53.67 
_exptl_crystal.description                 ? 
_exptl_crystal.F_000                       ? 
_exptl_crystal.id                          1 
_exptl_crystal.preparation                 ? 
_exptl_crystal.size_max                    ? 
_exptl_crystal.size_mid                    ? 
_exptl_crystal.size_min                    ? 
_exptl_crystal.size_rad                    ? 
_exptl_crystal.colour_lustre               ? 
_exptl_crystal.colour_modifier             ? 
_exptl_crystal.colour_primary              ? 
_exptl_crystal.density_meas                ? 
_exptl_crystal.density_meas_esd            ? 
_exptl_crystal.density_meas_gt             ? 
_exptl_crystal.density_meas_lt             ? 
_exptl_crystal.density_meas_temp           ? 
_exptl_crystal.density_meas_temp_esd       ? 
_exptl_crystal.density_meas_temp_gt        ? 
_exptl_crystal.density_meas_temp_lt        ? 
_exptl_crystal.pdbx_crystal_image_url      ? 
_exptl_crystal.pdbx_crystal_image_format   ? 
_exptl_crystal.pdbx_mosaicity              ? 
_exptl_crystal.pdbx_mosaicity_esd          ? 
# 
_exptl_crystal_grow.apparatus       ? 
_exptl_crystal_grow.atmosphere      ? 
_exptl_crystal_grow.crystal_id      1 
_exptl_crystal_grow.details         ? 
_exptl_crystal_grow.method          'VAPOR DIFFUSION, SITTING DROP' 
_exptl_crystal_grow.method_ref      ? 
_exptl_crystal_grow.pH              7.5 
_exptl_crystal_grow.pressure        ? 
_exptl_crystal_grow.pressure_esd    ? 
_exptl_crystal_grow.seeding         ? 
_exptl_crystal_grow.seeding_ref     ? 
_exptl_crystal_grow.temp            291 
_exptl_crystal_grow.temp_details    ? 
_exptl_crystal_grow.temp_esd        ? 
_exptl_crystal_grow.time            ? 
_exptl_crystal_grow.pdbx_details    
;125uM ss DNA, 10mM KCl, 250uM rac-Ru(TAP)2(dppz-11-CN).Cl2, 0.1 M KCl + 0.0125 M MgSO4.6H2O + 0.025 M TRIS hydrochloride pH 7.5, 5% v/v peg monomethyl ether 550
;
_exptl_crystal_grow.pdbx_pH_range   ? 
# 
_diffrn.ambient_environment    ? 
_diffrn.ambient_temp           100 
_diffrn.ambient_temp_details   ? 
_diffrn.ambient_temp_esd       ? 
_diffrn.crystal_id             1 
_diffrn.crystal_support        ? 
_diffrn.crystal_treatment      ? 
_diffrn.details                ? 
_diffrn.id                     1 
_diffrn.ambient_pressure       ? 
_diffrn.ambient_pressure_esd   ? 
_diffrn.ambient_pressure_gt    ? 
_diffrn.ambient_pressure_lt    ? 
_diffrn.ambient_temp_gt        ? 
_diffrn.ambient_temp_lt        ? 
# 
_diffrn_detector.details                      ? 
_diffrn_detector.detector                     PIXEL 
_diffrn_detector.diffrn_id                    1 
_diffrn_detector.type                         'DECTRIS PILATUS 6M-F' 
_diffrn_detector.area_resol_mean              ? 
_diffrn_detector.dtime                        ? 
_diffrn_detector.pdbx_frames_total            ? 
_diffrn_detector.pdbx_collection_time_total   ? 
_diffrn_detector.pdbx_collection_date         2016-07-25 
# 
_diffrn_radiation.collimation                      ? 
_diffrn_radiation.diffrn_id                        1 
_diffrn_radiation.filter_edge                      ? 
_diffrn_radiation.inhomogeneity                    ? 
_diffrn_radiation.monochromator                    ? 
_diffrn_radiation.polarisn_norm                    ? 
_diffrn_radiation.polarisn_ratio                   ? 
_diffrn_radiation.probe                            ? 
_diffrn_radiation.type                             ? 
_diffrn_radiation.xray_symbol                      ? 
_diffrn_radiation.wavelength_id                    1 
_diffrn_radiation.pdbx_monochromatic_or_laue_m_l   M 
_diffrn_radiation.pdbx_wavelength_list             ? 
_diffrn_radiation.pdbx_wavelength                  ? 
_diffrn_radiation.pdbx_diffrn_protocol             'SINGLE WAVELENGTH' 
_diffrn_radiation.pdbx_analyzer                    ? 
_diffrn_radiation.pdbx_scattering_type             x-ray 
# 
_diffrn_radiation_wavelength.id           1 
_diffrn_radiation_wavelength.wavelength   1.65324 
_diffrn_radiation_wavelength.wt           1.0 
# 
_diffrn_source.current                     ? 
_diffrn_source.details                     ? 
_diffrn_source.diffrn_id                   1 
_diffrn_source.power                       ? 
_diffrn_source.size                        ? 
_diffrn_source.source                      SYNCHROTRON 
_diffrn_source.target                      ? 
_diffrn_source.type                        'DIAMOND BEAMLINE I02' 
_diffrn_source.voltage                     ? 
_diffrn_source.take-off_angle              ? 
_diffrn_source.pdbx_wavelength_list        1.65324 
_diffrn_source.pdbx_wavelength             ? 
_diffrn_source.pdbx_synchrotron_beamline   I02 
_diffrn_source.pdbx_synchrotron_site       Diamond 
# 
_reflns.B_iso_Wilson_estimate            ? 
_reflns.entry_id                         5LS8 
_reflns.data_reduction_details           ? 
_reflns.data_reduction_method            ? 
_reflns.d_resolution_high                1.78 
_reflns.d_resolution_low                 68.05 
_reflns.details                          ? 
_reflns.limit_h_max                      ? 
_reflns.limit_h_min                      ? 
_reflns.limit_k_max                      ? 
_reflns.limit_k_min                      ? 
_reflns.limit_l_max                      ? 
_reflns.limit_l_min                      ? 
_reflns.number_all                       ? 
_reflns.number_obs                       9958 
_reflns.observed_criterion               ? 
_reflns.observed_criterion_F_max         ? 
_reflns.observed_criterion_F_min         ? 
_reflns.observed_criterion_I_max         ? 
_reflns.observed_criterion_I_min         ? 
_reflns.observed_criterion_sigma_F       -3 
_reflns.observed_criterion_sigma_I       ? 
_reflns.percent_possible_obs             100 
_reflns.R_free_details                   ? 
_reflns.Rmerge_F_all                     ? 
_reflns.Rmerge_F_obs                     ? 
_reflns.Friedel_coverage                 ? 
_reflns.number_gt                        ? 
_reflns.threshold_expression             ? 
_reflns.pdbx_redundancy                  37.4 
_reflns.pdbx_Rmerge_I_obs                0.07 
_reflns.pdbx_Rmerge_I_all                ? 
_reflns.pdbx_Rsym_value                  ? 
_reflns.pdbx_netI_over_av_sigmaI         ? 
_reflns.pdbx_netI_over_sigmaI            27.7 
_reflns.pdbx_res_netI_over_av_sigmaI_2   ? 
_reflns.pdbx_res_netI_over_sigmaI_2      ? 
_reflns.pdbx_chi_squared                 ? 
_reflns.pdbx_scaling_rejects             ? 
_reflns.pdbx_d_res_high_opt              ? 
_reflns.pdbx_d_res_low_opt               ? 
_reflns.pdbx_d_res_opt_method            ? 
_reflns.phase_calculation_details        ? 
_reflns.pdbx_Rrim_I_all                  ? 
_reflns.pdbx_Rpim_I_all                  ? 
_reflns.pdbx_d_opt                       ? 
_reflns.pdbx_number_measured_all         ? 
_reflns.pdbx_diffrn_id                   1 
_reflns.pdbx_ordinal                     1 
_reflns.pdbx_CC_half                     1 
_reflns.pdbx_R_split                     ? 
# 
_reflns_shell.d_res_high                  1.78 
_reflns_shell.d_res_low                   1.81 
_reflns_shell.meanI_over_sigI_all         ? 
_reflns_shell.meanI_over_sigI_obs         2.8 
_reflns_shell.number_measured_all         ? 
_reflns_shell.number_measured_obs         ? 
_reflns_shell.number_possible             ? 
_reflns_shell.number_unique_all           ? 
_reflns_shell.number_unique_obs           ? 
_reflns_shell.percent_possible_all        100 
_reflns_shell.percent_possible_obs        ? 
_reflns_shell.Rmerge_F_all                ? 
_reflns_shell.Rmerge_F_obs                ? 
_reflns_shell.Rmerge_I_all                ? 
_reflns_shell.Rmerge_I_obs                1.211 
_reflns_shell.meanI_over_sigI_gt          ? 
_reflns_shell.meanI_over_uI_all           ? 
_reflns_shell.meanI_over_uI_gt            ? 
_reflns_shell.number_measured_gt          ? 
_reflns_shell.number_unique_gt            ? 
_reflns_shell.percent_possible_gt         ? 
_reflns_shell.Rmerge_F_gt                 ? 
_reflns_shell.Rmerge_I_gt                 ? 
_reflns_shell.pdbx_redundancy             26 
_reflns_shell.pdbx_Rsym_value             ? 
_reflns_shell.pdbx_chi_squared            ? 
_reflns_shell.pdbx_netI_over_sigmaI_all   ? 
_reflns_shell.pdbx_netI_over_sigmaI_obs   ? 
_reflns_shell.pdbx_Rrim_I_all             ? 
_reflns_shell.pdbx_Rpim_I_all             ? 
_reflns_shell.pdbx_rejects                ? 
_reflns_shell.pdbx_ordinal                1 
_reflns_shell.pdbx_diffrn_id              1 
_reflns_shell.pdbx_CC_half                0.916 
_reflns_shell.pdbx_R_split                ? 
# 
_refine.aniso_B[1][1]                            ? 
_refine.aniso_B[1][2]                            ? 
_refine.aniso_B[1][3]                            ? 
_refine.aniso_B[2][2]                            ? 
_refine.aniso_B[2][3]                            ? 
_refine.aniso_B[3][3]                            ? 
_refine.B_iso_max                                ? 
_refine.B_iso_mean                               ? 
_refine.B_iso_min                                ? 
_refine.correlation_coeff_Fo_to_Fc               ? 
_refine.correlation_coeff_Fo_to_Fc_free          ? 
_refine.details                                  ? 
_refine.diff_density_max                         ? 
_refine.diff_density_max_esd                     ? 
_refine.diff_density_min                         ? 
_refine.diff_density_min_esd                     ? 
_refine.diff_density_rms                         ? 
_refine.diff_density_rms_esd                     ? 
_refine.entry_id                                 5LS8 
_refine.pdbx_refine_id                           'X-RAY DIFFRACTION' 
_refine.ls_abs_structure_details                 ? 
_refine.ls_abs_structure_Flack                   ? 
_refine.ls_abs_structure_Flack_esd               ? 
_refine.ls_abs_structure_Rogers                  ? 
_refine.ls_abs_structure_Rogers_esd              ? 
_refine.ls_d_res_high                            1.780 
_refine.ls_d_res_low                             31.719 
_refine.ls_extinction_coef                       ? 
_refine.ls_extinction_coef_esd                   ? 
_refine.ls_extinction_expression                 ? 
_refine.ls_extinction_method                     ? 
_refine.ls_goodness_of_fit_all                   ? 
_refine.ls_goodness_of_fit_all_esd               ? 
_refine.ls_goodness_of_fit_obs                   ? 
_refine.ls_goodness_of_fit_obs_esd               ? 
_refine.ls_hydrogen_treatment                    ? 
_refine.ls_matrix_type                           ? 
_refine.ls_number_constraints                    ? 
_refine.ls_number_parameters                     ? 
_refine.ls_number_reflns_all                     ? 
_refine.ls_number_reflns_obs                     9857 
_refine.ls_number_reflns_R_free                  485 
_refine.ls_number_reflns_R_work                  ? 
_refine.ls_number_restraints                     ? 
_refine.ls_percent_reflns_obs                    99.61 
_refine.ls_percent_reflns_R_free                 4.92 
_refine.ls_R_factor_all                          ? 
_refine.ls_R_factor_obs                          0.2150 
_refine.ls_R_factor_R_free                       0.2330 
_refine.ls_R_factor_R_free_error                 ? 
_refine.ls_R_factor_R_free_error_details         ? 
_refine.ls_R_factor_R_work                       0.2140 
_refine.ls_R_Fsqd_factor_obs                     ? 
_refine.ls_R_I_factor_obs                        ? 
_refine.ls_redundancy_reflns_all                 ? 
_refine.ls_redundancy_reflns_obs                 ? 
_refine.ls_restrained_S_all                      ? 
_refine.ls_restrained_S_obs                      ? 
_refine.ls_shift_over_esd_max                    ? 
_refine.ls_shift_over_esd_mean                   ? 
_refine.ls_structure_factor_coef                 ? 
_refine.ls_weighting_details                     ? 
_refine.ls_weighting_scheme                      ? 
_refine.ls_wR_factor_all                         ? 
_refine.ls_wR_factor_obs                         ? 
_refine.ls_wR_factor_R_free                      ? 
_refine.ls_wR_factor_R_work                      ? 
_refine.occupancy_max                            ? 
_refine.occupancy_min                            ? 
_refine.solvent_model_details                    ? 
_refine.solvent_model_param_bsol                 ? 
_refine.solvent_model_param_ksol                 ? 
_refine.ls_R_factor_gt                           ? 
_refine.ls_goodness_of_fit_gt                    ? 
_refine.ls_goodness_of_fit_ref                   ? 
_refine.ls_shift_over_su_max                     ? 
_refine.ls_shift_over_su_max_lt                  ? 
_refine.ls_shift_over_su_mean                    ? 
_refine.ls_shift_over_su_mean_lt                 ? 
_refine.pdbx_ls_sigma_I                          ? 
_refine.pdbx_ls_sigma_F                          1.34 
_refine.pdbx_ls_sigma_Fsqd                       ? 
_refine.pdbx_data_cutoff_high_absF               ? 
_refine.pdbx_data_cutoff_high_rms_absF           ? 
_refine.pdbx_data_cutoff_low_absF                ? 
_refine.pdbx_isotropic_thermal_model             ? 
_refine.pdbx_ls_cross_valid_method               'FREE R-VALUE' 
_refine.pdbx_method_to_determine_struct          SAD 
_refine.pdbx_starting_model                      ? 
_refine.pdbx_stereochemistry_target_values       ? 
_refine.pdbx_R_Free_selection_details            ? 
_refine.pdbx_stereochem_target_val_spec_case     ? 
_refine.pdbx_overall_ESU_R                       ? 
_refine.pdbx_overall_ESU_R_Free                  ? 
_refine.pdbx_solvent_vdw_probe_radii             1.11 
_refine.pdbx_solvent_ion_probe_radii             ? 
_refine.pdbx_solvent_shrinkage_radii             0.90 
_refine.pdbx_real_space_R                        ? 
_refine.pdbx_density_correlation                 ? 
_refine.pdbx_pd_number_of_powder_patterns        ? 
_refine.pdbx_pd_number_of_points                 ? 
_refine.pdbx_pd_meas_number_of_points            ? 
_refine.pdbx_pd_proc_ls_prof_R_factor            ? 
_refine.pdbx_pd_proc_ls_prof_wR_factor           ? 
_refine.pdbx_pd_Marquardt_correlation_coeff      ? 
_refine.pdbx_pd_Fsqrd_R_factor                   ? 
_refine.pdbx_pd_ls_matrix_band_width             ? 
_refine.pdbx_overall_phase_error                 38.90 
_refine.pdbx_overall_SU_R_free_Cruickshank_DPI   ? 
_refine.pdbx_overall_SU_R_free_Blow_DPI          ? 
_refine.pdbx_overall_SU_R_Blow_DPI               ? 
_refine.pdbx_TLS_residual_ADP_flag               ? 
_refine.pdbx_diffrn_id                           1 
_refine.overall_SU_B                             ? 
_refine.overall_SU_ML                            0.24 
_refine.overall_SU_R_Cruickshank_DPI             ? 
_refine.overall_SU_R_free                        ? 
_refine.overall_FOM_free_R_set                   ? 
_refine.overall_FOM_work_R_set                   ? 
_refine.pdbx_average_fsc_overall                 ? 
_refine.pdbx_average_fsc_work                    ? 
_refine.pdbx_average_fsc_free                    ? 
# 
_refine_hist.pdbx_refine_id                   'X-RAY DIFFRACTION' 
_refine_hist.cycle_id                         LAST 
_refine_hist.pdbx_number_atoms_protein        0 
_refine_hist.pdbx_number_atoms_nucleic_acid   611 
_refine_hist.pdbx_number_atoms_ligand         320 
_refine_hist.number_atoms_solvent             24 
_refine_hist.number_atoms_total               955 
_refine_hist.d_res_high                       1.780 
_refine_hist.d_res_low                        31.719 
# 
loop_
_refine_ls_restr.pdbx_refine_id 
_refine_ls_restr.criterion 
_refine_ls_restr.dev_ideal 
_refine_ls_restr.dev_ideal_target 
_refine_ls_restr.number 
_refine_ls_restr.rejects 
_refine_ls_restr.type 
_refine_ls_restr.weight 
_refine_ls_restr.pdbx_restraint_function 
'X-RAY DIFFRACTION' ? 0.010  ? 1181 ? f_bond_d           ? ? 
'X-RAY DIFFRACTION' ? 2.419  ? 1892 ? f_angle_d          ? ? 
'X-RAY DIFFRACTION' ? 34.157 ? 367  ? f_dihedral_angle_d ? ? 
'X-RAY DIFFRACTION' ? 0.045  ? 131  ? f_chiral_restr     ? ? 
'X-RAY DIFFRACTION' ? 0.008  ? 51   ? f_plane_restr      ? ? 
# 
loop_
_refine_ls_shell.pdbx_refine_id 
_refine_ls_shell.d_res_high 
_refine_ls_shell.d_res_low 
_refine_ls_shell.number_reflns_all 
_refine_ls_shell.number_reflns_obs 
_refine_ls_shell.number_reflns_R_free 
_refine_ls_shell.number_reflns_R_work 
_refine_ls_shell.percent_reflns_obs 
_refine_ls_shell.percent_reflns_R_free 
_refine_ls_shell.R_factor_all 
_refine_ls_shell.R_factor_obs 
_refine_ls_shell.R_factor_R_free 
_refine_ls_shell.R_factor_R_free_error 
_refine_ls_shell.R_factor_R_work 
_refine_ls_shell.redundancy_reflns_all 
_refine_ls_shell.redundancy_reflns_obs 
_refine_ls_shell.wR_factor_all 
_refine_ls_shell.wR_factor_obs 
_refine_ls_shell.wR_factor_R_free 
_refine_ls_shell.wR_factor_R_work 
_refine_ls_shell.pdbx_total_number_of_bins_used 
_refine_ls_shell.pdbx_phase_error 
_refine_ls_shell.pdbx_fsc_work 
_refine_ls_shell.pdbx_fsc_free 
'X-RAY DIFFRACTION' 1.7801 2.0376  . . 146 3157 100.00 . . . 0.3744 . 0.3377 . . . . . . . . . . 
'X-RAY DIFFRACTION' 2.0376 2.5670  . . 162 3094 100.00 . . . 0.2668 . 0.2946 . . . . . . . . . . 
'X-RAY DIFFRACTION' 2.5670 31.7235 . . 177 3121 100.00 . . . 0.2091 . 0.1780 . . . . . . . . . . 
# 
_struct.entry_id                     5LS8 
_struct.title                        'Light-activated ruthenium complex bound to a DNA quadruplex' 
_struct.pdbx_model_details           ? 
_struct.pdbx_formula_weight          ? 
_struct.pdbx_formula_weight_method   ? 
_struct.pdbx_model_type_details      ? 
_struct.pdbx_CASP_flag               N 
# 
_struct_keywords.entry_id        5LS8 
_struct_keywords.text            'DNA, quadruplex, chiral recognition, ruthenium' 
_struct_keywords.pdbx_keywords   DNA 
# 
loop_
_struct_asym.id 
_struct_asym.pdbx_blank_PDB_chainid_flag 
_struct_asym.pdbx_modified 
_struct_asym.entity_id 
_struct_asym.details 
A N N 1 ? 
B N N 1 ? 
C N N 1 ? 
D N N 1 ? 
E N N 2 ? 
F N N 3 ? 
G N N 4 ? 
H N N 4 ? 
I N N 2 ? 
J N N 2 ? 
K N N 3 ? 
L N N 2 ? 
M N N 5 ? 
N N N 5 ? 
O N N 5 ? 
P N N 5 ? 
# 
_struct_ref.id                         1 
_struct_ref.db_name                    PDB 
_struct_ref.db_code                    5LS8 
_struct_ref.pdbx_db_accession          5LS8 
_struct_ref.pdbx_db_isoform            ? 
_struct_ref.entity_id                  1 
_struct_ref.pdbx_seq_one_letter_code   ? 
_struct_ref.pdbx_align_begin           1 
# 
loop_
_struct_ref_seq.align_id 
_struct_ref_seq.ref_id 
_struct_ref_seq.pdbx_PDB_id_code 
_struct_ref_seq.pdbx_strand_id 
_struct_ref_seq.seq_align_beg 
_struct_ref_seq.pdbx_seq_align_beg_ins_code 
_struct_ref_seq.seq_align_end 
_struct_ref_seq.pdbx_seq_align_end_ins_code 
_struct_ref_seq.pdbx_db_accession 
_struct_ref_seq.db_align_beg 
_struct_ref_seq.pdbx_db_align_beg_ins_code 
_struct_ref_seq.db_align_end 
_struct_ref_seq.pdbx_db_align_end_ins_code 
_struct_ref_seq.pdbx_auth_seq_align_beg 
_struct_ref_seq.pdbx_auth_seq_align_end 
1 1 5LS8 A 1 ? 8 ? 5LS8 1 ? 8 ? 1 8 
2 1 5LS8 B 1 ? 8 ? 5LS8 1 ? 8 ? 1 8 
3 1 5LS8 C 1 ? 8 ? 5LS8 1 ? 8 ? 1 8 
4 1 5LS8 D 1 ? 8 ? 5LS8 1 ? 8 ? 1 8 
# 
_pdbx_struct_assembly.id                   1 
_pdbx_struct_assembly.details              author_and_software_defined_assembly 
_pdbx_struct_assembly.method_details       PISA 
_pdbx_struct_assembly.oligomeric_details   tetrameric 
_pdbx_struct_assembly.oligomeric_count     4 
# 
loop_
_pdbx_struct_assembly_prop.biol_id 
_pdbx_struct_assembly_prop.type 
_pdbx_struct_assembly_prop.value 
_pdbx_struct_assembly_prop.details 
1 'ABSA (A^2)' 6110 ? 
1 MORE         -22  ? 
1 'SSA (A^2)'  5720 ? 
# 
_pdbx_struct_assembly_gen.assembly_id       1 
_pdbx_struct_assembly_gen.oper_expression   1 
_pdbx_struct_assembly_gen.asym_id_list      A,B,C,D,E,F,G,H,I,J,K,L,M,N,O,P 
# 
_pdbx_struct_oper_list.id                   1 
_pdbx_struct_oper_list.type                 'identity operation' 
_pdbx_struct_oper_list.name                 1_555 
_pdbx_struct_oper_list.symmetry_operation   x,y,z 
_pdbx_struct_oper_list.matrix[1][1]         1.0000000000 
_pdbx_struct_oper_list.matrix[1][2]         0.0000000000 
_pdbx_struct_oper_list.matrix[1][3]         0.0000000000 
_pdbx_struct_oper_list.vector[1]            0.0000000000 
_pdbx_struct_oper_list.matrix[2][1]         0.0000000000 
_pdbx_struct_oper_list.matrix[2][2]         1.0000000000 
_pdbx_struct_oper_list.matrix[2][3]         0.0000000000 
_pdbx_struct_oper_list.vector[2]            0.0000000000 
_pdbx_struct_oper_list.matrix[3][1]         0.0000000000 
_pdbx_struct_oper_list.matrix[3][2]         0.0000000000 
_pdbx_struct_oper_list.matrix[3][3]         1.0000000000 
_pdbx_struct_oper_list.vector[3]            0.0000000000 
# 
loop_
_struct_conn.id 
_struct_conn.conn_type_id 
_struct_conn.pdbx_leaving_atom_flag 
_struct_conn.pdbx_PDB_id 
_struct_conn.ptnr1_label_asym_id 
_struct_conn.ptnr1_label_comp_id 
_struct_conn.ptnr1_label_seq_id 
_struct_conn.ptnr1_label_atom_id 
_struct_conn.pdbx_ptnr1_label_alt_id 
_struct_conn.pdbx_ptnr1_PDB_ins_code 
_struct_conn.pdbx_ptnr1_standard_comp_id 
_struct_conn.ptnr1_symmetry 
_struct_conn.ptnr2_label_asym_id 
_struct_conn.ptnr2_label_comp_id 
_struct_conn.ptnr2_label_seq_id 
_struct_conn.ptnr2_label_atom_id 
_struct_conn.pdbx_ptnr2_label_alt_id 
_struct_conn.pdbx_ptnr2_PDB_ins_code 
_struct_conn.ptnr1_auth_asym_id 
_struct_conn.ptnr1_auth_comp_id 
_struct_conn.ptnr1_auth_seq_id 
_struct_conn.ptnr2_auth_asym_id 
_struct_conn.ptnr2_auth_comp_id 
_struct_conn.ptnr2_auth_seq_id 
_struct_conn.ptnr2_symmetry 
_struct_conn.pdbx_ptnr3_label_atom_id 
_struct_conn.pdbx_ptnr3_label_seq_id 
_struct_conn.pdbx_ptnr3_label_comp_id 
_struct_conn.pdbx_ptnr3_label_asym_id 
_struct_conn.pdbx_ptnr3_label_alt_id 
_struct_conn.pdbx_ptnr3_PDB_ins_code 
_struct_conn.details 
_struct_conn.pdbx_dist_value 
_struct_conn.pdbx_value_order 
_struct_conn.pdbx_role 
metalc1  metalc ? ? A DG 3 O6 ? ? ? 1_555 G K  . K  ? ? A DG 3   A K  103 1_555 ? ? ? ? ? ? ?            2.879 ? ? 
metalc2  metalc ? ? A DG 4 O6 A ? ? 1_555 G K  . K  ? ? A DG 4   A K  103 1_555 ? ? ? ? ? ? ?            2.846 ? ? 
metalc3  metalc ? ? A DG 4 O6 B ? ? 1_555 G K  . K  ? ? A DG 4   A K  103 1_555 ? ? ? ? ? ? ?            2.901 ? ? 
metalc4  metalc ? ? A DG 4 O6 A ? ? 1_555 H K  . K  ? ? A DG 4   A K  104 1_555 ? ? ? ? ? ? ?            2.864 ? ? 
metalc5  metalc ? ? A DG 4 O6 B ? ? 1_555 H K  . K  ? ? A DG 4   A K  104 1_555 ? ? ? ? ? ? ?            3.185 ? ? 
metalc6  metalc ? ? A DG 5 O6 ? ? ? 1_555 H K  . K  ? ? A DG 5   A K  104 1_555 ? ? ? ? ? ? ?            2.621 ? ? 
metalc7  metalc ? ? G K  . K  ? ? ? 1_555 B DG 3 O6 ? ? A K  103 B DG 3   1_555 ? ? ? ? ? ? ?            2.735 ? ? 
metalc8  metalc ? ? G K  . K  ? ? ? 1_555 B DG 4 O6 A ? A K  103 B DG 4   1_555 ? ? ? ? ? ? ?            3.001 ? ? 
metalc9  metalc ? ? G K  . K  ? ? ? 1_555 B DG 4 O6 B ? A K  103 B DG 4   1_555 ? ? ? ? ? ? ?            3.048 ? ? 
metalc10 metalc ? ? G K  . K  ? ? ? 1_555 C DG 4 O6 A ? A K  103 C DG 4   1_555 ? ? ? ? ? ? ?            3.204 ? ? 
metalc11 metalc ? ? G K  . K  ? ? ? 1_555 C DG 4 O6 B ? A K  103 C DG 4   1_555 ? ? ? ? ? ? ?            2.836 ? ? 
metalc12 metalc ? ? G K  . K  ? ? ? 1_555 C DG 5 O6 ? ? A K  103 C DG 5   1_555 ? ? ? ? ? ? ?            2.606 ? ? 
metalc13 metalc ? ? G K  . K  ? ? ? 1_555 D DG 4 O6 A ? A K  103 D DG 4   1_555 ? ? ? ? ? ? ?            2.997 ? ? 
metalc14 metalc ? ? G K  . K  ? ? ? 1_555 D DG 4 O6 B ? A K  103 D DG 4   1_555 ? ? ? ? ? ? ?            2.806 ? ? 
metalc15 metalc ? ? G K  . K  ? ? ? 1_555 D DG 5 O6 ? ? A K  103 D DG 5   1_555 ? ? ? ? ? ? ?            2.766 ? ? 
metalc16 metalc ? ? H K  . K  ? ? ? 1_555 B DG 4 O6 A ? A K  104 B DG 4   1_555 ? ? ? ? ? ? ?            2.746 ? ? 
metalc17 metalc ? ? H K  . K  ? ? ? 1_555 B DG 4 O6 B ? A K  104 B DG 4   1_555 ? ? ? ? ? ? ?            3.002 ? ? 
metalc18 metalc ? ? H K  . K  ? ? ? 1_555 B DG 5 O6 ? ? A K  104 B DG 5   1_555 ? ? ? ? ? ? ?            2.786 ? ? 
metalc19 metalc ? ? H K  . K  ? ? ? 1_555 C DG 3 O6 ? ? A K  104 C DG 3   1_555 ? ? ? ? ? ? ?            2.847 ? ? 
metalc20 metalc ? ? H K  . K  ? ? ? 1_555 C DG 4 O6 A ? A K  104 C DG 4   1_555 ? ? ? ? ? ? ?            2.901 ? ? 
metalc21 metalc ? ? H K  . K  ? ? ? 1_555 C DG 4 O6 B ? A K  104 C DG 4   1_555 ? ? ? ? ? ? ?            2.768 ? ? 
metalc22 metalc ? ? H K  . K  ? ? ? 1_555 D DG 3 O6 ? ? A K  104 D DG 3   1_555 ? ? ? ? ? ? ?            2.850 ? ? 
metalc23 metalc ? ? H K  . K  ? ? ? 1_555 D DG 4 O6 A ? A K  104 D DG 4   1_555 ? ? ? ? ? ? ?            3.152 ? ? 
metalc24 metalc ? ? H K  . K  ? ? ? 1_555 D DG 4 O6 B ? A K  104 D DG 4   1_555 ? ? ? ? ? ? ?            3.061 ? ? 
hydrog1  hydrog ? ? A DT 1 N3 ? ? ? 1_555 C DT 7 O2 ? ? A DT 1   C DT 7   1_555 ? ? ? ? ? ? TYPE_16_PAIR ?     ? ? 
hydrog2  hydrog ? ? A DT 1 O4 ? ? ? 1_555 C DT 7 N3 ? ? A DT 1   C DT 7   1_555 ? ? ? ? ? ? TYPE_16_PAIR ?     ? ? 
hydrog3  hydrog ? ? A DA 2 N6 ? ? ? 1_555 B DA 2 N7 ? ? A DA 2   B DA 2   1_555 ? ? ? ? ? ? TYPE_2_PAIR  ?     ? ? 
hydrog4  hydrog ? ? A DA 2 N7 ? ? ? 1_555 B DA 2 N6 ? ? A DA 2   B DA 2   1_555 ? ? ? ? ? ? TYPE_2_PAIR  ?     ? ? 
hydrog5  hydrog ? ? A DA 2 N1 ? ? ? 1_555 C DT 6 N3 ? ? A DA 2   C DT 6   1_555 ? ? ? ? ? ? WATSON-CRICK ?     ? ? 
hydrog6  hydrog ? ? A DA 2 N6 ? ? ? 1_555 C DT 6 O4 ? ? A DA 2   C DT 6   1_555 ? ? ? ? ? ? WATSON-CRICK ?     ? ? 
hydrog7  hydrog ? ? A DG 3 N7 ? ? ? 1_555 C DG 5 N2 ? ? A DG 3   C DG 5   1_555 ? ? ? ? ? ? TYPE_6_PAIR  ?     ? ? 
hydrog8  hydrog ? ? A DG 3 O6 ? ? ? 1_555 C DG 5 N1 ? ? A DG 3   C DG 5   1_555 ? ? ? ? ? ? TYPE_6_PAIR  ?     ? ? 
hydrog9  hydrog ? ? A DG 3 N1 ? ? ? 1_555 D DG 5 O6 ? ? A DG 3   D DG 5   1_555 ? ? ? ? ? ? TYPE_6_PAIR  ?     ? ? 
hydrog10 hydrog ? ? A DG 3 N2 ? ? ? 1_555 D DG 5 N7 ? ? A DG 3   D DG 5   1_555 ? ? ? ? ? ? TYPE_6_PAIR  ?     ? ? 
hydrog11 hydrog ? ? A DG 4 N1 A ? ? 1_555 C DG 4 O6 A ? A DG 4   C DG 4   1_555 ? ? ? ? ? ? TYPE_3_PAIR  ?     ? ? 
hydrog12 hydrog ? ? A DG 4 O6 B ? ? 1_555 C DG 4 N1 B ? A DG 4   C DG 4   1_555 ? ? ? ? ? ? TYPE_3_PAIR  ?     ? ? 
hydrog13 hydrog ? ? A DG 4 N1 B ? ? 1_555 D DG 4 O6 B ? A DG 4   D DG 4   1_555 ? ? ? ? ? ? TYPE_3_PAIR  ?     ? ? 
hydrog14 hydrog ? ? A DG 4 O6 A ? ? 1_555 D DG 4 N1 A ? A DG 4   D DG 4   1_555 ? ? ? ? ? ? TYPE_3_PAIR  ?     ? ? 
hydrog15 hydrog ? ? A DG 5 N1 ? ? ? 1_555 C DG 3 O6 ? ? A DG 5   C DG 3   1_555 ? ? ? ? ? ? TYPE_6_PAIR  ?     ? ? 
hydrog16 hydrog ? ? A DG 5 N2 ? ? ? 1_555 C DG 3 N7 ? ? A DG 5   C DG 3   1_555 ? ? ? ? ? ? TYPE_6_PAIR  ?     ? ? 
hydrog17 hydrog ? ? A DG 5 N1 ? ? ? 1_555 C DG 4 O6 A ? A DG 5   C DG 4   1_555 ? ? ? ? ? ? TYPE_6_PAIR  ?     ? ? 
hydrog18 hydrog ? ? A DG 5 N2 ? ? ? 1_555 C DG 4 N7 A ? A DG 5   C DG 4   1_555 ? ? ? ? ? ? TYPE_6_PAIR  ?     ? ? 
hydrog19 hydrog ? ? A DG 5 N7 ? ? ? 1_555 D DG 3 N2 ? ? A DG 5   D DG 3   1_555 ? ? ? ? ? ? TYPE_6_PAIR  ?     ? ? 
hydrog20 hydrog ? ? A DG 5 O6 ? ? ? 1_555 D DG 3 N1 ? ? A DG 5   D DG 3   1_555 ? ? ? ? ? ? TYPE_6_PAIR  ?     ? ? 
hydrog21 hydrog ? ? A DT 6 N3 ? ? ? 1_555 C DA 2 N1 ? ? A DT 6   C DA 2   1_555 ? ? ? ? ? ? WATSON-CRICK ?     ? ? 
hydrog22 hydrog ? ? A DT 6 O4 ? ? ? 1_555 C DA 2 N6 ? ? A DT 6   C DA 2   1_555 ? ? ? ? ? ? WATSON-CRICK ?     ? ? 
hydrog23 hydrog ? ? A DT 7 N3 ? ? ? 1_555 C DT 1 O4 ? ? A DT 7   C DT 1   1_555 ? ? ? ? ? ? TYPE_16_PAIR ?     ? ? 
hydrog24 hydrog ? ? A DT 7 O2 ? ? ? 1_555 C DT 1 N3 ? ? A DT 7   C DT 1   1_555 ? ? ? ? ? ? TYPE_16_PAIR ?     ? ? 
hydrog25 hydrog ? ? B DA 2 N1 ? ? ? 1_555 D DT 6 N3 ? ? B DA 2   D DT 6   1_555 ? ? ? ? ? ? WATSON-CRICK ?     ? ? 
hydrog26 hydrog ? ? B DA 2 N6 ? ? ? 1_555 D DT 6 O4 ? ? B DA 2   D DT 6   1_555 ? ? ? ? ? ? WATSON-CRICK ?     ? ? 
hydrog27 hydrog ? ? B DG 3 N1 ? ? ? 1_555 C DG 5 O6 ? ? B DG 3   C DG 5   1_555 ? ? ? ? ? ? TYPE_6_PAIR  ?     ? ? 
hydrog28 hydrog ? ? B DG 3 N2 ? ? ? 1_555 C DG 5 N7 ? ? B DG 3   C DG 5   1_555 ? ? ? ? ? ? TYPE_6_PAIR  ?     ? ? 
hydrog29 hydrog ? ? B DG 3 N7 ? ? ? 1_555 D DG 5 N2 ? ? B DG 3   D DG 5   1_555 ? ? ? ? ? ? TYPE_6_PAIR  ?     ? ? 
hydrog30 hydrog ? ? B DG 3 O6 ? ? ? 1_555 D DG 5 N1 ? ? B DG 3   D DG 5   1_555 ? ? ? ? ? ? TYPE_6_PAIR  ?     ? ? 
hydrog31 hydrog ? ? B DG 4 N1 B ? ? 1_555 C DG 4 O6 B ? B DG 4   C DG 4   1_555 ? ? ? ? ? ? TYPE_3_PAIR  ?     ? ? 
hydrog32 hydrog ? ? B DG 4 O6 A ? ? 1_555 C DG 4 N1 A ? B DG 4   C DG 4   1_555 ? ? ? ? ? ? TYPE_3_PAIR  ?     ? ? 
hydrog33 hydrog ? ? B DG 4 N7 B ? ? 1_555 D DG 4 N2 B ? B DG 4   D DG 4   1_555 ? ? ? ? ? ? TYPE_6_PAIR  ?     ? ? 
hydrog34 hydrog ? ? B DG 4 O6 B ? ? 1_555 D DG 4 N1 B ? B DG 4   D DG 4   1_555 ? ? ? ? ? ? TYPE_6_PAIR  ?     ? ? 
hydrog35 hydrog ? ? B DG 5 N7 ? ? ? 1_555 C DG 3 N2 ? ? B DG 5   C DG 3   1_555 ? ? ? ? ? ? TYPE_6_PAIR  ?     ? ? 
hydrog36 hydrog ? ? B DG 5 O6 ? ? ? 1_555 C DG 3 N1 ? ? B DG 5   C DG 3   1_555 ? ? ? ? ? ? TYPE_6_PAIR  ?     ? ? 
hydrog37 hydrog ? ? B DG 5 N1 ? ? ? 1_555 D DG 3 O6 ? ? B DG 5   D DG 3   1_555 ? ? ? ? ? ? TYPE_6_PAIR  ?     ? ? 
hydrog38 hydrog ? ? B DG 5 N2 ? ? ? 1_555 D DG 3 N7 ? ? B DG 5   D DG 3   1_555 ? ? ? ? ? ? TYPE_6_PAIR  ?     ? ? 
hydrog39 hydrog ? ? B DT 6 N3 ? ? ? 1_555 D DA 2 N1 ? ? B DT 6   D DA 2   1_555 ? ? ? ? ? ? WATSON-CRICK ?     ? ? 
hydrog40 hydrog ? ? B DT 6 O4 ? ? ? 1_555 D DA 2 N6 ? ? B DT 6   D DA 2   1_555 ? ? ? ? ? ? WATSON-CRICK ?     ? ? 
hydrog41 hydrog ? ? C DA 2 N6 ? ? ? 1_555 D DA 2 N7 ? ? C DA 2   D DA 2   1_555 ? ? ? ? ? ? TYPE_2_PAIR  ?     ? ? 
hydrog42 hydrog ? ? C DA 2 N7 ? ? ? 1_555 D DA 2 N6 ? ? C DA 2   D DA 2   1_555 ? ? ? ? ? ? TYPE_2_PAIR  ?     ? ? 
# 
loop_
_struct_conn_type.id 
_struct_conn_type.criteria 
_struct_conn_type.reference 
metalc ? ? 
hydrog ? ? 
# 
loop_
_pdbx_struct_conn_angle.id 
_pdbx_struct_conn_angle.ptnr1_label_atom_id 
_pdbx_struct_conn_angle.ptnr1_label_alt_id 
_pdbx_struct_conn_angle.ptnr1_label_asym_id 
_pdbx_struct_conn_angle.ptnr1_label_comp_id 
_pdbx_struct_conn_angle.ptnr1_label_seq_id 
_pdbx_struct_conn_angle.ptnr1_auth_atom_id 
_pdbx_struct_conn_angle.ptnr1_auth_asym_id 
_pdbx_struct_conn_angle.ptnr1_auth_comp_id 
_pdbx_struct_conn_angle.ptnr1_auth_seq_id 
_pdbx_struct_conn_angle.ptnr1_PDB_ins_code 
_pdbx_struct_conn_angle.ptnr1_symmetry 
_pdbx_struct_conn_angle.ptnr2_label_atom_id 
_pdbx_struct_conn_angle.ptnr2_label_alt_id 
_pdbx_struct_conn_angle.ptnr2_label_asym_id 
_pdbx_struct_conn_angle.ptnr2_label_comp_id 
_pdbx_struct_conn_angle.ptnr2_label_seq_id 
_pdbx_struct_conn_angle.ptnr2_auth_atom_id 
_pdbx_struct_conn_angle.ptnr2_auth_asym_id 
_pdbx_struct_conn_angle.ptnr2_auth_comp_id 
_pdbx_struct_conn_angle.ptnr2_auth_seq_id 
_pdbx_struct_conn_angle.ptnr2_PDB_ins_code 
_pdbx_struct_conn_angle.ptnr2_symmetry 
_pdbx_struct_conn_angle.ptnr3_label_atom_id 
_pdbx_struct_conn_angle.ptnr3_label_alt_id 
_pdbx_struct_conn_angle.ptnr3_label_asym_id 
_pdbx_struct_conn_angle.ptnr3_label_comp_id 
_pdbx_struct_conn_angle.ptnr3_label_seq_id 
_pdbx_struct_conn_angle.ptnr3_auth_atom_id 
_pdbx_struct_conn_angle.ptnr3_auth_asym_id 
_pdbx_struct_conn_angle.ptnr3_auth_comp_id 
_pdbx_struct_conn_angle.ptnr3_auth_seq_id 
_pdbx_struct_conn_angle.ptnr3_PDB_ins_code 
_pdbx_struct_conn_angle.ptnr3_symmetry 
_pdbx_struct_conn_angle.value 
_pdbx_struct_conn_angle.value_esd 
1   O6 ? A DG 3 ? A DG 3 ? 1_555 K ? G K . ? A K 103 ? 1_555 O6 A A DG 4 ? A DG 4 ? 1_555 73.7  ? 
2   O6 ? A DG 3 ? A DG 3 ? 1_555 K ? G K . ? A K 103 ? 1_555 O6 B A DG 4 ? A DG 4 ? 1_555 68.3  ? 
3   O6 A A DG 4 ? A DG 4 ? 1_555 K ? G K . ? A K 103 ? 1_555 O6 B A DG 4 ? A DG 4 ? 1_555 23.6  ? 
4   O6 ? A DG 3 ? A DG 3 ? 1_555 K ? G K . ? A K 103 ? 1_555 O6 ? B DG 3 ? B DG 3 ? 1_555 119.1 ? 
5   O6 A A DG 4 ? A DG 4 ? 1_555 K ? G K . ? A K 103 ? 1_555 O6 ? B DG 3 ? B DG 3 ? 1_555 163.5 ? 
6   O6 B A DG 4 ? A DG 4 ? 1_555 K ? G K . ? A K 103 ? 1_555 O6 ? B DG 3 ? B DG 3 ? 1_555 166.1 ? 
7   O6 ? A DG 3 ? A DG 3 ? 1_555 K ? G K . ? A K 103 ? 1_555 O6 A B DG 4 ? B DG 4 ? 1_555 168.1 ? 
8   O6 A A DG 4 ? A DG 4 ? 1_555 K ? G K . ? A K 103 ? 1_555 O6 A B DG 4 ? B DG 4 ? 1_555 98.9  ? 
9   O6 B A DG 4 ? A DG 4 ? 1_555 K ? G K . ? A K 103 ? 1_555 O6 A B DG 4 ? B DG 4 ? 1_555 101.1 ? 
10  O6 ? B DG 3 ? B DG 3 ? 1_555 K ? G K . ? A K 103 ? 1_555 O6 A B DG 4 ? B DG 4 ? 1_555 70.1  ? 
11  O6 ? A DG 3 ? A DG 3 ? 1_555 K ? G K . ? A K 103 ? 1_555 O6 B B DG 4 ? B DG 4 ? 1_555 164.3 ? 
12  O6 A A DG 4 ? A DG 4 ? 1_555 K ? G K . ? A K 103 ? 1_555 O6 B B DG 4 ? B DG 4 ? 1_555 98.6  ? 
13  O6 B A DG 4 ? A DG 4 ? 1_555 K ? G K . ? A K 103 ? 1_555 O6 B B DG 4 ? B DG 4 ? 1_555 110.0 ? 
14  O6 ? B DG 3 ? B DG 3 ? 1_555 K ? G K . ? A K 103 ? 1_555 O6 B B DG 4 ? B DG 4 ? 1_555 66.3  ? 
15  O6 A B DG 4 ? B DG 4 ? 1_555 K ? G K . ? A K 103 ? 1_555 O6 B B DG 4 ? B DG 4 ? 1_555 23.3  ? 
16  O6 ? A DG 3 ? A DG 3 ? 1_555 K ? G K . ? A K 103 ? 1_555 O6 A C DG 4 ? C DG 4 ? 1_555 102.3 ? 
17  O6 A A DG 4 ? A DG 4 ? 1_555 K ? G K . ? A K 103 ? 1_555 O6 A C DG 4 ? C DG 4 ? 1_555 65.2  ? 
18  O6 B A DG 4 ? A DG 4 ? 1_555 K ? G K . ? A K 103 ? 1_555 O6 A C DG 4 ? C DG 4 ? 1_555 48.3  ? 
19  O6 ? B DG 3 ? B DG 3 ? 1_555 K ? G K . ? A K 103 ? 1_555 O6 A C DG 4 ? C DG 4 ? 1_555 117.9 ? 
20  O6 A B DG 4 ? B DG 4 ? 1_555 K ? G K . ? A K 103 ? 1_555 O6 A C DG 4 ? C DG 4 ? 1_555 65.8  ? 
21  O6 B B DG 4 ? B DG 4 ? 1_555 K ? G K . ? A K 103 ? 1_555 O6 A C DG 4 ? C DG 4 ? 1_555 86.1  ? 
22  O6 ? A DG 3 ? A DG 3 ? 1_555 K ? G K . ? A K 103 ? 1_555 O6 B C DG 4 ? C DG 4 ? 1_555 125.2 ? 
23  O6 A A DG 4 ? A DG 4 ? 1_555 K ? G K . ? A K 103 ? 1_555 O6 B C DG 4 ? C DG 4 ? 1_555 83.9  ? 
24  O6 B A DG 4 ? A DG 4 ? 1_555 K ? G K . ? A K 103 ? 1_555 O6 B C DG 4 ? C DG 4 ? 1_555 71.5  ? 
25  O6 ? B DG 3 ? B DG 3 ? 1_555 K ? G K . ? A K 103 ? 1_555 O6 B C DG 4 ? C DG 4 ? 1_555 95.2  ? 
26  O6 A B DG 4 ? B DG 4 ? 1_555 K ? G K . ? A K 103 ? 1_555 O6 B C DG 4 ? C DG 4 ? 1_555 43.5  ? 
27  O6 B B DG 4 ? B DG 4 ? 1_555 K ? G K . ? A K 103 ? 1_555 O6 B C DG 4 ? C DG 4 ? 1_555 66.0  ? 
28  O6 A C DG 4 ? C DG 4 ? 1_555 K ? G K . ? A K 103 ? 1_555 O6 B C DG 4 ? C DG 4 ? 1_555 24.9  ? 
29  O6 ? A DG 3 ? A DG 3 ? 1_555 K ? G K . ? A K 103 ? 1_555 O6 ? C DG 5 ? C DG 5 ? 1_555 74.7  ? 
30  O6 A A DG 4 ? A DG 4 ? 1_555 K ? G K . ? A K 103 ? 1_555 O6 ? C DG 5 ? C DG 5 ? 1_555 114.9 ? 
31  O6 B A DG 4 ? A DG 4 ? 1_555 K ? G K . ? A K 103 ? 1_555 O6 ? C DG 5 ? C DG 5 ? 1_555 91.5  ? 
32  O6 ? B DG 3 ? B DG 3 ? 1_555 K ? G K . ? A K 103 ? 1_555 O6 ? C DG 5 ? C DG 5 ? 1_555 80.0  ? 
33  O6 A B DG 4 ? B DG 4 ? 1_555 K ? G K . ? A K 103 ? 1_555 O6 ? C DG 5 ? C DG 5 ? 1_555 100.9 ? 
34  O6 B B DG 4 ? B DG 4 ? 1_555 K ? G K . ? A K 103 ? 1_555 O6 ? C DG 5 ? C DG 5 ? 1_555 121.0 ? 
35  O6 A C DG 4 ? C DG 4 ? 1_555 K ? G K . ? A K 103 ? 1_555 O6 ? C DG 5 ? C DG 5 ? 1_555 68.3  ? 
36  O6 B C DG 4 ? C DG 4 ? 1_555 K ? G K . ? A K 103 ? 1_555 O6 ? C DG 5 ? C DG 5 ? 1_555 70.8  ? 
37  O6 ? A DG 3 ? A DG 3 ? 1_555 K ? G K . ? A K 103 ? 1_555 O6 A D DG 4 ? D DG 4 ? 1_555 113.8 ? 
38  O6 A A DG 4 ? A DG 4 ? 1_555 K ? G K . ? A K 103 ? 1_555 O6 A D DG 4 ? D DG 4 ? 1_555 66.5  ? 
39  O6 B A DG 4 ? A DG 4 ? 1_555 K ? G K . ? A K 103 ? 1_555 O6 A D DG 4 ? D DG 4 ? 1_555 89.0  ? 
40  O6 ? B DG 3 ? B DG 3 ? 1_555 K ? G K . ? A K 103 ? 1_555 O6 A D DG 4 ? D DG 4 ? 1_555 97.7  ? 
41  O6 A B DG 4 ? B DG 4 ? 1_555 K ? G K . ? A K 103 ? 1_555 O6 A D DG 4 ? D DG 4 ? 1_555 70.2  ? 
42  O6 B B DG 4 ? B DG 4 ? 1_555 K ? G K . ? A K 103 ? 1_555 O6 A D DG 4 ? D DG 4 ? 1_555 50.7  ? 
43  O6 A C DG 4 ? C DG 4 ? 1_555 K ? G K . ? A K 103 ? 1_555 O6 A D DG 4 ? D DG 4 ? 1_555 105.7 ? 
44  O6 B C DG 4 ? C DG 4 ? 1_555 K ? G K . ? A K 103 ? 1_555 O6 A D DG 4 ? D DG 4 ? 1_555 100.9 ? 
45  O6 ? C DG 5 ? C DG 5 ? 1_555 K ? G K . ? A K 103 ? 1_555 O6 A D DG 4 ? D DG 4 ? 1_555 171.0 ? 
46  O6 ? A DG 3 ? A DG 3 ? 1_555 K ? G K . ? A K 103 ? 1_555 O6 B D DG 4 ? D DG 4 ? 1_555 93.8  ? 
47  O6 A A DG 4 ? A DG 4 ? 1_555 K ? G K . ? A K 103 ? 1_555 O6 B D DG 4 ? D DG 4 ? 1_555 44.7  ? 
48  O6 B A DG 4 ? A DG 4 ? 1_555 K ? G K . ? A K 103 ? 1_555 O6 B D DG 4 ? D DG 4 ? 1_555 68.2  ? 
49  O6 ? B DG 3 ? B DG 3 ? 1_555 K ? G K . ? A K 103 ? 1_555 O6 B D DG 4 ? D DG 4 ? 1_555 120.5 ? 
50  O6 A B DG 4 ? B DG 4 ? 1_555 K ? G K . ? A K 103 ? 1_555 O6 B D DG 4 ? D DG 4 ? 1_555 86.9  ? 
51  O6 B B DG 4 ? B DG 4 ? 1_555 K ? G K . ? A K 103 ? 1_555 O6 B D DG 4 ? D DG 4 ? 1_555 71.7  ? 
52  O6 A C DG 4 ? C DG 4 ? 1_555 K ? G K . ? A K 103 ? 1_555 O6 B D DG 4 ? D DG 4 ? 1_555 98.6  ? 
53  O6 B C DG 4 ? C DG 4 ? 1_555 K ? G K . ? A K 103 ? 1_555 O6 B D DG 4 ? D DG 4 ? 1_555 104.2 ? 
54  O6 ? C DG 5 ? C DG 5 ? 1_555 K ? G K . ? A K 103 ? 1_555 O6 B D DG 4 ? D DG 4 ? 1_555 159.4 ? 
55  O6 A D DG 4 ? D DG 4 ? 1_555 K ? G K . ? A K 103 ? 1_555 O6 B D DG 4 ? D DG 4 ? 1_555 24.1  ? 
56  O6 ? A DG 3 ? A DG 3 ? 1_555 K ? G K . ? A K 103 ? 1_555 O6 ? D DG 5 ? D DG 5 ? 1_555 75.3  ? 
57  O6 A A DG 4 ? A DG 4 ? 1_555 K ? G K . ? A K 103 ? 1_555 O6 ? D DG 5 ? D DG 5 ? 1_555 102.8 ? 
58  O6 B A DG 4 ? A DG 4 ? 1_555 K ? G K . ? A K 103 ? 1_555 O6 ? D DG 5 ? D DG 5 ? 1_555 121.0 ? 
59  O6 ? B DG 3 ? B DG 3 ? 1_555 K ? G K . ? A K 103 ? 1_555 O6 ? D DG 5 ? D DG 5 ? 1_555 72.8  ? 
60  O6 A B DG 4 ? B DG 4 ? 1_555 K ? G K . ? A K 103 ? 1_555 O6 ? D DG 5 ? D DG 5 ? 1_555 115.9 ? 
61  O6 B B DG 4 ? B DG 4 ? 1_555 K ? G K . ? A K 103 ? 1_555 O6 ? D DG 5 ? D DG 5 ? 1_555 93.5  ? 
62  O6 A C DG 4 ? C DG 4 ? 1_555 K ? G K . ? A K 103 ? 1_555 O6 ? D DG 5 ? D DG 5 ? 1_555 167.7 ? 
63  O6 B C DG 4 ? C DG 4 ? 1_555 K ? G K . ? A K 103 ? 1_555 O6 ? D DG 5 ? D DG 5 ? 1_555 159.4 ? 
64  O6 ? C DG 5 ? C DG 5 ? 1_555 K ? G K . ? A K 103 ? 1_555 O6 ? D DG 5 ? D DG 5 ? 1_555 121.7 ? 
65  O6 A D DG 4 ? D DG 4 ? 1_555 K ? G K . ? A K 103 ? 1_555 O6 ? D DG 5 ? D DG 5 ? 1_555 65.3  ? 
66  O6 B D DG 4 ? D DG 4 ? 1_555 K ? G K . ? A K 103 ? 1_555 O6 ? D DG 5 ? D DG 5 ? 1_555 69.8  ? 
67  O6 A A DG 4 ? A DG 4 ? 1_555 K ? H K . ? A K 104 ? 1_555 O6 B A DG 4 ? A DG 4 ? 1_555 21.6  ? 
68  O6 A A DG 4 ? A DG 4 ? 1_555 K ? H K . ? A K 104 ? 1_555 O6 ? A DG 5 ? A DG 5 ? 1_555 71.8  ? 
69  O6 B A DG 4 ? A DG 4 ? 1_555 K ? H K . ? A K 104 ? 1_555 O6 ? A DG 5 ? A DG 5 ? 1_555 69.0  ? 
70  O6 A A DG 4 ? A DG 4 ? 1_555 K ? H K . ? A K 104 ? 1_555 O6 A B DG 4 ? B DG 4 ? 1_555 104.7 ? 
71  O6 B A DG 4 ? A DG 4 ? 1_555 K ? H K . ? A K 104 ? 1_555 O6 A B DG 4 ? B DG 4 ? 1_555 100.2 ? 
72  O6 ? A DG 5 ? A DG 5 ? 1_555 K ? H K . ? A K 104 ? 1_555 O6 A B DG 4 ? B DG 4 ? 1_555 159.7 ? 
73  O6 A A DG 4 ? A DG 4 ? 1_555 K ? H K . ? A K 104 ? 1_555 O6 B B DG 4 ? B DG 4 ? 1_555 99.3  ? 
74  O6 B A DG 4 ? A DG 4 ? 1_555 K ? H K . ? A K 104 ? 1_555 O6 B B DG 4 ? B DG 4 ? 1_555 103.9 ? 
75  O6 ? A DG 5 ? A DG 5 ? 1_555 K ? H K . ? A K 104 ? 1_555 O6 B B DG 4 ? B DG 4 ? 1_555 170.5 ? 
76  O6 A B DG 4 ? B DG 4 ? 1_555 K ? H K . ? A K 104 ? 1_555 O6 B B DG 4 ? B DG 4 ? 1_555 24.1  ? 
77  O6 A A DG 4 ? A DG 4 ? 1_555 K ? H K . ? A K 104 ? 1_555 O6 ? B DG 5 ? B DG 5 ? 1_555 159.9 ? 
78  O6 B A DG 4 ? A DG 4 ? 1_555 K ? H K . ? A K 104 ? 1_555 O6 ? B DG 5 ? B DG 5 ? 1_555 171.3 ? 
79  O6 ? A DG 5 ? A DG 5 ? 1_555 K ? H K . ? A K 104 ? 1_555 O6 ? B DG 5 ? B DG 5 ? 1_555 118.9 ? 
80  O6 A B DG 4 ? B DG 4 ? 1_555 K ? H K . ? A K 104 ? 1_555 O6 ? B DG 5 ? B DG 5 ? 1_555 71.2  ? 
81  O6 B B DG 4 ? B DG 4 ? 1_555 K ? H K . ? A K 104 ? 1_555 O6 ? B DG 5 ? B DG 5 ? 1_555 68.8  ? 
82  O6 A A DG 4 ? A DG 4 ? 1_555 K ? H K . ? A K 104 ? 1_555 O6 ? C DG 3 ? C DG 3 ? 1_555 127.8 ? 
83  O6 B A DG 4 ? A DG 4 ? 1_555 K ? H K . ? A K 104 ? 1_555 O6 ? C DG 3 ? C DG 3 ? 1_555 108.4 ? 
84  O6 ? A DG 5 ? A DG 5 ? 1_555 K ? H K . ? A K 104 ? 1_555 O6 ? C DG 3 ? C DG 3 ? 1_555 72.6  ? 
85  O6 A B DG 4 ? B DG 4 ? 1_555 K ? H K . ? A K 104 ? 1_555 O6 ? C DG 3 ? C DG 3 ? 1_555 96.1  ? 
86  O6 B B DG 4 ? B DG 4 ? 1_555 K ? H K . ? A K 104 ? 1_555 O6 ? C DG 3 ? C DG 3 ? 1_555 116.3 ? 
87  O6 ? B DG 5 ? B DG 5 ? 1_555 K ? H K . ? A K 104 ? 1_555 O6 ? C DG 3 ? C DG 3 ? 1_555 72.3  ? 
88  O6 A A DG 4 ? A DG 4 ? 1_555 K ? H K . ? A K 104 ? 1_555 O6 A C DG 4 ? C DG 4 ? 1_555 69.2  ? 
89  O6 B A DG 4 ? A DG 4 ? 1_555 K ? H K . ? A K 104 ? 1_555 O6 A C DG 4 ? C DG 4 ? 1_555 48.5  ? 
90  O6 ? A DG 5 ? A DG 5 ? 1_555 K ? H K . ? A K 104 ? 1_555 O6 A C DG 4 ? C DG 4 ? 1_555 87.0  ? 
91  O6 A B DG 4 ? B DG 4 ? 1_555 K ? H K . ? A K 104 ? 1_555 O6 A C DG 4 ? C DG 4 ? 1_555 73.3  ? 
92  O6 B B DG 4 ? B DG 4 ? 1_555 K ? H K . ? A K 104 ? 1_555 O6 A C DG 4 ? C DG 4 ? 1_555 92.7  ? 
93  O6 ? B DG 5 ? B DG 5 ? 1_555 K ? H K . ? A K 104 ? 1_555 O6 A C DG 4 ? C DG 4 ? 1_555 125.7 ? 
94  O6 ? C DG 3 ? C DG 3 ? 1_555 K ? H K . ? A K 104 ? 1_555 O6 A C DG 4 ? C DG 4 ? 1_555 72.1  ? 
95  O6 A A DG 4 ? A DG 4 ? 1_555 K ? H K . ? A K 104 ? 1_555 O6 B C DG 4 ? C DG 4 ? 1_555 84.8  ? 
96  O6 B A DG 4 ? A DG 4 ? 1_555 K ? H K . ? A K 104 ? 1_555 O6 B C DG 4 ? C DG 4 ? 1_555 68.1  ? 
97  O6 ? A DG 5 ? A DG 5 ? 1_555 K ? H K . ? A K 104 ? 1_555 O6 B C DG 4 ? C DG 4 ? 1_555 113.7 ? 
98  O6 A B DG 4 ? B DG 4 ? 1_555 K ? H K . ? A K 104 ? 1_555 O6 B C DG 4 ? C DG 4 ? 1_555 46.3  ? 
99  O6 B B DG 4 ? B DG 4 ? 1_555 K ? H K . ? A K 104 ? 1_555 O6 B C DG 4 ? C DG 4 ? 1_555 67.5  ? 
100 O6 ? B DG 5 ? B DG 5 ? 1_555 K ? H K . ? A K 104 ? 1_555 O6 B C DG 4 ? C DG 4 ? 1_555 104.1 ? 
101 O6 ? C DG 3 ? C DG 3 ? 1_555 K ? H K . ? A K 104 ? 1_555 O6 B C DG 4 ? C DG 4 ? 1_555 76.1  ? 
102 O6 A C DG 4 ? C DG 4 ? 1_555 K ? H K . ? A K 104 ? 1_555 O6 B C DG 4 ? C DG 4 ? 1_555 27.4  ? 
103 O6 A A DG 4 ? A DG 4 ? 1_555 K ? H K . ? A K 104 ? 1_555 O6 ? D DG 3 ? D DG 3 ? 1_555 92.1  ? 
104 O6 B A DG 4 ? A DG 4 ? 1_555 K ? H K . ? A K 104 ? 1_555 O6 ? D DG 3 ? D DG 3 ? 1_555 111.8 ? 
105 O6 ? A DG 5 ? A DG 5 ? 1_555 K ? H K . ? A K 104 ? 1_555 O6 ? D DG 3 ? D DG 3 ? 1_555 79.2  ? 
106 O6 A B DG 4 ? B DG 4 ? 1_555 K ? H K . ? A K 104 ? 1_555 O6 ? D DG 3 ? D DG 3 ? 1_555 121.1 ? 
107 O6 B B DG 4 ? B DG 4 ? 1_555 K ? H K . ? A K 104 ? 1_555 O6 ? D DG 3 ? D DG 3 ? 1_555 98.5  ? 
108 O6 ? B DG 5 ? B DG 5 ? 1_555 K ? H K . ? A K 104 ? 1_555 O6 ? D DG 3 ? D DG 3 ? 1_555 74.5  ? 
109 O6 ? C DG 3 ? C DG 3 ? 1_555 K ? H K . ? A K 104 ? 1_555 O6 ? D DG 3 ? D DG 3 ? 1_555 117.0 ? 
110 O6 A C DG 4 ? C DG 4 ? 1_555 K ? H K . ? A K 104 ? 1_555 O6 ? D DG 3 ? D DG 3 ? 1_555 159.6 ? 
111 O6 B C DG 4 ? C DG 4 ? 1_555 K ? H K . ? A K 104 ? 1_555 O6 ? D DG 3 ? D DG 3 ? 1_555 164.8 ? 
112 O6 A A DG 4 ? A DG 4 ? 1_555 K ? H K . ? A K 104 ? 1_555 O6 A D DG 4 ? D DG 4 ? 1_555 64.2  ? 
113 O6 B A DG 4 ? A DG 4 ? 1_555 K ? H K . ? A K 104 ? 1_555 O6 A D DG 4 ? D DG 4 ? 1_555 81.4  ? 
114 O6 ? A DG 5 ? A DG 5 ? 1_555 K ? H K . ? A K 104 ? 1_555 O6 A D DG 4 ? D DG 4 ? 1_555 121.7 ? 
115 O6 A B DG 4 ? B DG 4 ? 1_555 K ? H K . ? A K 104 ? 1_555 O6 A D DG 4 ? D DG 4 ? 1_555 71.2  ? 
116 O6 B B DG 4 ? B DG 4 ? 1_555 K ? H K . ? A K 104 ? 1_555 O6 A D DG 4 ? D DG 4 ? 1_555 49.7  ? 
117 O6 ? B DG 5 ? B DG 5 ? 1_555 K ? H K . ? A K 104 ? 1_555 O6 A D DG 4 ? D DG 4 ? 1_555 96.3  ? 
118 O6 ? C DG 3 ? C DG 3 ? 1_555 K ? H K . ? A K 104 ? 1_555 O6 A D DG 4 ? D DG 4 ? 1_555 165.4 ? 
119 O6 A C DG 4 ? C DG 4 ? 1_555 K ? H K . ? A K 104 ? 1_555 O6 A D DG 4 ? D DG 4 ? 1_555 109.5 ? 
120 O6 B C DG 4 ? C DG 4 ? 1_555 K ? H K . ? A K 104 ? 1_555 O6 A D DG 4 ? D DG 4 ? 1_555 98.7  ? 
121 O6 ? D DG 3 ? D DG 3 ? 1_555 K ? H K . ? A K 104 ? 1_555 O6 A D DG 4 ? D DG 4 ? 1_555 66.7  ? 
122 O6 A A DG 4 ? A DG 4 ? 1_555 K ? H K . ? A K 104 ? 1_555 O6 B D DG 4 ? D DG 4 ? 1_555 42.4  ? 
123 O6 B A DG 4 ? A DG 4 ? 1_555 K ? H K . ? A K 104 ? 1_555 O6 B D DG 4 ? D DG 4 ? 1_555 61.6  ? 
124 O6 ? A DG 5 ? A DG 5 ? 1_555 K ? H K . ? A K 104 ? 1_555 O6 B D DG 4 ? D DG 4 ? 1_555 101.7 ? 
125 O6 A B DG 4 ? B DG 4 ? 1_555 K ? H K . ? A K 104 ? 1_555 O6 B D DG 4 ? D DG 4 ? 1_555 86.8  ? 
126 O6 B B DG 4 ? B DG 4 ? 1_555 K ? H K . ? A K 104 ? 1_555 O6 B D DG 4 ? D DG 4 ? 1_555 69.0  ? 
127 O6 ? B DG 5 ? B DG 5 ? 1_555 K ? H K . ? A K 104 ? 1_555 O6 B D DG 4 ? D DG 4 ? 1_555 117.6 ? 
128 O6 ? C DG 3 ? C DG 3 ? 1_555 K ? H K . ? A K 104 ? 1_555 O6 B D DG 4 ? D DG 4 ? 1_555 170.0 ? 
129 O6 A C DG 4 ? C DG 4 ? 1_555 K ? H K . ? A K 104 ? 1_555 O6 B D DG 4 ? D DG 4 ? 1_555 99.8  ? 
130 O6 B C DG 4 ? C DG 4 ? 1_555 K ? H K . ? A K 104 ? 1_555 O6 B D DG 4 ? D DG 4 ? 1_555 99.5  ? 
131 O6 ? D DG 3 ? D DG 3 ? 1_555 K ? H K . ? A K 104 ? 1_555 O6 B D DG 4 ? D DG 4 ? 1_555 68.8  ? 
132 O6 A D DG 4 ? D DG 4 ? 1_555 K ? H K . ? A K 104 ? 1_555 O6 B D DG 4 ? D DG 4 ? 1_555 22.7  ? 
# 
loop_
_struct_site.id 
_struct_site.pdbx_evidence_code 
_struct_site.pdbx_auth_asym_id 
_struct_site.pdbx_auth_comp_id 
_struct_site.pdbx_auth_seq_id 
_struct_site.pdbx_auth_ins_code 
_struct_site.pdbx_num_residues 
_struct_site.details 
AC1 Software A KSB 101 ? 11 'binding site for residue KSB A 101' 
AC2 Software A QHL 102 ? 9  'binding site for residue QHL A 102' 
AC3 Software A K   103 ? 9  'binding site for residue K A 103'   
AC4 Software A K   104 ? 9  'binding site for residue K A 104'   
AC5 Software B KSB 101 ? 11 'binding site for residue KSB B 101' 
AC6 Software C KSB 101 ? 9  'binding site for residue KSB C 101' 
AC7 Software C QHL 102 ? 8  'binding site for residue QHL C 102' 
AC8 Software D KSB 101 ? 11 'binding site for residue KSB D 101' 
# 
loop_
_struct_site_gen.id 
_struct_site_gen.site_id 
_struct_site_gen.pdbx_num_res 
_struct_site_gen.label_comp_id 
_struct_site_gen.label_asym_id 
_struct_site_gen.label_seq_id 
_struct_site_gen.pdbx_auth_ins_code 
_struct_site_gen.auth_comp_id 
_struct_site_gen.auth_asym_id 
_struct_site_gen.auth_seq_id 
_struct_site_gen.label_atom_id 
_struct_site_gen.label_alt_id 
_struct_site_gen.symmetry 
_struct_site_gen.details 
1  AC1 11 DG  A 5 ? DG  A 5   . ? 1_555 ? 
2  AC1 11 DT  A 6 ? DT  A 6   . ? 1_555 ? 
3  AC1 11 HOH M . ? HOH A 209 . ? 1_555 ? 
4  AC1 11 KSB I . ? KSB B 101 . ? 5_555 ? 
5  AC1 11 KSB I . ? KSB B 101 . ? 1_555 ? 
6  AC1 11 DT  C 1 ? DT  C 1   . ? 1_555 ? 
7  AC1 11 DA  C 2 ? DA  C 2   . ? 1_555 ? 
8  AC1 11 DG  C 3 ? DG  C 3   . ? 1_555 ? 
9  AC1 11 DG  C 4 ? DG  C 4   . ? 1_555 ? 
10 AC1 11 DA  D 2 ? DA  D 2   . ? 1_555 ? 
11 AC1 11 DG  D 3 ? DG  D 3   . ? 1_555 ? 
12 AC2 9  DT  A 1 ? DT  A 1   . ? 1_555 ? 
13 AC2 9  DT  A 6 ? DT  A 6   . ? 1_665 ? 
14 AC2 9  DT  A 7 ? DT  A 7   . ? 1_665 ? 
15 AC2 9  HOH M . ? HOH A 203 . ? 1_555 ? 
16 AC2 9  DT  B 1 ? DT  B 1   . ? 6_654 ? 
17 AC2 9  DT  C 1 ? DT  C 1   . ? 1_665 ? 
18 AC2 9  QHL K . ? QHL C 102 . ? 6_654 ? 
19 AC2 9  QHL K . ? QHL C 102 . ? 1_555 ? 
20 AC2 9  DA  D 2 ? DA  D 2   . ? 1_665 ? 
21 AC3 9  DG  A 3 ? DG  A 3   . ? 1_555 ? 
22 AC3 9  DG  A 4 ? DG  A 4   . ? 1_555 ? 
23 AC3 9  K   H . ? K   A 104 . ? 1_555 ? 
24 AC3 9  DG  B 3 ? DG  B 3   . ? 1_555 ? 
25 AC3 9  DG  B 4 ? DG  B 4   . ? 1_555 ? 
26 AC3 9  DG  C 4 ? DG  C 4   . ? 1_555 ? 
27 AC3 9  DG  C 5 ? DG  C 5   . ? 1_555 ? 
28 AC3 9  DG  D 4 ? DG  D 4   . ? 1_555 ? 
29 AC3 9  DG  D 5 ? DG  D 5   . ? 1_555 ? 
30 AC4 9  DG  A 4 ? DG  A 4   . ? 1_555 ? 
31 AC4 9  DG  A 5 ? DG  A 5   . ? 1_555 ? 
32 AC4 9  K   G . ? K   A 103 . ? 1_555 ? 
33 AC4 9  DG  B 4 ? DG  B 4   . ? 1_555 ? 
34 AC4 9  DG  B 5 ? DG  B 5   . ? 1_555 ? 
35 AC4 9  DG  C 3 ? DG  C 3   . ? 1_555 ? 
36 AC4 9  DG  C 4 ? DG  C 4   . ? 1_555 ? 
37 AC4 9  DG  D 3 ? DG  D 3   . ? 1_555 ? 
38 AC4 9  DG  D 4 ? DG  D 4   . ? 1_555 ? 
39 AC5 11 KSB E . ? KSB A 101 . ? 6_554 ? 
40 AC5 11 KSB E . ? KSB A 101 . ? 1_555 ? 
41 AC5 11 DG  B 5 ? DG  B 5   . ? 1_555 ? 
42 AC5 11 DT  B 6 ? DT  B 6   . ? 1_555 ? 
43 AC5 11 DA  C 2 ? DA  C 2   . ? 1_555 ? 
44 AC5 11 DG  C 3 ? DG  C 3   . ? 1_555 ? 
45 AC5 11 DG  C 3 ? DG  C 3   . ? 6_554 ? 
46 AC5 11 DG  C 4 ? DG  C 4   . ? 6_554 ? 
47 AC5 11 DA  D 2 ? DA  D 2   . ? 1_555 ? 
48 AC5 11 DG  D 3 ? DG  D 3   . ? 1_555 ? 
49 AC5 11 DG  D 4 ? DG  D 4   . ? 1_555 ? 
50 AC6 9  DA  A 2 ? DA  A 2   . ? 1_555 ? 
51 AC6 9  DG  A 3 ? DG  A 3   . ? 1_555 ? 
52 AC6 9  DG  A 4 ? DG  A 4   . ? 1_555 ? 
53 AC6 9  DA  B 2 ? DA  B 2   . ? 1_555 ? 
54 AC6 9  DG  B 3 ? DG  B 3   . ? 1_555 ? 
55 AC6 9  DG  C 5 ? DG  C 5   . ? 1_555 ? 
56 AC6 9  DT  C 6 ? DT  C 6   . ? 1_555 ? 
57 AC6 9  KSB L . ? KSB D 101 . ? 1_555 ? 
58 AC6 9  KSB L . ? KSB D 101 . ? 6_654 ? 
59 AC7 8  DT  A 1 ? DT  A 1   . ? 1_555 ? 
60 AC7 8  QHL F . ? QHL A 102 . ? 1_555 ? 
61 AC7 8  QHL F . ? QHL A 102 . ? 5_565 ? 
62 AC7 8  DA  B 2 ? DA  B 2   . ? 1_555 ? 
63 AC7 8  DT  C 1 ? DT  C 1   . ? 1_665 ? 
64 AC7 8  DT  C 6 ? DT  C 6   . ? 1_555 ? 
65 AC7 8  DT  C 7 ? DT  C 7   . ? 1_555 ? 
66 AC7 8  DT  D 1 ? DT  D 1   . ? 5_665 ? 
67 AC8 11 DA  A 2 ? DA  A 2   . ? 1_555 ? 
68 AC8 11 DG  A 3 ? DG  A 3   . ? 1_555 ? 
69 AC8 11 DG  A 3 ? DG  A 3   . ? 5_565 ? 
70 AC8 11 DG  A 4 ? DG  A 4   . ? 5_565 ? 
71 AC8 11 DA  B 2 ? DA  B 2   . ? 1_555 ? 
72 AC8 11 DG  B 3 ? DG  B 3   . ? 1_555 ? 
73 AC8 11 DG  B 4 ? DG  B 4   . ? 1_555 ? 
74 AC8 11 KSB J . ? KSB C 101 . ? 5_565 ? 
75 AC8 11 KSB J . ? KSB C 101 . ? 1_555 ? 
76 AC8 11 DG  D 5 ? DG  D 5   . ? 1_555 ? 
77 AC8 11 DT  D 6 ? DT  D 6   . ? 1_555 ? 
# 
loop_
_pdbx_validate_rmsd_angle.id 
_pdbx_validate_rmsd_angle.PDB_model_num 
_pdbx_validate_rmsd_angle.auth_atom_id_1 
_pdbx_validate_rmsd_angle.auth_asym_id_1 
_pdbx_validate_rmsd_angle.auth_comp_id_1 
_pdbx_validate_rmsd_angle.auth_seq_id_1 
_pdbx_validate_rmsd_angle.PDB_ins_code_1 
_pdbx_validate_rmsd_angle.label_alt_id_1 
_pdbx_validate_rmsd_angle.auth_atom_id_2 
_pdbx_validate_rmsd_angle.auth_asym_id_2 
_pdbx_validate_rmsd_angle.auth_comp_id_2 
_pdbx_validate_rmsd_angle.auth_seq_id_2 
_pdbx_validate_rmsd_angle.PDB_ins_code_2 
_pdbx_validate_rmsd_angle.label_alt_id_2 
_pdbx_validate_rmsd_angle.auth_atom_id_3 
_pdbx_validate_rmsd_angle.auth_asym_id_3 
_pdbx_validate_rmsd_angle.auth_comp_id_3 
_pdbx_validate_rmsd_angle.auth_seq_id_3 
_pdbx_validate_rmsd_angle.PDB_ins_code_3 
_pdbx_validate_rmsd_angle.label_alt_id_3 
_pdbx_validate_rmsd_angle.angle_value 
_pdbx_validate_rmsd_angle.angle_target_value 
_pdbx_validate_rmsd_angle.angle_deviation 
_pdbx_validate_rmsd_angle.angle_standard_deviation 
_pdbx_validate_rmsd_angle.linker_flag 
1 1 "O4'" A DA 2 ? ? "C1'" A DA 2 ? ? N9 A DA 2 ? ? 110.71 108.30 2.41 0.30 N 
2 1 "O4'" A DG 4 ? B "C1'" A DG 4 ? B N9 A DG 4 ? B 111.38 108.30 3.08 0.30 N 
3 1 "O4'" C DA 2 ? ? "C1'" C DA 2 ? ? N9 C DA 2 ? ? 110.32 108.30 2.02 0.30 N 
4 1 "O4'" C DG 4 ? A "C1'" C DG 4 ? A N9 C DG 4 ? A 111.09 108.30 2.79 0.30 N 
# 
loop_
_chem_comp_atom.comp_id 
_chem_comp_atom.atom_id 
_chem_comp_atom.type_symbol 
_chem_comp_atom.pdbx_aromatic_flag 
_chem_comp_atom.pdbx_stereo_config 
_chem_comp_atom.pdbx_ordinal 
DA  OP3    O  N N 1   
DA  P      P  N N 2   
DA  OP1    O  N N 3   
DA  OP2    O  N N 4   
DA  "O5'"  O  N N 5   
DA  "C5'"  C  N N 6   
DA  "C4'"  C  N R 7   
DA  "O4'"  O  N N 8   
DA  "C3'"  C  N S 9   
DA  "O3'"  O  N N 10  
DA  "C2'"  C  N N 11  
DA  "C1'"  C  N R 12  
DA  N9     N  Y N 13  
DA  C8     C  Y N 14  
DA  N7     N  Y N 15  
DA  C5     C  Y N 16  
DA  C6     C  Y N 17  
DA  N6     N  N N 18  
DA  N1     N  Y N 19  
DA  C2     C  Y N 20  
DA  N3     N  Y N 21  
DA  C4     C  Y N 22  
DA  HOP3   H  N N 23  
DA  HOP2   H  N N 24  
DA  "H5'"  H  N N 25  
DA  "H5''" H  N N 26  
DA  "H4'"  H  N N 27  
DA  "H3'"  H  N N 28  
DA  "HO3'" H  N N 29  
DA  "H2'"  H  N N 30  
DA  "H2''" H  N N 31  
DA  "H1'"  H  N N 32  
DA  H8     H  N N 33  
DA  H61    H  N N 34  
DA  H62    H  N N 35  
DA  H2     H  N N 36  
DG  OP3    O  N N 37  
DG  P      P  N N 38  
DG  OP1    O  N N 39  
DG  OP2    O  N N 40  
DG  "O5'"  O  N N 41  
DG  "C5'"  C  N N 42  
DG  "C4'"  C  N R 43  
DG  "O4'"  O  N N 44  
DG  "C3'"  C  N S 45  
DG  "O3'"  O  N N 46  
DG  "C2'"  C  N N 47  
DG  "C1'"  C  N R 48  
DG  N9     N  Y N 49  
DG  C8     C  Y N 50  
DG  N7     N  Y N 51  
DG  C5     C  Y N 52  
DG  C6     C  N N 53  
DG  O6     O  N N 54  
DG  N1     N  N N 55  
DG  C2     C  N N 56  
DG  N2     N  N N 57  
DG  N3     N  N N 58  
DG  C4     C  Y N 59  
DG  HOP3   H  N N 60  
DG  HOP2   H  N N 61  
DG  "H5'"  H  N N 62  
DG  "H5''" H  N N 63  
DG  "H4'"  H  N N 64  
DG  "H3'"  H  N N 65  
DG  "HO3'" H  N N 66  
DG  "H2'"  H  N N 67  
DG  "H2''" H  N N 68  
DG  "H1'"  H  N N 69  
DG  H8     H  N N 70  
DG  H1     H  N N 71  
DG  H21    H  N N 72  
DG  H22    H  N N 73  
DT  OP3    O  N N 74  
DT  P      P  N N 75  
DT  OP1    O  N N 76  
DT  OP2    O  N N 77  
DT  "O5'"  O  N N 78  
DT  "C5'"  C  N N 79  
DT  "C4'"  C  N R 80  
DT  "O4'"  O  N N 81  
DT  "C3'"  C  N S 82  
DT  "O3'"  O  N N 83  
DT  "C2'"  C  N N 84  
DT  "C1'"  C  N R 85  
DT  N1     N  N N 86  
DT  C2     C  N N 87  
DT  O2     O  N N 88  
DT  N3     N  N N 89  
DT  C4     C  N N 90  
DT  O4     O  N N 91  
DT  C5     C  N N 92  
DT  C7     C  N N 93  
DT  C6     C  N N 94  
DT  HOP3   H  N N 95  
DT  HOP2   H  N N 96  
DT  "H5'"  H  N N 97  
DT  "H5''" H  N N 98  
DT  "H4'"  H  N N 99  
DT  "H3'"  H  N N 100 
DT  "HO3'" H  N N 101 
DT  "H2'"  H  N N 102 
DT  "H2''" H  N N 103 
DT  "H1'"  H  N N 104 
DT  H3     H  N N 105 
DT  H71    H  N N 106 
DT  H72    H  N N 107 
DT  H73    H  N N 108 
DT  H6     H  N N 109 
HOH O      O  N N 110 
HOH H1     H  N N 111 
HOH H2     H  N N 112 
K   K      K  N N 113 
KSB C1     C  Y N 114 
KSB C10    C  Y N 115 
KSB C11    C  Y N 116 
KSB C12    C  Y N 117 
KSB C13    C  Y N 118 
KSB C14    C  Y N 119 
KSB C15    C  Y N 120 
KSB C16    C  Y N 121 
KSB C17    C  Y N 122 
KSB C18    C  Y N 123 
KSB C19    C  Y N 124 
KSB C2     C  Y N 125 
KSB C20    C  Y N 126 
KSB C21    C  Y N 127 
KSB C22    C  Y N 128 
KSB C23    C  Y N 129 
KSB C24    C  Y N 130 
KSB C25    C  Y N 131 
KSB C26    C  Y N 132 
KSB C27    C  Y N 133 
KSB C28    C  Y N 134 
KSB C29    C  Y N 135 
KSB C3     C  Y N 136 
KSB C30    C  Y N 137 
KSB C31    C  Y N 138 
KSB C32    C  Y N 139 
KSB C33    C  Y N 140 
KSB C34    C  Y N 141 
KSB C35    C  Y N 142 
KSB C36    C  Y N 143 
KSB C37    C  Y N 144 
KSB C38    C  Y N 145 
KSB C39    C  N N 146 
KSB C4     C  Y N 147 
KSB C5     C  Y N 148 
KSB C6     C  Y N 149 
KSB C7     C  Y N 150 
KSB C8     C  Y N 151 
KSB C9     C  Y N 152 
KSB N1     N  Y N 153 
KSB N10    N  Y N 154 
KSB N11    N  Y N 155 
KSB N12    N  Y N 156 
KSB N2     N  Y N 157 
KSB N3     N  Y N 158 
KSB N4     N  Y N 159 
KSB N5     N  Y N 160 
KSB N6     N  Y N 161 
KSB N7     N  Y N 162 
KSB N74    N  N N 163 
KSB N8     N  Y N 164 
KSB N9     N  Y N 165 
KSB RU     RU N N 166 
KSB H1     H  N N 167 
KSB H2     H  N N 168 
KSB H3     H  N N 169 
KSB H4     H  N N 170 
KSB H5     H  N N 171 
KSB H6     H  N N 172 
KSB H7     H  N N 173 
KSB H8     H  N N 174 
KSB H9     H  N N 175 
KSB H10    H  N N 176 
KSB H11    H  N N 177 
KSB H12    H  N N 178 
KSB H13    H  N N 179 
KSB H14    H  N N 180 
KSB H15    H  N N 181 
KSB H16    H  N N 182 
KSB H17    H  N N 183 
KSB H18    H  N N 184 
KSB H19    H  N N 185 
KSB H20    H  N N 186 
KSB H21    H  N N 187 
QHL C1     C  Y N 188 
QHL C10    C  Y N 189 
QHL C11    C  Y N 190 
QHL C12    C  Y N 191 
QHL C13    C  Y N 192 
QHL C14    C  Y N 193 
QHL C15    C  Y N 194 
QHL C16    C  Y N 195 
QHL C17    C  Y N 196 
QHL C18    C  Y N 197 
QHL C19    C  Y N 198 
QHL C2     C  Y N 199 
QHL C20    C  Y N 200 
QHL C21    C  Y N 201 
QHL C22    C  Y N 202 
QHL C23    C  Y N 203 
QHL C24    C  Y N 204 
QHL C25    C  Y N 205 
QHL C26    C  Y N 206 
QHL C27    C  Y N 207 
QHL C28    C  Y N 208 
QHL C29    C  Y N 209 
QHL C3     C  Y N 210 
QHL C30    C  Y N 211 
QHL C31    C  Y N 212 
QHL C32    C  Y N 213 
QHL C33    C  Y N 214 
QHL C34    C  Y N 215 
QHL C35    C  Y N 216 
QHL C36    C  Y N 217 
QHL C37    C  Y N 218 
QHL C38    C  Y N 219 
QHL C39    C  N N 220 
QHL C4     C  Y N 221 
QHL C5     C  Y N 222 
QHL C6     C  Y N 223 
QHL C7     C  Y N 224 
QHL C8     C  Y N 225 
QHL C9     C  Y N 226 
QHL N1     N  Y N 227 
QHL N10    N  Y N 228 
QHL N11    N  Y N 229 
QHL N12    N  Y N 230 
QHL N2     N  Y N 231 
QHL N3     N  Y N 232 
QHL N4     N  Y N 233 
QHL N5     N  Y N 234 
QHL N6     N  Y N 235 
QHL N7     N  Y N 236 
QHL N74    N  N N 237 
QHL N8     N  Y N 238 
QHL N9     N  Y N 239 
QHL RU     RU N N 240 
QHL H1     H  N N 241 
QHL H2     H  N N 242 
QHL H3     H  N N 243 
QHL H4     H  N N 244 
QHL H5     H  N N 245 
QHL H6     H  N N 246 
QHL H7     H  N N 247 
QHL H8     H  N N 248 
QHL H9     H  N N 249 
QHL H10    H  N N 250 
QHL H11    H  N N 251 
QHL H12    H  N N 252 
QHL H13    H  N N 253 
QHL H14    H  N N 254 
QHL H15    H  N N 255 
QHL H16    H  N N 256 
QHL H17    H  N N 257 
QHL H18    H  N N 258 
QHL H19    H  N N 259 
QHL H20    H  N N 260 
QHL H21    H  N N 261 
# 
loop_
_chem_comp_bond.comp_id 
_chem_comp_bond.atom_id_1 
_chem_comp_bond.atom_id_2 
_chem_comp_bond.value_order 
_chem_comp_bond.pdbx_aromatic_flag 
_chem_comp_bond.pdbx_stereo_config 
_chem_comp_bond.pdbx_ordinal 
DA  OP3   P      sing N N 1   
DA  OP3   HOP3   sing N N 2   
DA  P     OP1    doub N N 3   
DA  P     OP2    sing N N 4   
DA  P     "O5'"  sing N N 5   
DA  OP2   HOP2   sing N N 6   
DA  "O5'" "C5'"  sing N N 7   
DA  "C5'" "C4'"  sing N N 8   
DA  "C5'" "H5'"  sing N N 9   
DA  "C5'" "H5''" sing N N 10  
DA  "C4'" "O4'"  sing N N 11  
DA  "C4'" "C3'"  sing N N 12  
DA  "C4'" "H4'"  sing N N 13  
DA  "O4'" "C1'"  sing N N 14  
DA  "C3'" "O3'"  sing N N 15  
DA  "C3'" "C2'"  sing N N 16  
DA  "C3'" "H3'"  sing N N 17  
DA  "O3'" "HO3'" sing N N 18  
DA  "C2'" "C1'"  sing N N 19  
DA  "C2'" "H2'"  sing N N 20  
DA  "C2'" "H2''" sing N N 21  
DA  "C1'" N9     sing N N 22  
DA  "C1'" "H1'"  sing N N 23  
DA  N9    C8     sing Y N 24  
DA  N9    C4     sing Y N 25  
DA  C8    N7     doub Y N 26  
DA  C8    H8     sing N N 27  
DA  N7    C5     sing Y N 28  
DA  C5    C6     sing Y N 29  
DA  C5    C4     doub Y N 30  
DA  C6    N6     sing N N 31  
DA  C6    N1     doub Y N 32  
DA  N6    H61    sing N N 33  
DA  N6    H62    sing N N 34  
DA  N1    C2     sing Y N 35  
DA  C2    N3     doub Y N 36  
DA  C2    H2     sing N N 37  
DA  N3    C4     sing Y N 38  
DG  OP3   P      sing N N 39  
DG  OP3   HOP3   sing N N 40  
DG  P     OP1    doub N N 41  
DG  P     OP2    sing N N 42  
DG  P     "O5'"  sing N N 43  
DG  OP2   HOP2   sing N N 44  
DG  "O5'" "C5'"  sing N N 45  
DG  "C5'" "C4'"  sing N N 46  
DG  "C5'" "H5'"  sing N N 47  
DG  "C5'" "H5''" sing N N 48  
DG  "C4'" "O4'"  sing N N 49  
DG  "C4'" "C3'"  sing N N 50  
DG  "C4'" "H4'"  sing N N 51  
DG  "O4'" "C1'"  sing N N 52  
DG  "C3'" "O3'"  sing N N 53  
DG  "C3'" "C2'"  sing N N 54  
DG  "C3'" "H3'"  sing N N 55  
DG  "O3'" "HO3'" sing N N 56  
DG  "C2'" "C1'"  sing N N 57  
DG  "C2'" "H2'"  sing N N 58  
DG  "C2'" "H2''" sing N N 59  
DG  "C1'" N9     sing N N 60  
DG  "C1'" "H1'"  sing N N 61  
DG  N9    C8     sing Y N 62  
DG  N9    C4     sing Y N 63  
DG  C8    N7     doub Y N 64  
DG  C8    H8     sing N N 65  
DG  N7    C5     sing Y N 66  
DG  C5    C6     sing N N 67  
DG  C5    C4     doub Y N 68  
DG  C6    O6     doub N N 69  
DG  C6    N1     sing N N 70  
DG  N1    C2     sing N N 71  
DG  N1    H1     sing N N 72  
DG  C2    N2     sing N N 73  
DG  C2    N3     doub N N 74  
DG  N2    H21    sing N N 75  
DG  N2    H22    sing N N 76  
DG  N3    C4     sing N N 77  
DT  OP3   P      sing N N 78  
DT  OP3   HOP3   sing N N 79  
DT  P     OP1    doub N N 80  
DT  P     OP2    sing N N 81  
DT  P     "O5'"  sing N N 82  
DT  OP2   HOP2   sing N N 83  
DT  "O5'" "C5'"  sing N N 84  
DT  "C5'" "C4'"  sing N N 85  
DT  "C5'" "H5'"  sing N N 86  
DT  "C5'" "H5''" sing N N 87  
DT  "C4'" "O4'"  sing N N 88  
DT  "C4'" "C3'"  sing N N 89  
DT  "C4'" "H4'"  sing N N 90  
DT  "O4'" "C1'"  sing N N 91  
DT  "C3'" "O3'"  sing N N 92  
DT  "C3'" "C2'"  sing N N 93  
DT  "C3'" "H3'"  sing N N 94  
DT  "O3'" "HO3'" sing N N 95  
DT  "C2'" "C1'"  sing N N 96  
DT  "C2'" "H2'"  sing N N 97  
DT  "C2'" "H2''" sing N N 98  
DT  "C1'" N1     sing N N 99  
DT  "C1'" "H1'"  sing N N 100 
DT  N1    C2     sing N N 101 
DT  N1    C6     sing N N 102 
DT  C2    O2     doub N N 103 
DT  C2    N3     sing N N 104 
DT  N3    C4     sing N N 105 
DT  N3    H3     sing N N 106 
DT  C4    O4     doub N N 107 
DT  C4    C5     sing N N 108 
DT  C5    C7     sing N N 109 
DT  C5    C6     doub N N 110 
DT  C7    H71    sing N N 111 
DT  C7    H72    sing N N 112 
DT  C7    H73    sing N N 113 
DT  C6    H6     sing N N 114 
HOH O     H1     sing N N 115 
HOH O     H2     sing N N 116 
KSB N11   C35    doub Y N 117 
KSB N11   C37    sing Y N 118 
KSB C34   C35    sing Y N 119 
KSB C34   C33    doub Y N 120 
KSB C35   C36    sing Y N 121 
KSB C37   C38    doub Y N 122 
KSB C33   C32    sing Y N 123 
KSB C36   C29    sing Y N 124 
KSB C36   N12    doub Y N 125 
KSB C38   N12    sing Y N 126 
KSB C32   C29    doub Y N 127 
KSB C32   N10    sing Y N 128 
KSB N7    C27    doub Y N 129 
KSB N7    C25    sing Y N 130 
KSB C27   C28    sing Y N 131 
KSB C29   N9     sing Y N 132 
KSB N12   RU     sing N N 133 
KSB C25   C24    doub Y N 134 
KSB C25   C26    sing Y N 135 
KSB C24   C23    sing Y N 136 
KSB N10   C31    doub Y N 137 
KSB C28   N8     doub Y N 138 
KSB C26   N8     sing Y N 139 
KSB C26   C19    doub Y N 140 
KSB C23   C22    doub Y N 141 
KSB N8    RU     sing N N 142 
KSB N9    RU     sing N N 143 
KSB N9    C30    doub Y N 144 
KSB C19   C22    sing Y N 145 
KSB C19   N5     sing Y N 146 
KSB C22   N6     sing Y N 147 
KSB C31   C30    sing Y N 148 
KSB RU    N5     sing N N 149 
KSB RU    N2     sing N N 150 
KSB RU    N1     sing N N 151 
KSB N5    C20    doub Y N 152 
KSB N6    C21    doub Y N 153 
KSB C2    N2     doub Y N 154 
KSB C2    C3     sing Y N 155 
KSB C20   C21    sing Y N 156 
KSB N2    C1     sing Y N 157 
KSB C3    C4     doub Y N 158 
KSB N1    C12    doub Y N 159 
KSB N1    C10    sing Y N 160 
KSB C12   C11    sing Y N 161 
KSB C1    C10    doub Y N 162 
KSB C1    C5     sing Y N 163 
KSB C4    C5     sing Y N 164 
KSB C10   C8     sing Y N 165 
KSB C5    C6     doub Y N 166 
KSB C11   C9     doub Y N 167 
KSB C8    C9     sing Y N 168 
KSB C8    C7     doub Y N 169 
KSB C6    C7     sing Y N 170 
KSB C6    N3     sing Y N 171 
KSB C7    N4     sing Y N 172 
KSB N3    C15    doub Y N 173 
KSB N4    C13    doub Y N 174 
KSB C15   C13    sing Y N 175 
KSB C15   C16    sing Y N 176 
KSB C13   C14    sing Y N 177 
KSB C16   C17    doub Y N 178 
KSB C14   C18    doub Y N 179 
KSB C17   C18    sing Y N 180 
KSB C17   C39    sing N N 181 
KSB C39   N74    trip N N 182 
KSB C11   H1     sing N N 183 
KSB C12   H2     sing N N 184 
KSB C14   H3     sing N N 185 
KSB C16   H4     sing N N 186 
KSB C18   H5     sing N N 187 
KSB C2    H6     sing N N 188 
KSB C20   H7     sing N N 189 
KSB C21   H8     sing N N 190 
KSB C23   H9     sing N N 191 
KSB C24   H10    sing N N 192 
KSB C27   H11    sing N N 193 
KSB C28   H12    sing N N 194 
KSB C3    H13    sing N N 195 
KSB C30   H14    sing N N 196 
KSB C31   H15    sing N N 197 
KSB C33   H16    sing N N 198 
KSB C34   H17    sing N N 199 
KSB C37   H18    sing N N 200 
KSB C38   H19    sing N N 201 
KSB C4    H20    sing N N 202 
KSB C9    H21    sing N N 203 
QHL N7    C27    doub Y N 204 
QHL N7    C25    sing Y N 205 
QHL C24   C25    doub Y N 206 
QHL C24   C23    sing Y N 207 
QHL C27   C28    sing Y N 208 
QHL C25   C26    sing Y N 209 
QHL C23   C22    doub Y N 210 
QHL C28   N8     doub Y N 211 
QHL C26   N8     sing Y N 212 
QHL C26   C19    doub Y N 213 
QHL C22   C19    sing Y N 214 
QHL C22   N6     sing Y N 215 
QHL N8    RU     sing N N 216 
QHL C19   N5     sing Y N 217 
QHL C37   N11    doub Y N 218 
QHL C37   C38    sing Y N 219 
QHL N6    C21    doub Y N 220 
QHL N11   C35    sing Y N 221 
QHL C38   N12    doub Y N 222 
QHL C35   C34    doub Y N 223 
QHL C35   C36    sing Y N 224 
QHL C34   C33    sing Y N 225 
QHL N12   C36    sing Y N 226 
QHL N12   RU     sing N N 227 
QHL C36   C29    doub Y N 228 
QHL C33   C32    doub Y N 229 
QHL N5    RU     sing N N 230 
QHL N5    C20    doub Y N 231 
QHL C29   C32    sing Y N 232 
QHL C29   N9     sing Y N 233 
QHL C32   N10    sing Y N 234 
QHL RU    N9     sing N N 235 
QHL RU    N1     sing N N 236 
QHL RU    N2     sing N N 237 
QHL C21   C20    sing Y N 238 
QHL C12   N1     doub Y N 239 
QHL C12   C11    sing Y N 240 
QHL N9    C30    doub Y N 241 
QHL N10   C31    doub Y N 242 
QHL C30   C31    sing Y N 243 
QHL N1    C10    sing Y N 244 
QHL C11   C9     doub Y N 245 
QHL N2    C2     doub Y N 246 
QHL N2    C1     sing Y N 247 
QHL C10   C1     doub Y N 248 
QHL C10   C8     sing Y N 249 
QHL C9    C8     sing Y N 250 
QHL C2    C3     sing Y N 251 
QHL C1    C5     sing Y N 252 
QHL C8    C7     doub Y N 253 
QHL C3    C4     doub Y N 254 
QHL C5    C4     sing Y N 255 
QHL C5    C6     doub Y N 256 
QHL C7    C6     sing Y N 257 
QHL C7    N4     sing Y N 258 
QHL C6    N3     sing Y N 259 
QHL N4    C13    doub Y N 260 
QHL N3    C15    doub Y N 261 
QHL C13   C15    sing Y N 262 
QHL C13   C14    sing Y N 263 
QHL C15   C16    sing Y N 264 
QHL C14   C18    doub Y N 265 
QHL C16   C17    doub Y N 266 
QHL C18   C17    sing Y N 267 
QHL C17   C39    sing N N 268 
QHL C39   N74    trip N N 269 
QHL C11   H1     sing N N 270 
QHL C12   H2     sing N N 271 
QHL C14   H3     sing N N 272 
QHL C16   H4     sing N N 273 
QHL C18   H5     sing N N 274 
QHL C2    H6     sing N N 275 
QHL C20   H7     sing N N 276 
QHL C21   H8     sing N N 277 
QHL C23   H9     sing N N 278 
QHL C24   H10    sing N N 279 
QHL C27   H11    sing N N 280 
QHL C28   H12    sing N N 281 
QHL C3    H13    sing N N 282 
QHL C30   H14    sing N N 283 
QHL C31   H15    sing N N 284 
QHL C33   H16    sing N N 285 
QHL C34   H17    sing N N 286 
QHL C37   H18    sing N N 287 
QHL C38   H19    sing N N 288 
QHL C4    H20    sing N N 289 
QHL C9    H21    sing N N 290 
# 
_ndb_struct_conf_na.entry_id   5LS8 
_ndb_struct_conf_na.feature    'double helix' 
# 
loop_
_ndb_struct_na_base_pair.model_number 
_ndb_struct_na_base_pair.i_label_asym_id 
_ndb_struct_na_base_pair.i_label_comp_id 
_ndb_struct_na_base_pair.i_label_seq_id 
_ndb_struct_na_base_pair.i_symmetry 
_ndb_struct_na_base_pair.j_label_asym_id 
_ndb_struct_na_base_pair.j_label_comp_id 
_ndb_struct_na_base_pair.j_label_seq_id 
_ndb_struct_na_base_pair.j_symmetry 
_ndb_struct_na_base_pair.shear 
_ndb_struct_na_base_pair.stretch 
_ndb_struct_na_base_pair.stagger 
_ndb_struct_na_base_pair.buckle 
_ndb_struct_na_base_pair.propeller 
_ndb_struct_na_base_pair.opening 
_ndb_struct_na_base_pair.pair_number 
_ndb_struct_na_base_pair.pair_name 
_ndb_struct_na_base_pair.i_auth_asym_id 
_ndb_struct_na_base_pair.i_auth_seq_id 
_ndb_struct_na_base_pair.i_PDB_ins_code 
_ndb_struct_na_base_pair.j_auth_asym_id 
_ndb_struct_na_base_pair.j_auth_seq_id 
_ndb_struct_na_base_pair.j_PDB_ins_code 
_ndb_struct_na_base_pair.hbond_type_28 
_ndb_struct_na_base_pair.hbond_type_12 
1 A DT 1 1_555 C DT 7 1_555 -2.084 -1.804 0.189 -7.615  -4.278 9.443  1 A_DT1:DT7_C A 1 ? C 7 ? 16 1 
1 A DA 2 1_555 C DT 6 1_555 -0.164 -0.118 0.511 14.532  0.131  8.246  2 A_DA2:DT6_C A 2 ? C 6 ? 20 1 
1 A DT 6 1_555 C DA 2 1_555 -0.031 -0.047 0.540 -17.962 0.414  7.624  3 A_DT6:DA2_C A 6 ? C 2 ? 20 1 
1 A DT 7 1_555 C DT 1 1_555 2.153  -1.838 0.106 11.691  -7.041 10.162 4 A_DT7:DT1_C A 7 ? C 1 ? 16 1 
1 B DA 2 1_555 D DT 6 1_555 0.074  -0.141 0.662 25.301  4.101  7.281  5 B_DA2:DT6_D B 2 ? D 6 ? 20 1 
1 B DT 6 1_555 D DA 2 1_555 -0.147 -0.009 0.883 -29.471 1.288  5.917  6 B_DT6:DA2_D B 6 ? D 2 ? 20 1 
# 
loop_
_ndb_struct_na_base_pair_step.model_number 
_ndb_struct_na_base_pair_step.i_label_asym_id_1 
_ndb_struct_na_base_pair_step.i_label_comp_id_1 
_ndb_struct_na_base_pair_step.i_label_seq_id_1 
_ndb_struct_na_base_pair_step.i_symmetry_1 
_ndb_struct_na_base_pair_step.j_label_asym_id_1 
_ndb_struct_na_base_pair_step.j_label_comp_id_1 
_ndb_struct_na_base_pair_step.j_label_seq_id_1 
_ndb_struct_na_base_pair_step.j_symmetry_1 
_ndb_struct_na_base_pair_step.i_label_asym_id_2 
_ndb_struct_na_base_pair_step.i_label_comp_id_2 
_ndb_struct_na_base_pair_step.i_label_seq_id_2 
_ndb_struct_na_base_pair_step.i_symmetry_2 
_ndb_struct_na_base_pair_step.j_label_asym_id_2 
_ndb_struct_na_base_pair_step.j_label_comp_id_2 
_ndb_struct_na_base_pair_step.j_label_seq_id_2 
_ndb_struct_na_base_pair_step.j_symmetry_2 
_ndb_struct_na_base_pair_step.shift 
_ndb_struct_na_base_pair_step.slide 
_ndb_struct_na_base_pair_step.rise 
_ndb_struct_na_base_pair_step.tilt 
_ndb_struct_na_base_pair_step.roll 
_ndb_struct_na_base_pair_step.twist 
_ndb_struct_na_base_pair_step.x_displacement 
_ndb_struct_na_base_pair_step.y_displacement 
_ndb_struct_na_base_pair_step.helical_rise 
_ndb_struct_na_base_pair_step.inclination 
_ndb_struct_na_base_pair_step.tip 
_ndb_struct_na_base_pair_step.helical_twist 
_ndb_struct_na_base_pair_step.step_number 
_ndb_struct_na_base_pair_step.step_name 
_ndb_struct_na_base_pair_step.i_auth_asym_id_1 
_ndb_struct_na_base_pair_step.i_auth_seq_id_1 
_ndb_struct_na_base_pair_step.i_PDB_ins_code_1 
_ndb_struct_na_base_pair_step.j_auth_asym_id_1 
_ndb_struct_na_base_pair_step.j_auth_seq_id_1 
_ndb_struct_na_base_pair_step.j_PDB_ins_code_1 
_ndb_struct_na_base_pair_step.i_auth_asym_id_2 
_ndb_struct_na_base_pair_step.i_auth_seq_id_2 
_ndb_struct_na_base_pair_step.i_PDB_ins_code_2 
_ndb_struct_na_base_pair_step.j_auth_asym_id_2 
_ndb_struct_na_base_pair_step.j_auth_seq_id_2 
_ndb_struct_na_base_pair_step.j_PDB_ins_code_2 
1 A DT 1 1_555 C DT 7 1_555 A DA 2 1_555 C DT 6 1_555 0.396  0.672 2.835 -2.616 5.336 31.054 0.364 -1.154 2.866 9.853 4.831  
31.604 1 AA_DT1DA2:DT6DT7_CC A 1 ? C 7 ? A 2 ? C 6 ? 
1 A DT 6 1_555 C DA 2 1_555 A DT 7 1_555 C DT 1 1_555 -0.250 0.667 2.611 2.732  4.402 31.886 0.567 0.841  2.647 7.947 -4.932 
32.293 2 AA_DT6DT7:DT1DA2_CC A 6 ? C 2 ? A 7 ? C 1 ? 
# 
loop_
_pdbx_audit_support.funding_organization 
_pdbx_audit_support.country 
_pdbx_audit_support.grant_number 
_pdbx_audit_support.ordinal 
'Biotechnology and Biological Sciences Research Council' 'United Kingdom' BB/K019279/1 1 
'Biotechnology and Biological Sciences Research Council' 'United Kingdom' MM/M004635/1 2 
# 
_atom_sites.entry_id                    5LS8 
_atom_sites.fract_transf_matrix[1][1]   0.01054320 
_atom_sites.fract_transf_matrix[1][2]   -0.01736695 
_atom_sites.fract_transf_matrix[1][3]   0.02410783 
_atom_sites.fract_transf_matrix[2][1]   -0.00238344 
_atom_sites.fract_transf_matrix[2][2]   0.01087861 
_atom_sites.fract_transf_matrix[2][3]   0.02949452 
_atom_sites.fract_transf_matrix[3][1]   -0.00661047 
_atom_sites.fract_transf_matrix[3][2]   -0.00314462 
_atom_sites.fract_transf_matrix[3][3]   0.00062565 
_atom_sites.fract_transf_vector[1]      0.589084 
_atom_sites.fract_transf_vector[2]      0.528739 
_atom_sites.fract_transf_vector[3]      0.050723 
# 
loop_
_atom_type.symbol 
C  
K  
N  
O  
P  
RU 
# 
loop_
_atom_site.group_PDB 
_atom_site.id 
_atom_site.type_symbol 
_atom_site.label_atom_id 
_atom_site.label_alt_id 
_atom_site.label_comp_id 
_atom_site.label_asym_id 
_atom_site.label_entity_id 
_atom_site.label_seq_id 
_atom_site.pdbx_PDB_ins_code 
_atom_site.Cartn_x 
_atom_site.Cartn_y 
_atom_site.Cartn_z 
_atom_site.occupancy 
_atom_site.B_iso_or_equiv 
_atom_site.pdbx_formal_charge 
_atom_site.auth_seq_id 
_atom_site.auth_comp_id 
_atom_site.auth_asym_id 
_atom_site.auth_atom_id 
_atom_site.pdbx_PDB_model_num 
ATOM   1    O  "O5'" . DT  A 1 1 ? 2.419   2.009   14.963  1.00 71.07  ? 1   DT  A "O5'" 1 
ATOM   2    C  "C5'" . DT  A 1 1 ? 2.682   0.898   14.112  1.00 49.51  ? 1   DT  A "C5'" 1 
ATOM   3    C  "C4'" . DT  A 1 1 ? 4.137   0.889   13.675  1.00 46.44  ? 1   DT  A "C4'" 1 
ATOM   4    O  "O4'" . DT  A 1 1 ? 4.477   -0.426  13.187  1.00 47.32  ? 1   DT  A "O4'" 1 
ATOM   5    C  "C3'" . DT  A 1 1 ? 4.466   1.805   12.515  1.00 42.64  ? 1   DT  A "C3'" 1 
ATOM   6    O  "O3'" . DT  A 1 1 ? 5.882   2.000   12.461  1.00 50.02  ? 1   DT  A "O3'" 1 
ATOM   7    C  "C2'" . DT  A 1 1 ? 3.979   0.960   11.343  1.00 41.00  ? 1   DT  A "C2'" 1 
ATOM   8    C  "C1'" . DT  A 1 1 ? 4.471   -0.423  11.764  1.00 38.11  ? 1   DT  A "C1'" 1 
ATOM   9    N  N1    . DT  A 1 1 ? 3.602   -1.529  11.355  1.00 36.51  ? 1   DT  A N1    1 
ATOM   10   C  C2    . DT  A 1 1 ? 4.166   -2.736  11.025  1.00 34.41  ? 1   DT  A C2    1 
ATOM   11   O  O2    . DT  A 1 1 ? 5.367   -2.922  11.001  1.00 37.97  ? 1   DT  A O2    1 
ATOM   12   N  N3    . DT  A 1 1 ? 3.271   -3.721  10.718  1.00 31.62  ? 1   DT  A N3    1 
ATOM   13   C  C4    . DT  A 1 1 ? 1.896   -3.616  10.714  1.00 36.98  ? 1   DT  A C4    1 
ATOM   14   O  O4    . DT  A 1 1 ? 1.174   -4.555  10.418  1.00 36.33  ? 1   DT  A O4    1 
ATOM   15   C  C5    . DT  A 1 1 ? 1.370   -2.325  11.089  1.00 29.08  ? 1   DT  A C5    1 
ATOM   16   C  C7    . DT  A 1 1 ? -0.116  -2.088  11.122  1.00 32.51  ? 1   DT  A C7    1 
ATOM   17   C  C6    . DT  A 1 1 ? 2.238   -1.360  11.398  1.00 36.78  ? 1   DT  A C6    1 
ATOM   18   P  P     . DA  A 1 2 ? 6.506   3.239   11.647  1.00 52.18  ? 2   DA  A P     1 
ATOM   19   O  OP1   . DA  A 1 2 ? 7.842   3.501   12.217  1.00 53.18  ? 2   DA  A OP1   1 
ATOM   20   O  OP2   . DA  A 1 2 ? 5.484   4.309   11.547  1.00 50.80  ? 2   DA  A OP2   1 
ATOM   21   O  "O5'" . DA  A 1 2 ? 6.704   2.667   10.173  1.00 48.06  ? 2   DA  A "O5'" 1 
ATOM   22   C  "C5'" . DA  A 1 2 ? 7.539   1.547   9.964   1.00 38.32  ? 2   DA  A "C5'" 1 
ATOM   23   C  "C4'" . DA  A 1 2 ? 7.312   0.978   8.583   1.00 35.90  ? 2   DA  A "C4'" 1 
ATOM   24   O  "O4'" . DA  A 1 2 ? 6.189   0.056   8.615   1.00 33.16  ? 2   DA  A "O4'" 1 
ATOM   25   C  "C3'" . DA  A 1 2 ? 6.959   2.020   7.505   1.00 35.36  ? 2   DA  A "C3'" 1 
ATOM   26   O  "O3'" . DA  A 1 2 ? 7.607   1.683   6.304   1.00 38.10  ? 2   DA  A "O3'" 1 
ATOM   27   C  "C2'" . DA  A 1 2 ? 5.457   1.822   7.359   1.00 31.22  ? 2   DA  A "C2'" 1 
ATOM   28   C  "C1'" . DA  A 1 2 ? 5.425   0.318   7.481   1.00 33.25  ? 2   DA  A "C1'" 1 
ATOM   29   N  N9    . DA  A 1 2 ? 4.102   -0.258  7.610   1.00 29.68  ? 2   DA  A N9    1 
ATOM   30   C  C8    . DA  A 1 2 ? 2.928   0.410   7.808   1.00 34.45  ? 2   DA  A C8    1 
ATOM   31   N  N7    . DA  A 1 2 ? 1.875   -0.377  7.833   1.00 27.04  ? 2   DA  A N7    1 
ATOM   32   C  C5    . DA  A 1 2 ? 2.397   -1.641  7.621   1.00 25.93  ? 2   DA  A C5    1 
ATOM   33   C  C6    . DA  A 1 2 ? 1.805   -2.903  7.536   1.00 29.77  ? 2   DA  A C6    1 
ATOM   34   N  N6    . DA  A 1 2 ? 0.487   -3.107  7.663   1.00 31.26  ? 2   DA  A N6    1 
ATOM   35   N  N1    . DA  A 1 2 ? 2.617   -3.962  7.321   1.00 28.69  ? 2   DA  A N1    1 
ATOM   36   C  C2    . DA  A 1 2 ? 3.930   -3.754  7.193   1.00 30.55  ? 2   DA  A C2    1 
ATOM   37   N  N3    . DA  A 1 2 ? 4.603   -2.606  7.249   1.00 29.62  ? 2   DA  A N3    1 
ATOM   38   C  C4    . DA  A 1 2 ? 3.772   -1.581  7.474   1.00 28.44  ? 2   DA  A C4    1 
ATOM   39   P  P     . DG  A 1 3 ? 8.525   2.746   5.519   1.00 40.47  ? 3   DG  A P     1 
ATOM   40   O  OP1   . DG  A 1 3 ? 9.761   2.911   6.312   1.00 41.95  ? 3   DG  A OP1   1 
ATOM   41   O  OP2   . DG  A 1 3 ? 7.714   3.941   5.197   1.00 45.95  ? 3   DG  A OP2   1 
ATOM   42   O  "O5'" . DG  A 1 3 ? 8.867   1.970   4.168   1.00 34.91  ? 3   DG  A "O5'" 1 
ATOM   43   C  "C5'" . DG  A 1 3 ? 8.817   2.628   2.914   1.00 27.58  ? 3   DG  A "C5'" 1 
ATOM   44   C  "C4'" . DG  A 1 3 ? 9.299   1.675   1.843   1.00 38.26  ? 3   DG  A "C4'" 1 
ATOM   45   O  "O4'" . DG  A 1 3 ? 8.436   0.506   1.823   1.00 38.99  ? 3   DG  A "O4'" 1 
ATOM   46   C  "C3'" . DG  A 1 3 ? 9.320   2.217   0.419   1.00 41.04  ? 3   DG  A "C3'" 1 
ATOM   47   O  "O3'" . DG  A 1 3 ? 10.444  1.660   -0.283  1.00 52.04  ? 3   DG  A "O3'" 1 
ATOM   48   C  "C2'" . DG  A 1 3 ? 8.008   1.704   -0.147  1.00 43.60  ? 3   DG  A "C2'" 1 
ATOM   49   C  "C1'" . DG  A 1 3 ? 7.898   0.343   0.534   1.00 40.99  ? 3   DG  A "C1'" 1 
ATOM   50   N  N9    . DG  A 1 3 ? 6.518   -0.154  0.630   1.00 38.47  ? 3   DG  A N9    1 
ATOM   51   C  C8    . DG  A 1 3 ? 6.084   -1.425  0.351   1.00 35.68  ? 3   DG  A C8    1 
ATOM   52   N  N7    . DG  A 1 3 ? 4.792   -1.575  0.480   1.00 37.92  ? 3   DG  A N7    1 
ATOM   53   C  C5    . DG  A 1 3 ? 4.339   -0.321  0.857   1.00 29.86  ? 3   DG  A C5    1 
ATOM   54   C  C6    . DG  A 1 3 ? 3.030   0.126   1.140   1.00 33.96  ? 3   DG  A C6    1 
ATOM   55   O  O6    . DG  A 1 3 ? 1.972   -0.522  1.102   1.00 31.81  ? 3   DG  A O6    1 
ATOM   56   N  N1    . DG  A 1 3 ? 3.010   1.478   1.481   1.00 23.95  ? 3   DG  A N1    1 
ATOM   57   C  C2    . DG  A 1 3 ? 4.114   2.285   1.543   1.00 38.19  ? 3   DG  A C2    1 
ATOM   58   N  N2    . DG  A 1 3 ? 3.903   3.560   1.893   1.00 37.76  ? 3   DG  A N2    1 
ATOM   59   N  N3    . DG  A 1 3 ? 5.336   1.879   1.286   1.00 30.09  ? 3   DG  A N3    1 
ATOM   60   C  C4    . DG  A 1 3 ? 5.382   0.569   0.950   1.00 29.29  ? 3   DG  A C4    1 
ATOM   61   P  P     A DG  A 1 4 ? 10.798  2.141   -1.775  0.50 47.60  ? 4   DG  A P     1 
ATOM   62   P  P     B DG  A 1 4 ? 10.645  1.917   -1.858  0.50 47.09  ? 4   DG  A P     1 
ATOM   63   O  OP1   A DG  A 1 4 ? 12.261  1.982   -1.951  0.50 48.20  ? 4   DG  A OP1   1 
ATOM   64   O  OP1   B DG  A 1 4 ? 12.068  1.639   -2.161  0.50 49.58  ? 4   DG  A OP1   1 
ATOM   65   O  OP2   A DG  A 1 4 ? 10.183  3.472   -1.990  0.50 52.22  ? 4   DG  A OP2   1 
ATOM   66   O  OP2   B DG  A 1 4 ? 10.081  3.249   -2.178  0.50 51.82  ? 4   DG  A OP2   1 
ATOM   67   O  "O5'" A DG  A 1 4 ? 10.044  1.074   -2.705  0.50 49.76  ? 4   DG  A "O5'" 1 
ATOM   68   O  "O5'" B DG  A 1 4 ? 9.741   0.792   -2.563  0.50 48.94  ? 4   DG  A "O5'" 1 
ATOM   69   C  "C5'" A DG  A 1 4 ? 10.490  -0.277  -2.737  0.50 44.63  ? 4   DG  A "C5'" 1 
ATOM   70   C  "C5'" B DG  A 1 4 ? 10.058  -0.582  -2.390  0.50 43.10  ? 4   DG  A "C5'" 1 
ATOM   71   C  "C4'" A DG  A 1 4 ? 9.432   -1.201  -3.323  0.50 43.54  ? 4   DG  A "C4'" 1 
ATOM   72   C  "C4'" B DG  A 1 4 ? 9.218   -1.470  -3.293  0.50 43.08  ? 4   DG  A "C4'" 1 
ATOM   73   O  "O4'" A DG  A 1 4 ? 8.265   -1.229  -2.471  0.50 41.15  ? 4   DG  A "O4'" 1 
ATOM   74   O  "O4'" B DG  A 1 4 ? 7.963   -1.795  -2.653  0.50 40.43  ? 4   DG  A "O4'" 1 
ATOM   75   C  "C3'" A DG  A 1 4 ? 8.862   -0.789  -4.663  0.50 45.36  ? 4   DG  A "C3'" 1 
ATOM   76   C  "C3'" B DG  A 1 4 ? 8.805   -0.854  -4.628  0.50 45.35  ? 4   DG  A "C3'" 1 
ATOM   77   O  "O3'" A DG  A 1 4 ? 9.781   -1.078  -5.763  0.50 52.66  ? 4   DG  A "O3'" 1 
ATOM   78   O  "O3'" B DG  A 1 4 ? 9.785   -1.099  -5.694  0.50 52.67  ? 4   DG  A "O3'" 1 
ATOM   79   C  "C2'" A DG  A 1 4 ? 7.576   -1.613  -4.719  0.50 42.30  ? 4   DG  A "C2'" 1 
ATOM   80   C  "C2'" B DG  A 1 4 ? 7.447   -1.500  -4.925  0.50 42.09  ? 4   DG  A "C2'" 1 
ATOM   81   C  "C1'" A DG  A 1 4 ? 7.161   -1.688  -3.240  0.50 40.48  ? 4   DG  A "C1'" 1 
ATOM   82   C  "C1'" B DG  A 1 4 ? 7.120   -2.298  -3.659  0.50 40.94  ? 4   DG  A "C1'" 1 
ATOM   83   N  N9    A DG  A 1 4 ? 5.972   -0.887  -2.935  0.50 36.66  ? 4   DG  A N9    1 
ATOM   84   N  N9    B DG  A 1 4 ? 5.707   -2.193  -3.275  0.50 38.25  ? 4   DG  A N9    1 
ATOM   85   C  C8    A DG  A 1 4 ? 5.916   0.466   -2.711  0.50 36.57  ? 4   DG  A C8    1 
ATOM   86   C  C8    B DG  A 1 4 ? 4.779   -3.208  -3.278  0.50 34.82  ? 4   DG  A C8    1 
ATOM   87   N  N7    A DG  A 1 4 ? 4.706   0.904   -2.478  0.50 33.48  ? 4   DG  A N7    1 
ATOM   88   N  N7    B DG  A 1 4 ? 3.578   -2.823  -2.944  0.50 34.51  ? 4   DG  A N7    1 
ATOM   89   C  C5    A DG  A 1 4 ? 3.907   -0.229  -2.568  0.50 34.11  ? 4   DG  A C5    1 
ATOM   90   C  C5    B DG  A 1 4 ? 3.706   -1.458  -2.726  0.50 31.47  ? 4   DG  A C5    1 
ATOM   91   C  C6    A DG  A 1 4 ? 2.504   -0.378  -2.414  0.50 32.93  ? 4   DG  A C6    1 
ATOM   92   C  C6    B DG  A 1 4 ? 2.737   -0.502  -2.337  0.50 32.83  ? 4   DG  A C6    1 
ATOM   93   O  O6    A DG  A 1 4 ? 1.656   0.494   -2.161  0.50 31.21  ? 4   DG  A O6    1 
ATOM   94   O  O6    B DG  A 1 4 ? 1.527   -0.676  -2.107  0.50 26.87  ? 4   DG  A O6    1 
ATOM   95   N  N1    A DG  A 1 4 ? 2.104   -1.702  -2.583  0.50 31.92  ? 4   DG  A N1    1 
ATOM   96   N  N1    B DG  A 1 4 ? 3.287   0.771   -2.229  0.50 30.90  ? 4   DG  A N1    1 
ATOM   97   C  C2    A DG  A 1 4 ? 2.948   -2.744  -2.868  0.50 32.88  ? 4   DG  A C2    1 
ATOM   98   C  C2    B DG  A 1 4 ? 4.606   1.081   -2.464  0.50 33.51  ? 4   DG  A C2    1 
ATOM   99   N  N2    A DG  A 1 4 ? 2.376   -3.949  -2.995  0.50 30.29  ? 4   DG  A N2    1 
ATOM   100  N  N2    B DG  A 1 4 ? 4.952   2.367   -2.309  0.50 34.24  ? 4   DG  A N2    1 
ATOM   101  N  N3    A DG  A 1 4 ? 4.263   -2.621  -3.015  0.50 34.99  ? 4   DG  A N3    1 
ATOM   102  N  N3    B DG  A 1 4 ? 5.524   0.194   -2.832  0.50 34.60  ? 4   DG  A N3    1 
ATOM   103  C  C4    A DG  A 1 4 ? 4.672   -1.339  -2.850  0.50 34.85  ? 4   DG  A C4    1 
ATOM   104  C  C4    B DG  A 1 4 ? 5.008   -1.050  -2.940  0.50 34.79  ? 4   DG  A C4    1 
ATOM   105  P  P     . DG  A 1 5 ? 10.155  -2.574  -6.242  1.00 65.61  ? 5   DG  A P     1 
ATOM   106  O  OP1   . DG  A 1 5 ? 10.524  -3.461  -5.117  1.00 64.77  ? 5   DG  A OP1   1 
ATOM   107  O  OP2   . DG  A 1 5 ? 11.093  -2.395  -7.367  1.00 64.46  ? 5   DG  A OP2   1 
ATOM   108  O  "O5'" . DG  A 1 5 ? 8.824   -3.159  -6.890  1.00 56.10  ? 5   DG  A "O5'" 1 
ATOM   109  C  "C5'" . DG  A 1 5 ? 8.519   -4.531  -6.664  1.00 51.97  ? 5   DG  A "C5'" 1 
ATOM   110  C  "C4'" . DG  A 1 5 ? 7.207   -4.911  -7.306  1.00 51.22  ? 5   DG  A "C4'" 1 
ATOM   111  O  "O4'" . DG  A 1 5 ? 6.114   -4.250  -6.622  1.00 51.71  ? 5   DG  A "O4'" 1 
ATOM   112  C  "C3'" . DG  A 1 5 ? 7.086   -4.525  -8.782  1.00 51.58  ? 5   DG  A "C3'" 1 
ATOM   113  O  "O3'" . DG  A 1 5 ? 6.575   -5.615  -9.514  1.00 60.64  ? 5   DG  A "O3'" 1 
ATOM   114  C  "C2'" . DG  A 1 5 ? 6.098   -3.364  -8.759  1.00 42.65  ? 5   DG  A "C2'" 1 
ATOM   115  C  "C1'" . DG  A 1 5 ? 5.224   -3.757  -7.587  1.00 43.93  ? 5   DG  A "C1'" 1 
ATOM   116  N  N9    . DG  A 1 5 ? 4.493   -2.636  -7.028  1.00 35.66  ? 5   DG  A N9    1 
ATOM   117  C  C8    . DG  A 1 5 ? 4.964   -1.373  -6.809  1.00 37.07  ? 5   DG  A C8    1 
ATOM   118  N  N7    . DG  A 1 5 ? 4.079   -0.567  -6.312  1.00 33.14  ? 5   DG  A N7    1 
ATOM   119  C  C5    . DG  A 1 5 ? 2.947   -1.346  -6.214  1.00 31.34  ? 5   DG  A C5    1 
ATOM   120  C  C6    . DG  A 1 5 ? 1.673   -1.010  -5.759  1.00 31.00  ? 5   DG  A C6    1 
ATOM   121  O  O6    . DG  A 1 5 ? 1.285   0.075   -5.333  1.00 29.91  ? 5   DG  A O6    1 
ATOM   122  N  N1    . DG  A 1 5 ? 0.801   -2.079  -5.834  1.00 29.09  ? 5   DG  A N1    1 
ATOM   123  C  C2    . DG  A 1 5 ? 1.130   -3.323  -6.290  1.00 29.85  ? 5   DG  A C2    1 
ATOM   124  N  N2    . DG  A 1 5 ? 0.150   -4.231  -6.283  1.00 32.38  ? 5   DG  A N2    1 
ATOM   125  N  N3    . DG  A 1 5 ? 2.332   -3.655  -6.724  1.00 31.88  ? 5   DG  A N3    1 
ATOM   126  C  C4    . DG  A 1 5 ? 3.185   -2.619  -6.658  1.00 28.85  ? 5   DG  A C4    1 
ATOM   127  P  P     . DT  A 1 6 ? 7.444   -6.278  -10.689 1.00 68.79  ? 6   DT  A P     1 
ATOM   128  O  OP1   . DT  A 1 6 ? 8.316   -7.296  -10.053 1.00 64.80  ? 6   DT  A OP1   1 
ATOM   129  O  OP2   . DT  A 1 6 ? 8.037   -5.206  -11.521 1.00 48.14  ? 6   DT  A OP2   1 
ATOM   130  O  "O5'" . DT  A 1 6 ? 6.346   -7.017  -11.565 1.00 53.87  ? 6   DT  A "O5'" 1 
ATOM   131  C  "C5'" . DT  A 1 6 ? 5.411   -7.851  -10.928 1.00 47.58  ? 6   DT  A "C5'" 1 
ATOM   132  C  "C4'" . DT  A 1 6 ? 4.137   -7.935  -11.735 1.00 58.76  ? 6   DT  A "C4'" 1 
ATOM   133  O  "O4'" . DT  A 1 6 ? 3.446   -6.658  -11.715 1.00 53.91  ? 6   DT  A "O4'" 1 
ATOM   134  C  "C3'" . DT  A 1 6 ? 4.308   -8.293  -13.207 1.00 51.05  ? 6   DT  A "C3'" 1 
ATOM   135  O  "O3'" . DT  A 1 6 ? 3.238   -9.153  -13.560 1.00 63.43  ? 6   DT  A "O3'" 1 
ATOM   136  C  "C2'" . DT  A 1 6 ? 4.195   -6.926  -13.899 1.00 40.22  ? 6   DT  A "C2'" 1 
ATOM   137  C  "C1'" . DT  A 1 6 ? 3.126   -6.276  -13.034 1.00 47.28  ? 6   DT  A "C1'" 1 
ATOM   138  N  N1    . DT  A 1 6 ? 3.096   -4.788  -13.066 1.00 37.05  ? 6   DT  A N1    1 
ATOM   139  C  C2    . DT  A 1 6 ? 1.884   -4.139  -13.189 1.00 38.60  ? 6   DT  A C2    1 
ATOM   140  O  O2    . DT  A 1 6 ? 0.823   -4.719  -13.330 1.00 43.87  ? 6   DT  A O2    1 
ATOM   141  N  N3    . DT  A 1 6 ? 1.957   -2.774  -13.164 1.00 28.39  ? 6   DT  A N3    1 
ATOM   142  C  C4    . DT  A 1 6 ? 3.099   -2.010  -13.017 1.00 37.06  ? 6   DT  A C4    1 
ATOM   143  O  O4    . DT  A 1 6 ? 3.068   -0.785  -12.998 1.00 37.07  ? 6   DT  A O4    1 
ATOM   144  C  C5    . DT  A 1 6 ? 4.330   -2.756  -12.873 1.00 33.32  ? 6   DT  A C5    1 
ATOM   145  C  C7    . DT  A 1 6 ? 5.633   -2.037  -12.700 1.00 37.76  ? 6   DT  A C7    1 
ATOM   146  C  C6    . DT  A 1 6 ? 4.268   -4.091  -12.895 1.00 38.85  ? 6   DT  A C6    1 
ATOM   147  P  P     . DT  A 1 7 ? 3.315   -10.099 -14.851 1.00 78.29  ? 7   DT  A P     1 
ATOM   148  O  OP1   . DT  A 1 7 ? 2.738   -11.406 -14.458 1.00 63.43  ? 7   DT  A OP1   1 
ATOM   149  O  OP2   . DT  A 1 7 ? 4.679   -10.003 -15.425 1.00 58.08  ? 7   DT  A OP2   1 
ATOM   150  O  "O5'" . DT  A 1 7 ? 2.282   -9.414  -15.850 1.00 62.08  ? 7   DT  A "O5'" 1 
ATOM   151  C  "C5'" . DT  A 1 7 ? 0.994   -9.048  -15.374 1.00 53.09  ? 7   DT  A "C5'" 1 
ATOM   152  C  "C4'" . DT  A 1 7 ? 0.350   -8.045  -16.306 1.00 63.26  ? 7   DT  A "C4'" 1 
ATOM   153  O  "O4'" . DT  A 1 7 ? 0.666   -6.699  -15.876 1.00 56.36  ? 7   DT  A "O4'" 1 
ATOM   154  C  "C3'" . DT  A 1 7 ? 0.813   -8.147  -17.766 1.00 68.19  ? 7   DT  A "C3'" 1 
ATOM   155  O  "O3'" . DT  A 1 7 ? -0.275  -8.499  -18.602 1.00 79.67  ? 7   DT  A "O3'" 1 
ATOM   156  C  "C2'" . DT  A 1 7 ? 1.347   -6.752  -18.098 1.00 55.07  ? 7   DT  A "C2'" 1 
ATOM   157  C  "C1'" . DT  A 1 7 ? 0.712   -5.891  -17.014 1.00 50.02  ? 7   DT  A "C1'" 1 
ATOM   158  N  N1    . DT  A 1 7 ? 1.487   -4.667  -16.736 1.00 40.05  ? 7   DT  A N1    1 
ATOM   159  C  C2    . DT  A 1 7 ? 0.823   -3.513  -16.401 1.00 40.42  ? 7   DT  A C2    1 
ATOM   160  O  O2    . DT  A 1 7 ? -0.382  -3.451  -16.271 1.00 41.64  ? 7   DT  A O2    1 
ATOM   161  N  N3    . DT  A 1 7 ? 1.633   -2.427  -16.200 1.00 38.50  ? 7   DT  A N3    1 
ATOM   162  C  C4    . DT  A 1 7 ? 3.009   -2.381  -16.314 1.00 41.94  ? 7   DT  A C4    1 
ATOM   163  O  O4    . DT  A 1 7 ? 3.653   -1.353  -16.113 1.00 46.95  ? 7   DT  A O4    1 
ATOM   164  C  C5    . DT  A 1 7 ? 3.643   -3.621  -16.685 1.00 42.47  ? 7   DT  A C5    1 
ATOM   165  C  C7    . DT  A 1 7 ? 5.135   -3.681  -16.839 1.00 47.11  ? 7   DT  A C7    1 
ATOM   166  C  C6    . DT  A 1 7 ? 2.861   -4.692  -16.887 1.00 45.82  ? 7   DT  A C6    1 
ATOM   167  P  P     . DA  A 1 8 ? -0.304  -9.937  -19.315 1.00 100.49 ? 8   DA  A P     1 
ATOM   168  O  OP1   . DA  A 1 8 ? 1.067   -10.493 -19.294 1.00 91.54  ? 8   DA  A OP1   1 
ATOM   169  O  OP2   . DA  A 1 8 ? -1.001  -9.749  -20.608 1.00 92.33  ? 8   DA  A OP2   1 
ATOM   170  O  "O5'" . DA  A 1 8 ? -1.224  -10.825 -18.346 1.00 88.42  ? 8   DA  A "O5'" 1 
ATOM   171  C  "C5'" . DA  A 1 8 ? -0.838  -12.158 -18.010 1.00 68.00  ? 8   DA  A "C5'" 1 
ATOM   172  O  "O5'" . DT  B 1 1 ? -10.051 -7.324  8.547   1.00 74.48  ? 1   DT  B "O5'" 1 
ATOM   173  C  "C5'" . DT  B 1 1 ? -9.466  -8.548  8.099   1.00 84.20  ? 1   DT  B "C5'" 1 
ATOM   174  C  "C4'" . DT  B 1 1 ? -8.514  -9.101  9.144   1.00 88.99  ? 1   DT  B "C4'" 1 
ATOM   175  O  "O4'" . DT  B 1 1 ? -8.298  -10.499 8.919   1.00 96.91  ? 1   DT  B "O4'" 1 
ATOM   176  C  "C3'" . DT  B 1 1 ? -7.121  -8.484  9.143   1.00 78.46  ? 1   DT  B "C3'" 1 
ATOM   177  O  "O3'" . DT  B 1 1 ? -7.090  -7.404  10.067  1.00 66.85  ? 1   DT  B "O3'" 1 
ATOM   178  C  "C2'" . DT  B 1 1 ? -6.204  -9.642  9.591   1.00 81.83  ? 1   DT  B "C2'" 1 
ATOM   179  C  "C1'" . DT  B 1 1 ? -7.123  -10.869 9.592   1.00 92.71  ? 1   DT  B "C1'" 1 
ATOM   180  N  N1    . DT  B 1 1 ? -6.541  -12.036 8.900   1.00 104.77 ? 1   DT  B N1    1 
ATOM   181  C  C2    . DT  B 1 1 ? -6.411  -13.218 9.583   1.00 106.62 ? 1   DT  B C2    1 
ATOM   182  O  O2    . DT  B 1 1 ? -6.755  -13.360 10.744  1.00 102.85 ? 1   DT  B O2    1 
ATOM   183  N  N3    . DT  B 1 1 ? -5.863  -14.240 8.854   1.00 108.91 ? 1   DT  B N3    1 
ATOM   184  C  C4    . DT  B 1 1 ? -5.441  -14.193 7.537   1.00 111.97 ? 1   DT  B C4    1 
ATOM   185  O  O4    . DT  B 1 1 ? -4.958  -15.167 6.968   1.00 110.79 ? 1   DT  B O4    1 
ATOM   186  C  C5    . DT  B 1 1 ? -5.607  -12.917 6.879   1.00 109.76 ? 1   DT  B C5    1 
ATOM   187  C  C7    . DT  B 1 1 ? -5.187  -12.743 5.449   1.00 100.83 ? 1   DT  B C7    1 
ATOM   188  C  C6    . DT  B 1 1 ? -6.143  -11.913 7.585   1.00 107.04 ? 1   DT  B C6    1 
ATOM   189  P  P     . DA  B 1 2 ? -5.869  -6.359  10.088  1.00 59.41  ? 2   DA  B P     1 
ATOM   190  O  OP1   . DA  B 1 2 ? -4.616  -7.018  9.632   1.00 49.70  ? 2   DA  B OP1   1 
ATOM   191  O  OP2   . DA  B 1 2 ? -5.974  -5.690  11.402  1.00 53.53  ? 2   DA  B OP2   1 
ATOM   192  O  "O5'" . DA  B 1 2 ? -6.263  -5.267  8.997   1.00 49.46  ? 2   DA  B "O5'" 1 
ATOM   193  C  "C5'" . DA  B 1 2 ? -7.182  -4.235  9.329   1.00 37.55  ? 2   DA  B "C5'" 1 
ATOM   194  C  "C4'" . DA  B 1 2 ? -7.202  -3.194  8.234   1.00 31.31  ? 2   DA  B "C4'" 1 
ATOM   195  O  "O4'" . DA  B 1 2 ? -6.121  -2.232  8.453   1.00 31.71  ? 2   DA  B "O4'" 1 
ATOM   196  C  "C3'" . DA  B 1 2 ? -6.974  -3.758  6.834   1.00 34.93  ? 2   DA  B "C3'" 1 
ATOM   197  O  "O3'" . DA  B 1 2 ? -7.805  -3.080  5.931   1.00 48.50  ? 2   DA  B "O3'" 1 
ATOM   198  C  "C2'" . DA  B 1 2 ? -5.501  -3.426  6.578   1.00 30.63  ? 2   DA  B "C2'" 1 
ATOM   199  C  "C1'" . DA  B 1 2 ? -5.433  -2.071  7.244   1.00 30.80  ? 2   DA  B "C1'" 1 
ATOM   200  N  N9    . DA  B 1 2 ? -4.082  -1.585  7.521   1.00 26.64  ? 2   DA  B N9    1 
ATOM   201  C  C8    . DA  B 1 2 ? -2.900  -2.238  7.313   1.00 34.61  ? 2   DA  B C8    1 
ATOM   202  N  N7    . DA  B 1 2 ? -1.846  -1.530  7.660   1.00 29.99  ? 2   DA  B N7    1 
ATOM   203  C  C5    . DA  B 1 2 ? -2.385  -0.328  8.118   1.00 32.33  ? 2   DA  B C5    1 
ATOM   204  C  C6    . DA  B 1 2 ? -1.805  0.862   8.633   1.00 38.26  ? 2   DA  B C6    1 
ATOM   205  N  N6    . DA  B 1 2 ? -0.484  1.053   8.774   1.00 34.08  ? 2   DA  B N6    1 
ATOM   206  N  N1    . DA  B 1 2 ? -2.641  1.856   8.998   1.00 41.91  ? 2   DA  B N1    1 
ATOM   207  C  C2    . DA  B 1 2 ? -3.960  1.675   8.858   1.00 40.20  ? 2   DA  B C2    1 
ATOM   208  N  N3    . DA  B 1 2 ? -4.617  0.614   8.391   1.00 39.44  ? 2   DA  B N3    1 
ATOM   209  C  C4    . DA  B 1 2 ? -3.764  -0.363  8.041   1.00 29.55  ? 2   DA  B C4    1 
ATOM   210  P  P     . DG  B 1 3 ? -8.616  -3.881  4.802   1.00 51.30  ? 3   DG  B P     1 
ATOM   211  O  OP1   . DG  B 1 3 ? -9.628  -4.696  5.509   1.00 53.23  ? 3   DG  B OP1   1 
ATOM   212  O  OP2   . DG  B 1 3 ? -7.657  -4.533  3.880   1.00 48.83  ? 3   DG  B OP2   1 
ATOM   213  O  "O5'" . DG  B 1 3 ? -9.349  -2.716  3.995   1.00 42.13  ? 3   DG  B "O5'" 1 
ATOM   214  C  "C5'" . DG  B 1 3 ? -9.495  -2.800  2.588   1.00 44.68  ? 3   DG  B "C5'" 1 
ATOM   215  C  "C4'" . DG  B 1 3 ? -9.978  -1.477  2.051   1.00 44.54  ? 3   DG  B "C4'" 1 
ATOM   216  O  "O4'" . DG  B 1 3 ? -8.981  -0.458  2.338   1.00 41.31  ? 3   DG  B "O4'" 1 
ATOM   217  C  "C3'" . DG  B 1 3 ? -10.219 -1.425  0.543   1.00 43.75  ? 3   DG  B "C3'" 1 
ATOM   218  O  "O3'" . DG  B 1 3 ? -11.377 -0.606  0.278   1.00 57.32  ? 3   DG  B "O3'" 1 
ATOM   219  C  "C2'" . DG  B 1 3 ? -8.935  -0.782  0.027   1.00 44.18  ? 3   DG  B "C2'" 1 
ATOM   220  C  "C1'" . DG  B 1 3 ? -8.629  0.197   1.151   1.00 42.39  ? 3   DG  B "C1'" 1 
ATOM   221  N  N9    . DG  B 1 3 ? -7.225  0.629   1.219   1.00 34.53  ? 3   DG  B N9    1 
ATOM   222  C  C8    . DG  B 1 3 ? -6.785  1.921   1.332   1.00 38.89  ? 3   DG  B C8    1 
ATOM   223  N  N7    . DG  B 1 3 ? -5.493  2.031   1.351   1.00 30.33  ? 3   DG  B N7    1 
ATOM   224  C  C5    . DG  B 1 3 ? -5.034  0.727   1.241   1.00 29.93  ? 3   DG  B C5    1 
ATOM   225  C  C6    . DG  B 1 3 ? -3.709  0.232   1.202   1.00 31.55  ? 3   DG  B C6    1 
ATOM   226  O  O6    . DG  B 1 3 ? -2.661  0.872   1.264   1.00 31.80  ? 3   DG  B O6    1 
ATOM   227  N  N1    . DG  B 1 3 ? -3.672  -1.148  1.077   1.00 30.65  ? 3   DG  B N1    1 
ATOM   228  C  C2    . DG  B 1 3 ? -4.780  -1.947  1.006   1.00 31.17  ? 3   DG  B C2    1 
ATOM   229  N  N2    . DG  B 1 3 ? -4.556  -3.262  0.895   1.00 36.68  ? 3   DG  B N2    1 
ATOM   230  N  N3    . DG  B 1 3 ? -6.024  -1.497  1.041   1.00 33.80  ? 3   DG  B N3    1 
ATOM   231  C  C4    . DG  B 1 3 ? -6.078  -0.154  1.154   1.00 30.40  ? 3   DG  B C4    1 
ATOM   232  P  P     A DG  B 1 4 ? -11.964 -0.464  -1.211  0.50 54.87  ? 4   DG  B P     1 
ATOM   233  P  P     B DG  B 1 4 ? -11.783 -0.207  -1.231  0.50 55.07  ? 4   DG  B P     1 
ATOM   234  O  OP1   A DG  B 1 4 ? -13.428 -0.287  -1.071  0.50 54.30  ? 4   DG  B OP1   1 
ATOM   235  O  OP1   B DG  B 1 4 ? -13.208 0.192   -1.178  0.50 53.26  ? 4   DG  B OP1   1 
ATOM   236  O  OP2   A DG  B 1 4 ? -11.428 -1.571  -2.033  0.50 51.71  ? 4   DG  B OP2   1 
ATOM   237  O  OP2   B DG  B 1 4 ? -11.352 -1.294  -2.136  0.50 50.95  ? 4   DG  B OP2   1 
ATOM   238  O  "O5'" A DG  B 1 4 ? -11.314 0.900   -1.743  0.50 47.54  ? 4   DG  B "O5'" 1 
ATOM   239  O  "O5'" B DG  B 1 4 ? -10.894 1.093   -1.566  0.50 47.61  ? 4   DG  B "O5'" 1 
ATOM   240  C  "C5'" A DG  B 1 4 ? -11.407 2.082   -0.952  0.50 45.61  ? 4   DG  B "C5'" 1 
ATOM   241  C  "C5'" B DG  B 1 4 ? -10.967 2.239   -0.721  0.50 45.65  ? 4   DG  B "C5'" 1 
ATOM   242  C  "C4'" A DG  B 1 4 ? -10.435 3.144   -1.437  0.50 47.15  ? 4   DG  B "C4'" 1 
ATOM   243  C  "C4'" B DG  B 1 4 ? -10.230 3.440   -1.305  0.50 47.04  ? 4   DG  B "C4'" 1 
ATOM   244  O  "O4'" A DG  B 1 4 ? -9.087  2.741   -1.131  0.50 45.11  ? 4   DG  B "O4'" 1 
ATOM   245  O  "O4'" B DG  B 1 4 ? -8.828  3.411   -0.949  0.50 45.47  ? 4   DG  B "O4'" 1 
ATOM   246  C  "C3'" A DG  B 1 4 ? -10.467 3.400   -2.942  0.50 48.36  ? 4   DG  B "C3'" 1 
ATOM   247  C  "C3'" B DG  B 1 4 ? -10.273 3.591   -2.835  0.50 48.69  ? 4   DG  B "C3'" 1 
ATOM   248  O  "O3'" A DG  B 1 4 ? -10.969 4.698   -3.203  0.50 55.61  ? 4   DG  B "O3'" 1 
ATOM   249  O  "O3'" B DG  B 1 4 ? -11.001 4.772   -3.171  0.50 55.59  ? 4   DG  B "O3'" 1 
ATOM   250  C  "C2'" A DG  B 1 4 ? -9.007  3.257   -3.402  0.50 46.69  ? 4   DG  B "C2'" 1 
ATOM   251  C  "C2'" B DG  B 1 4 ? -8.788  3.707   -3.237  0.50 45.81  ? 4   DG  B "C2'" 1 
ATOM   252  C  "C1'" A DG  B 1 4 ? -8.225  3.272   -2.098  0.50 40.97  ? 4   DG  B "C1'" 1 
ATOM   253  C  "C1'" B DG  B 1 4 ? -8.148  4.140   -1.928  0.50 38.91  ? 4   DG  B "C1'" 1 
ATOM   254  N  N9    A DG  B 1 4 ? -7.036  2.437   -2.139  0.50 39.54  ? 4   DG  B N9    1 
ATOM   255  N  N9    B DG  B 1 4 ? -6.708  3.883   -1.826  0.50 38.71  ? 4   DG  B N9    1 
ATOM   256  C  C8    A DG  B 1 4 ? -6.993  1.082   -2.353  0.50 39.48  ? 4   DG  B C8    1 
ATOM   257  C  C8    B DG  B 1 4 ? -5.731  4.818   -1.578  0.50 39.26  ? 4   DG  B C8    1 
ATOM   258  N  N7    A DG  B 1 4 ? -5.788  0.591   -2.334  0.50 35.46  ? 4   DG  B N7    1 
ATOM   259  N  N7    B DG  B 1 4 ? -4.529  4.320   -1.535  0.50 39.66  ? 4   DG  B N7    1 
ATOM   260  C  C5    A DG  B 1 4 ? -4.982  1.688   -2.083  0.50 34.97  ? 4   DG  B C5    1 
ATOM   261  C  C5    B DG  B 1 4 ? -4.712  2.963   -1.770  0.50 35.42  ? 4   DG  B C5    1 
ATOM   262  C  C6    A DG  B 1 4 ? -3.588  1.761   -1.957  0.50 36.19  ? 4   DG  B C6    1 
ATOM   263  C  C6    B DG  B 1 4 ? -3.762  1.917   -1.844  0.50 36.28  ? 4   DG  B C6    1 
ATOM   264  O  O6    A DG  B 1 4 ? -2.773  0.835   -2.036  0.50 30.61  ? 4   DG  B O6    1 
ATOM   265  O  O6    B DG  B 1 4 ? -2.533  1.988   -1.704  0.50 33.01  ? 4   DG  B O6    1 
ATOM   266  N  N1    A DG  B 1 4 ? -3.160  3.066   -1.710  0.50 37.05  ? 4   DG  B N1    1 
ATOM   267  N  N1    B DG  B 1 4 ? -4.360  0.690   -2.099  0.50 34.29  ? 4   DG  B N1    1 
ATOM   268  C  C2    A DG  B 1 4 ? -3.993  4.159   -1.601  0.50 38.67  ? 4   DG  B C2    1 
ATOM   269  C  C2    B DG  B 1 4 ? -5.707  0.495   -2.268  0.50 35.47  ? 4   DG  B C2    1 
ATOM   270  N  N2    A DG  B 1 4 ? -3.402  5.336   -1.359  0.50 39.93  ? 4   DG  B N2    1 
ATOM   271  N  N2    B DG  B 1 4 ? -6.095  -0.769  -2.504  0.50 35.45  ? 4   DG  B N2    1 
ATOM   272  N  N3    A DG  B 1 4 ? -5.312  4.098   -1.719  0.50 40.01  ? 4   DG  B N3    1 
ATOM   273  N  N3    B DG  B 1 4 ? -6.616  1.468   -2.203  0.50 38.11  ? 4   DG  B N3    1 
ATOM   274  C  C4    A DG  B 1 4 ? -5.734  2.835   -1.961  0.50 38.11  ? 4   DG  B C4    1 
ATOM   275  C  C4    B DG  B 1 4 ? -6.048  2.673   -1.952  0.50 38.08  ? 4   DG  B C4    1 
ATOM   276  P  P     . DG  B 1 5 ? -11.455 5.070   -4.685  1.00 60.82  ? 5   DG  B P     1 
ATOM   277  O  OP1   . DG  B 1 5 ? -12.684 5.887   -4.587  1.00 69.94  ? 5   DG  B OP1   1 
ATOM   278  O  OP2   . DG  B 1 5 ? -11.465 3.803   -5.456  1.00 51.31  ? 5   DG  B OP2   1 
ATOM   279  O  "O5'" . DG  B 1 5 ? -10.277 5.989   -5.259  1.00 55.41  ? 5   DG  B "O5'" 1 
ATOM   280  C  "C5'" . DG  B 1 5 ? -9.923  7.193   -4.582  1.00 52.71  ? 5   DG  B "C5'" 1 
ATOM   281  C  "C4'" . DG  B 1 5 ? -8.633  7.765   -5.147  1.00 54.57  ? 5   DG  B "C4'" 1 
ATOM   282  O  "O4'" . DG  B 1 5 ? -7.509  6.940   -4.738  1.00 52.51  ? 5   DG  B "O4'" 1 
ATOM   283  C  "C3'" . DG  B 1 5 ? -8.580  7.847   -6.674  1.00 52.11  ? 5   DG  B "C3'" 1 
ATOM   284  O  "O3'" . DG  B 1 5 ? -8.165  9.132   -7.059  1.00 66.00  ? 5   DG  B "O3'" 1 
ATOM   285  C  "C2'" . DG  B 1 5 ? -7.543  6.791   -7.068  1.00 50.95  ? 5   DG  B "C2'" 1 
ATOM   286  C  "C1'" . DG  B 1 5 ? -6.650  6.742   -5.836  1.00 48.62  ? 5   DG  B "C1'" 1 
ATOM   287  N  N9    . DG  B 1 5 ? -5.961  5.460   -5.670  1.00 43.32  ? 5   DG  B N9    1 
ATOM   288  C  C8    . DG  B 1 5 ? -6.508  4.209   -5.791  1.00 43.42  ? 5   DG  B C8    1 
ATOM   289  N  N7    . DG  B 1 5 ? -5.653  3.245   -5.591  1.00 38.38  ? 5   DG  B N7    1 
ATOM   290  C  C5    . DG  B 1 5 ? -4.461  3.900   -5.324  1.00 36.35  ? 5   DG  B C5    1 
ATOM   291  C  C6    . DG  B 1 5 ? -3.187  3.379   -5.031  1.00 40.88  ? 5   DG  B C6    1 
ATOM   292  O  O6    . DG  B 1 5 ? -2.845  2.193   -4.956  1.00 34.35  ? 5   DG  B O6    1 
ATOM   293  N  N1    . DG  B 1 5 ? -2.256  4.391   -4.817  1.00 38.57  ? 5   DG  B N1    1 
ATOM   294  C  C2    . DG  B 1 5 ? -2.529  5.735   -4.889  1.00 40.05  ? 5   DG  B C2    1 
ATOM   295  N  N2    . DG  B 1 5 ? -1.503  6.569   -4.661  1.00 38.93  ? 5   DG  B N2    1 
ATOM   296  N  N3    . DG  B 1 5 ? -3.720  6.232   -5.166  1.00 34.60  ? 5   DG  B N3    1 
ATOM   297  C  C4    . DG  B 1 5 ? -4.635  5.263   -5.367  1.00 40.31  ? 5   DG  B C4    1 
ATOM   298  P  P     . DT  B 1 6 ? -9.086  10.025  -8.022  1.00 70.56  ? 6   DT  B P     1 
ATOM   299  O  OP1   . DT  B 1 6 ? -10.101 10.695  -7.178  1.00 63.18  ? 6   DT  B OP1   1 
ATOM   300  O  OP2   . DT  B 1 6 ? -9.484  9.189   -9.182  1.00 53.68  ? 6   DT  B OP2   1 
ATOM   301  O  "O5'" . DT  B 1 6 ? -8.079  11.141  -8.553  1.00 71.21  ? 6   DT  B "O5'" 1 
ATOM   302  C  "C5'" . DT  B 1 6 ? -7.091  11.674  -7.682  1.00 55.67  ? 6   DT  B "C5'" 1 
ATOM   303  C  "C4'" . DT  B 1 6 ? -5.860  12.078  -8.464  1.00 60.69  ? 6   DT  B "C4'" 1 
ATOM   304  O  "O4'" . DT  B 1 6 ? -5.144  10.885  -8.880  1.00 57.71  ? 6   DT  B "O4'" 1 
ATOM   305  C  "C3'" . DT  B 1 6 ? -6.146  12.862  -9.746  1.00 74.31  ? 6   DT  B "C3'" 1 
ATOM   306  O  "O3'" . DT  B 1 6 ? -5.161  13.874  -9.930  1.00 79.32  ? 6   DT  B "O3'" 1 
ATOM   307  C  "C2'" . DT  B 1 6 ? -6.058  11.788  -10.829 1.00 70.05  ? 6   DT  B "C2'" 1 
ATOM   308  C  "C1'" . DT  B 1 6 ? -4.951  10.911  -10.276 1.00 60.95  ? 6   DT  B "C1'" 1 
ATOM   309  N  N1    . DT  B 1 6 ? -4.969  9.513   -10.777 1.00 63.42  ? 6   DT  B N1    1 
ATOM   310  C  C2    . DT  B 1 6 ? -3.817  8.983   -11.308 1.00 58.19  ? 6   DT  B C2    1 
ATOM   311  O  O2    . DT  B 1 6 ? -2.781  9.606   -11.403 1.00 60.68  ? 6   DT  B O2    1 
ATOM   312  N  N3    . DT  B 1 6 ? -3.920  7.689   -11.731 1.00 48.42  ? 6   DT  B N3    1 
ATOM   313  C  C4    . DT  B 1 6 ? -5.040  6.884   -11.675 1.00 52.04  ? 6   DT  B C4    1 
ATOM   314  O  O4    . DT  B 1 6 ? -5.030  5.729   -12.078 1.00 42.41  ? 6   DT  B O4    1 
ATOM   315  C  C5    . DT  B 1 6 ? -6.219  7.500   -11.103 1.00 60.39  ? 6   DT  B C5    1 
ATOM   316  C  C7    . DT  B 1 6 ? -7.495  6.723   -10.989 1.00 52.69  ? 6   DT  B C7    1 
ATOM   317  C  C6    . DT  B 1 6 ? -6.126  8.771   -10.683 1.00 60.44  ? 6   DT  B C6    1 
ATOM   318  P  P     . DT  B 1 7 ? -5.362  14.999  -11.060 1.00 96.32  ? 7   DT  B P     1 
ATOM   319  O  OP1   . DT  B 1 7 ? -4.523  16.155  -10.668 1.00 97.14  ? 7   DT  B OP1   1 
ATOM   320  O  OP2   . DT  B 1 7 ? -6.817  15.174  -11.275 1.00 96.38  ? 7   DT  B OP2   1 
ATOM   321  O  "O5'" . DT  B 1 7 ? -4.780  14.328  -12.392 1.00 84.70  ? 7   DT  B "O5'" 1 
ATOM   322  C  "C5'" . DT  B 1 7 ? -3.397  13.992  -12.481 1.00 87.28  ? 7   DT  B "C5'" 1 
ATOM   323  C  "C4'" . DT  B 1 7 ? -3.064  13.432  -13.853 1.00 90.36  ? 7   DT  B "C4'" 1 
ATOM   324  O  "O4'" . DT  B 1 7 ? -3.102  11.990  -13.809 1.00 86.37  ? 7   DT  B "O4'" 1 
ATOM   325  C  "C3'" . DT  B 1 7 ? -4.035  13.820  -14.955 1.00 101.04 ? 7   DT  B "C3'" 1 
ATOM   326  O  "O3'" . DT  B 1 7 ? -3.660  15.093  -15.529 1.00 110.93 ? 7   DT  B "O3'" 1 
ATOM   327  C  "C2'" . DT  B 1 7 ? -3.925  12.660  -15.948 1.00 100.15 ? 7   DT  B "C2'" 1 
ATOM   328  C  "C1'" . DT  B 1 7 ? -3.521  11.476  -15.062 1.00 92.69  ? 7   DT  B "C1'" 1 
ATOM   329  N  N1    . DT  B 1 7 ? -4.618  10.490  -14.825 1.00 89.16  ? 7   DT  B N1    1 
ATOM   330  C  C2    . DT  B 1 7 ? -4.420  9.176   -15.172 1.00 86.91  ? 7   DT  B C2    1 
ATOM   331  O  O2    . DT  B 1 7 ? -3.389  8.767   -15.670 1.00 90.41  ? 7   DT  B O2    1 
ATOM   332  N  N3    . DT  B 1 7 ? -5.478  8.350   -14.914 1.00 83.91  ? 7   DT  B N3    1 
ATOM   333  C  C4    . DT  B 1 7 ? -6.689  8.696   -14.348 1.00 87.42  ? 7   DT  B C4    1 
ATOM   334  O  O4    . DT  B 1 7 ? -7.580  7.877   -14.157 1.00 92.97  ? 7   DT  B O4    1 
ATOM   335  C  C5    . DT  B 1 7 ? -6.836  10.091  -14.008 1.00 88.89  ? 7   DT  B C5    1 
ATOM   336  C  C7    . DT  B 1 7 ? -8.113  10.586  -13.394 1.00 86.44  ? 7   DT  B C7    1 
ATOM   337  C  C6    . DT  B 1 7 ? -5.805  10.912  -14.258 1.00 87.28  ? 7   DT  B C6    1 
ATOM   338  P  P     . DA  B 1 8 ? -2.564  15.223  -16.705 1.00 121.99 ? 8   DA  B P     1 
ATOM   339  O  OP1   . DA  B 1 8 ? -2.064  16.612  -16.622 1.00 115.28 ? 8   DA  B OP1   1 
ATOM   340  O  OP2   . DA  B 1 8 ? -3.143  14.741  -17.979 1.00 120.91 ? 8   DA  B OP2   1 
ATOM   341  O  "O5'" . DA  B 1 8 ? -1.366  14.248  -16.277 1.00 110.78 ? 8   DA  B "O5'" 1 
ATOM   342  O  "O5'" . DT  C 1 1 ? -5.067  4.263   -16.705 1.00 62.54  ? 1   DT  C "O5'" 1 
ATOM   343  C  "C5'" . DT  C 1 1 ? -5.303  3.470   -17.865 1.00 50.03  ? 1   DT  C "C5'" 1 
ATOM   344  C  "C4'" . DT  C 1 1 ? -6.024  2.175   -17.516 1.00 49.10  ? 1   DT  C "C4'" 1 
ATOM   345  O  "O4'" . DT  C 1 1 ? -5.076  1.080   -17.490 1.00 39.30  ? 1   DT  C "O4'" 1 
ATOM   346  C  "C3'" . DT  C 1 1 ? -6.709  2.137   -16.157 1.00 38.58  ? 1   DT  C "C3'" 1 
ATOM   347  O  "O3'" . DT  C 1 1 ? -7.791  1.207   -16.204 1.00 52.14  ? 1   DT  C "O3'" 1 
ATOM   348  C  "C2'" . DT  C 1 1 ? -5.582  1.634   -15.258 1.00 40.87  ? 1   DT  C "C2'" 1 
ATOM   349  C  "C1'" . DT  C 1 1 ? -4.928  0.596   -16.164 1.00 34.37  ? 1   DT  C "C1'" 1 
ATOM   350  N  N1    . DT  C 1 1 ? -3.490  0.433   -15.952 1.00 35.87  ? 1   DT  C N1    1 
ATOM   351  C  C2    . DT  C 1 1 ? -2.931  -0.816  -16.055 1.00 33.16  ? 1   DT  C C2    1 
ATOM   352  O  O2    . DT  C 1 1 ? -3.580  -1.820  -16.253 1.00 41.95  ? 1   DT  C O2    1 
ATOM   353  N  N3    . DT  C 1 1 ? -1.573  -0.849  -15.902 1.00 32.47  ? 1   DT  C N3    1 
ATOM   354  C  C4    . DT  C 1 1 ? -0.744  0.226   -15.676 1.00 35.86  ? 1   DT  C C4    1 
ATOM   355  O  O4    . DT  C 1 1 ? 0.467   0.100   -15.548 1.00 33.74  ? 1   DT  C O4    1 
ATOM   356  C  C5    . DT  C 1 1 ? -1.401  1.511   -15.600 1.00 29.04  ? 1   DT  C C5    1 
ATOM   357  C  C7    . DT  C 1 1 ? -0.601  2.759   -15.359 1.00 34.34  ? 1   DT  C C7    1 
ATOM   358  C  C6    . DT  C 1 1 ? -2.722  1.552   -15.756 1.00 37.64  ? 1   DT  C C6    1 
ATOM   359  P  P     . DA  C 1 2 ? -8.968  1.273   -15.110 1.00 51.68  ? 2   DA  C P     1 
ATOM   360  O  OP1   . DA  C 1 2 ? -10.142 0.610   -15.711 1.00 52.67  ? 2   DA  C OP1   1 
ATOM   361  O  OP2   . DA  C 1 2 ? -9.031  2.649   -14.562 1.00 51.83  ? 2   DA  C OP2   1 
ATOM   362  O  "O5'" . DA  C 1 2 ? -8.440  0.357   -13.915 1.00 48.03  ? 2   DA  C "O5'" 1 
ATOM   363  C  "C5'" . DA  C 1 2 ? -8.231  -1.020  -14.131 1.00 38.52  ? 2   DA  C "C5'" 1 
ATOM   364  C  "C4'" . DA  C 1 2 ? -7.472  -1.632  -12.971 1.00 35.45  ? 2   DA  C "C4'" 1 
ATOM   365  O  "O4'" . DA  C 1 2 ? -6.052  -1.365  -13.126 1.00 32.59  ? 2   DA  C "O4'" 1 
ATOM   366  C  "C3'" . DA  C 1 2 ? -7.852  -1.093  -11.575 1.00 33.22  ? 2   DA  C "C3'" 1 
ATOM   367  O  "O3'" . DA  C 1 2 ? -7.911  -2.170  -10.653 1.00 41.28  ? 2   DA  C "O3'" 1 
ATOM   368  C  "C2'" . DA  C 1 2 ? -6.664  -0.191  -11.251 1.00 30.52  ? 2   DA  C "C2'" 1 
ATOM   369  C  "C1'" . DA  C 1 2 ? -5.561  -1.023  -11.867 1.00 30.70  ? 2   DA  C "C1'" 1 
ATOM   370  N  N9    . DA  C 1 2 ? -4.281  -0.347  -11.992 1.00 29.24  ? 2   DA  C N9    1 
ATOM   371  C  C8    . DA  C 1 2 ? -4.028  0.973   -11.785 1.00 32.08  ? 2   DA  C C8    1 
ATOM   372  N  N7    . DA  C 1 2 ? -2.756  1.290   -11.928 1.00 28.87  ? 2   DA  C N7    1 
ATOM   373  C  C5    . DA  C 1 2 ? -2.139  0.091   -12.232 1.00 25.28  ? 2   DA  C C5    1 
ATOM   374  C  C6    . DA  C 1 2 ? -0.801  -0.247  -12.497 1.00 28.70  ? 2   DA  C C6    1 
ATOM   375  N  N6    . DA  C 1 2 ? 0.197   0.645   -12.499 1.00 32.39  ? 2   DA  C N6    1 
ATOM   376  N  N1    . DA  C 1 2 ? -0.528  -1.541  -12.769 1.00 29.39  ? 2   DA  C N1    1 
ATOM   377  C  C2    . DA  C 1 2 ? -1.528  -2.424  -12.763 1.00 31.35  ? 2   DA  C C2    1 
ATOM   378  N  N3    . DA  C 1 2 ? -2.826  -2.219  -12.525 1.00 29.84  ? 2   DA  C N3    1 
ATOM   379  C  C4    . DA  C 1 2 ? -3.065  -0.931  -12.276 1.00 24.24  ? 2   DA  C C4    1 
ATOM   380  P  P     . DG  C 1 3 ? -9.247  -2.497  -9.817  1.00 42.45  ? 3   DG  C P     1 
ATOM   381  O  OP1   . DG  C 1 3 ? -10.190 -3.108  -10.782 1.00 40.87  ? 3   DG  C OP1   1 
ATOM   382  O  OP2   . DG  C 1 3 ? -9.680  -1.310  -9.048  1.00 43.06  ? 3   DG  C OP2   1 
ATOM   383  O  "O5'" . DG  C 1 3 ? -8.741  -3.628  -8.804  1.00 38.07  ? 3   DG  C "O5'" 1 
ATOM   384  C  "C5'" . DG  C 1 3 ? -8.959  -3.530  -7.399  1.00 28.96  ? 3   DG  C "C5'" 1 
ATOM   385  C  "C4'" . DG  C 1 3 ? -8.359  -4.751  -6.737  1.00 37.47  ? 3   DG  C "C4'" 1 
ATOM   386  O  "O4'" . DG  C 1 3 ? -6.928  -4.755  -6.970  1.00 41.15  ? 3   DG  C "O4'" 1 
ATOM   387  C  "C3'" . DG  C 1 3 ? -8.554  -4.875  -5.225  1.00 38.21  ? 3   DG  C "C3'" 1 
ATOM   388  O  "O3'" . DG  C 1 3 ? -8.764  -6.262  -4.890  1.00 47.19  ? 3   DG  C "O3'" 1 
ATOM   389  C  "C2'" . DG  C 1 3 ? -7.228  -4.371  -4.685  1.00 41.93  ? 3   DG  C "C2'" 1 
ATOM   390  C  "C1'" . DG  C 1 3 ? -6.261  -4.886  -5.744  1.00 39.61  ? 3   DG  C "C1'" 1 
ATOM   391  N  N9    . DG  C 1 3 ? -4.999  -4.143  -5.786  1.00 33.65  ? 3   DG  C N9    1 
ATOM   392  C  C8    . DG  C 1 3 ? -3.732  -4.672  -5.843  1.00 32.97  ? 3   DG  C C8    1 
ATOM   393  N  N7    . DG  C 1 3 ? -2.790  -3.770  -5.828  1.00 33.95  ? 3   DG  C N7    1 
ATOM   394  C  C5    . DG  C 1 3 ? -3.470  -2.566  -5.745  1.00 28.08  ? 3   DG  C C5    1 
ATOM   395  C  C6    . DG  C 1 3 ? -2.976  -1.246  -5.689  1.00 33.40  ? 3   DG  C C6    1 
ATOM   396  O  O6    . DG  C 1 3 ? -1.793  -0.869  -5.702  1.00 32.95  ? 3   DG  C O6    1 
ATOM   397  N  N1    . DG  C 1 3 ? -4.003  -0.313  -5.595  1.00 25.19  ? 3   DG  C N1    1 
ATOM   398  C  C2    . DG  C 1 3 ? -5.335  -0.617  -5.574  1.00 37.82  ? 3   DG  C C2    1 
ATOM   399  N  N2    . DG  C 1 3 ? -6.180  0.416   -5.493  1.00 36.72  ? 3   DG  C N2    1 
ATOM   400  N  N3    . DG  C 1 3 ? -5.810  -1.842  -5.631  1.00 27.86  ? 3   DG  C N3    1 
ATOM   401  C  C4    . DG  C 1 3 ? -4.828  -2.770  -5.707  1.00 29.05  ? 3   DG  C C4    1 
ATOM   402  P  P     A DG  C 1 4 ? -8.764  -6.758  -3.357  0.50 44.49  ? 4   DG  C P     1 
ATOM   403  P  P     B DG  C 1 4 ? -9.142  -6.701  -3.390  0.50 45.08  ? 4   DG  C P     1 
ATOM   404  O  OP1   A DG  C 1 4 ? -9.504  -8.040  -3.315  0.50 48.99  ? 4   DG  C OP1   1 
ATOM   405  O  OP1   B DG  C 1 4 ? -10.111 -7.817  -3.489  0.50 45.32  ? 4   DG  C OP1   1 
ATOM   406  O  OP2   A DG  C 1 4 ? -9.217  -5.634  -2.505  0.50 50.70  ? 4   DG  C OP2   1 
ATOM   407  O  OP2   B DG  C 1 4 ? -9.514  -5.488  -2.629  0.50 51.25  ? 4   DG  C OP2   1 
ATOM   408  O  "O5'" A DG  C 1 4 ? -7.218  -7.059  -3.040  0.50 49.08  ? 4   DG  C "O5'" 1 
ATOM   409  O  "O5'" B DG  C 1 4 ? -7.763  -7.274  -2.804  0.50 49.07  ? 4   DG  C "O5'" 1 
ATOM   410  C  "C5'" A DG  C 1 4 ? -6.494  -7.937  -3.888  0.50 42.35  ? 4   DG  C "C5'" 1 
ATOM   411  C  "C5'" B DG  C 1 4 ? -7.022  -8.247  -3.542  0.50 42.57  ? 4   DG  C "C5'" 1 
ATOM   412  C  "C4'" A DG  C 1 4 ? -5.104  -8.244  -3.353  0.50 41.33  ? 4   DG  C "C4'" 1 
ATOM   413  C  "C4'" B DG  C 1 4 ? -5.538  -8.199  -3.194  0.50 42.08  ? 4   DG  C "C4'" 1 
ATOM   414  O  "O4'" A DG  C 1 4 ? -4.173  -7.188  -3.688  0.50 37.73  ? 4   DG  C "O4'" 1 
ATOM   415  O  "O4'" B DG  C 1 4 ? -5.000  -6.905  -3.510  0.50 39.55  ? 4   DG  C "O4'" 1 
ATOM   416  C  "C3'" A DG  C 1 4 ? -5.000  -8.435  -1.835  0.50 45.87  ? 4   DG  C "C3'" 1 
ATOM   417  C  "C3'" B DG  C 1 4 ? -5.210  -8.421  -1.722  0.50 45.75  ? 4   DG  C "C3'" 1 
ATOM   418  O  "O3'" A DG  C 1 4 ? -4.741  -9.811  -1.552  0.50 54.34  ? 4   DG  C "O3'" 1 
ATOM   419  O  "O3'" B DG  C 1 4 ? -4.777  -9.754  -1.525  0.50 54.32  ? 4   DG  C "O3'" 1 
ATOM   420  C  "C2'" A DG  C 1 4 ? -3.819  -7.532  -1.427  0.50 41.10  ? 4   DG  C "C2'" 1 
ATOM   421  C  "C2'" B DG  C 1 4 ? -4.082  -7.418  -1.414  0.50 41.04  ? 4   DG  C "C2'" 1 
ATOM   422  C  "C1'" A DG  C 1 4 ? -3.129  -7.273  -2.761  0.50 37.43  ? 4   DG  C "C1'" 1 
ATOM   423  C  "C1'" B DG  C 1 4 ? -3.840  -6.708  -2.743  0.50 38.01  ? 4   DG  C "C1'" 1 
ATOM   424  N  N9    A DG  C 1 4 ? -2.296  -6.058  -2.787  0.50 32.83  ? 4   DG  C N9    1 
ATOM   425  N  N9    B DG  C 1 4 ? -3.625  -5.273  -2.594  0.50 35.73  ? 4   DG  C N9    1 
ATOM   426  C  C8    A DG  C 1 4 ? -0.927  -6.015  -2.920  0.50 31.59  ? 4   DG  C C8    1 
ATOM   427  C  C8    B DG  C 1 4 ? -4.587  -4.317  -2.386  0.50 35.00  ? 4   DG  C C8    1 
ATOM   428  N  N7    A DG  C 1 4 ? -0.432  -4.812  -2.880  0.50 31.78  ? 4   DG  C N7    1 
ATOM   429  N  N7    B DG  C 1 4 ? -4.106  -3.109  -2.288  0.50 30.68  ? 4   DG  C N7    1 
ATOM   430  C  C5    A DG  C 1 4 ? -1.535  -3.991  -2.706  0.50 29.64  ? 4   DG  C C5    1 
ATOM   431  C  C5    B DG  C 1 4 ? -2.737  -3.274  -2.431  0.50 33.43  ? 4   DG  C C5    1 
ATOM   432  C  C6    A DG  C 1 4 ? -1.611  -2.578  -2.593  0.50 31.72  ? 4   DG  C C6    1 
ATOM   433  C  C6    B DG  C 1 4 ? -1.701  -2.314  -2.405  0.50 31.67  ? 4   DG  C C6    1 
ATOM   434  O  O6    A DG  C 1 4 ? -0.683  -1.748  -2.632  0.50 26.01  ? 4   DG  C O6    1 
ATOM   435  O  O6    B DG  C 1 4 ? -1.797  -1.088  -2.249  0.50 31.12  ? 4   DG  C O6    1 
ATOM   436  N  N1    A DG  C 1 4 ? -2.922  -2.146  -2.425  0.50 30.01  ? 4   DG  C N1    1 
ATOM   437  N  N1    B DG  C 1 4 ? -0.450  -2.897  -2.589  0.50 31.97  ? 4   DG  C N1    1 
ATOM   438  C  C2    A DG  C 1 4 ? -4.021  -2.973  -2.368  0.50 30.67  ? 4   DG  C C2    1 
ATOM   439  C  C2    B DG  C 1 4 ? -0.227  -4.240  -2.771  0.50 32.43  ? 4   DG  C C2    1 
ATOM   440  N  N2    A DG  C 1 4 ? -5.206  -2.370  -2.193  0.50 32.55  ? 4   DG  C N2    1 
ATOM   441  N  N2    B DG  C 1 4 ? 1.054   -4.609  -2.934  0.50 28.83  ? 4   DG  C N2    1 
ATOM   442  N  N3    A DG  C 1 4 ? -3.964  -4.300  -2.465  0.50 33.00  ? 4   DG  C N3    1 
ATOM   443  N  N3    B DG  C 1 4 ? -1.191  -5.157  -2.799  0.50 31.72  ? 4   DG  C N3    1 
ATOM   444  C  C4    A DG  C 1 4 ? -2.696  -4.740  -2.635  0.50 32.45  ? 4   DG  C C4    1 
ATOM   445  C  C4    B DG  C 1 4 ? -2.420  -4.602  -2.620  0.50 32.87  ? 4   DG  C C4    1 
ATOM   446  P  P     . DG  C 1 5 ? -4.742  -10.371 -0.045  1.00 60.26  ? 5   DG  C P     1 
ATOM   447  O  OP1   . DG  C 1 5 ? -5.021  -11.823 -0.138  1.00 68.57  ? 5   DG  C OP1   1 
ATOM   448  O  OP2   . DG  C 1 5 ? -5.585  -9.499  0.805   1.00 48.52  ? 5   DG  C OP2   1 
ATOM   449  O  "O5'" . DG  C 1 5 ? -3.235  -10.182 0.413   1.00 55.03  ? 5   DG  C "O5'" 1 
ATOM   450  C  "C5'" . DG  C 1 5 ? -2.190  -10.523 -0.475  1.00 53.39  ? 5   DG  C "C5'" 1 
ATOM   451  C  "C4'" . DG  C 1 5 ? -0.877  -10.035 0.078   1.00 56.84  ? 5   DG  C "C4'" 1 
ATOM   452  O  "O4'" . DG  C 1 5 ? -0.722  -8.623  -0.214  1.00 56.40  ? 5   DG  C "O4'" 1 
ATOM   453  C  "C3'" . DG  C 1 5 ? -0.765  -10.170 1.595   1.00 56.41  ? 5   DG  C "C3'" 1 
ATOM   454  O  "O3'" . DG  C 1 5 ? 0.489   -10.697 1.935   1.00 62.97  ? 5   DG  C "O3'" 1 
ATOM   455  C  "C2'" . DG  C 1 5 ? -0.931  -8.741  2.097   1.00 48.26  ? 5   DG  C "C2'" 1 
ATOM   456  C  "C1'" . DG  C 1 5 ? -0.318  -7.958  0.956   1.00 48.51  ? 5   DG  C "C1'" 1 
ATOM   457  N  N9    . DG  C 1 5 ? -0.779  -6.583  0.901   1.00 34.86  ? 5   DG  C N9    1 
ATOM   458  C  C8    . DG  C 1 5 ? -2.070  -6.133  1.022   1.00 36.74  ? 5   DG  C C8    1 
ATOM   459  N  N7    . DG  C 1 5 ? -2.172  -4.836  0.949   1.00 32.73  ? 5   DG  C N7    1 
ATOM   460  C  C5    . DG  C 1 5 ? -0.867  -4.412  0.768   1.00 28.85  ? 5   DG  C C5    1 
ATOM   461  C  C6    . DG  C 1 5 ? -0.347  -3.112  0.639   1.00 28.15  ? 5   DG  C C6    1 
ATOM   462  O  O6    . DG  C 1 5 ? -0.958  -2.047  0.640   1.00 28.82  ? 5   DG  C O6    1 
ATOM   463  N  N1    . DG  C 1 5 ? 1.023   -3.119  0.493   1.00 30.43  ? 5   DG  C N1    1 
ATOM   464  C  C2    . DG  C 1 5 ? 1.804   -4.237  0.477   1.00 31.30  ? 5   DG  C C2    1 
ATOM   465  N  N2    . DG  C 1 5 ? 3.121   -4.035  0.328   1.00 34.47  ? 5   DG  C N2    1 
ATOM   466  N  N3    . DG  C 1 5 ? 1.332   -5.466  0.605   1.00 28.84  ? 5   DG  C N3    1 
ATOM   467  C  C4    . DG  C 1 5 ? -0.004  -5.476  0.745   1.00 31.57  ? 5   DG  C C4    1 
ATOM   468  P  P     . DT  C 1 6 ? 0.579   -12.116 2.674   1.00 75.24  ? 6   DT  C P     1 
ATOM   469  O  OP1   . DT  C 1 6 ? 0.726   -13.142 1.614   1.00 68.04  ? 6   DT  C OP1   1 
ATOM   470  O  OP2   . DT  C 1 6 ? -0.511  -12.200 3.675   1.00 58.51  ? 6   DT  C OP2   1 
ATOM   471  O  "O5'" . DT  C 1 6 ? 1.943   -12.016 3.476   1.00 61.94  ? 6   DT  C "O5'" 1 
ATOM   472  C  "C5'" . DT  C 1 6 ? 3.077   -11.500 2.828   1.00 61.36  ? 6   DT  C "C5'" 1 
ATOM   473  C  "C4'" . DT  C 1 6 ? 4.019   -10.880 3.832   1.00 63.77  ? 6   DT  C "C4'" 1 
ATOM   474  O  "O4'" . DT  C 1 6 ? 3.493   -9.613  4.297   1.00 54.05  ? 6   DT  C "O4'" 1 
ATOM   475  C  "C3'" . DT  C 1 6 ? 4.291   -11.723 5.072   1.00 52.01  ? 6   DT  C "C3'" 1 
ATOM   476  O  "O3'" . DT  C 1 6 ? 5.698   -11.793 5.248   1.00 65.70  ? 6   DT  C "O3'" 1 
ATOM   477  C  "C2'" . DT  C 1 6 ? 3.583   -10.949 6.207   1.00 45.32  ? 6   DT  C "C2'" 1 
ATOM   478  C  "C1'" . DT  C 1 6 ? 3.643   -9.515  5.693   1.00 48.78  ? 6   DT  C "C1'" 1 
ATOM   479  N  N1    . DT  C 1 6 ? 2.550   -8.613  6.181   1.00 37.60  ? 6   DT  C N1    1 
ATOM   480  C  C2    . DT  C 1 6 ? 2.869   -7.348  6.634   1.00 36.36  ? 6   DT  C C2    1 
ATOM   481  O  O2    . DT  C 1 6 ? 4.009   -6.934  6.713   1.00 42.32  ? 6   DT  C O2    1 
ATOM   482  N  N3    . DT  C 1 6 ? 1.794   -6.585  7.015   1.00 28.02  ? 6   DT  C N3    1 
ATOM   483  C  C4    . DT  C 1 6 ? 0.462   -6.948  6.973   1.00 33.09  ? 6   DT  C C4    1 
ATOM   484  O  O4    . DT  C 1 6 ? -0.436  -6.194  7.327   1.00 36.11  ? 6   DT  C O4    1 
ATOM   485  C  C5    . DT  C 1 6 ? 0.197   -8.278  6.469   1.00 33.30  ? 6   DT  C C5    1 
ATOM   486  C  C7    . DT  C 1 6 ? -1.211  -8.777  6.374   1.00 34.00  ? 6   DT  C C7    1 
ATOM   487  C  C6    . DT  C 1 6 ? 1.240   -9.034  6.094   1.00 37.42  ? 6   DT  C C6    1 
ATOM   488  P  P     . DT  C 1 7 ? 6.335   -12.794 6.315   1.00 67.81  ? 7   DT  C P     1 
ATOM   489  O  OP1   . DT  C 1 7 ? 7.555   -13.383 5.713   1.00 67.69  ? 7   DT  C OP1   1 
ATOM   490  O  OP2   . DT  C 1 7 ? 5.260   -13.683 6.817   1.00 68.06  ? 7   DT  C OP2   1 
ATOM   491  O  "O5'" . DT  C 1 7 ? 6.791   -11.812 7.482   1.00 62.66  ? 7   DT  C "O5'" 1 
ATOM   492  C  "C5'" . DT  C 1 7 ? 7.216   -10.472 7.178   1.00 50.94  ? 7   DT  C "C5'" 1 
ATOM   493  C  "C4'" . DT  C 1 7 ? 7.285   -9.641  8.438   1.00 60.07  ? 7   DT  C "C4'" 1 
ATOM   494  O  "O4'" . DT  C 1 7 ? 6.090   -8.834  8.556   1.00 53.94  ? 7   DT  C "O4'" 1 
ATOM   495  C  "C3'" . DT  C 1 7 ? 7.393   -10.448 9.736   1.00 67.26  ? 7   DT  C "C3'" 1 
ATOM   496  O  "O3'" . DT  C 1 7 ? 8.492   -9.981  10.520  1.00 76.47  ? 7   DT  C "O3'" 1 
ATOM   497  C  "C2'" . DT  C 1 7 ? 6.078   -10.186 10.449  1.00 54.83  ? 7   DT  C "C2'" 1 
ATOM   498  C  "C1'" . DT  C 1 7 ? 5.669   -8.833  9.903   1.00 49.47  ? 7   DT  C "C1'" 1 
ATOM   499  N  N1    . DT  C 1 7 ? 4.218   -8.593  9.924   1.00 38.39  ? 7   DT  C N1    1 
ATOM   500  C  C2    . DT  C 1 7 ? 3.775   -7.303  10.106  1.00 39.05  ? 7   DT  C C2    1 
ATOM   501  O  O2    . DT  C 1 7 ? 4.527   -6.353  10.233  1.00 39.41  ? 7   DT  C O2    1 
ATOM   502  N  N3    . DT  C 1 7 ? 2.410   -7.165  10.126  1.00 36.50  ? 7   DT  C N3    1 
ATOM   503  C  C4    . DT  C 1 7 ? 1.467   -8.166  9.992   1.00 44.66  ? 7   DT  C C4    1 
ATOM   504  O  O4    . DT  C 1 7 ? 0.272   -7.890  10.031  1.00 41.24  ? 7   DT  C O4    1 
ATOM   505  C  C5    . DT  C 1 7 ? 2.002   -9.495  9.810   1.00 41.32  ? 7   DT  C C5    1 
ATOM   506  C  C7    . DT  C 1 7 ? 1.057   -10.644 9.655   1.00 46.61  ? 7   DT  C C7    1 
ATOM   507  C  C6    . DT  C 1 7 ? 3.334   -9.640  9.789   1.00 42.71  ? 7   DT  C C6    1 
ATOM   508  P  P     . DA  C 1 8 ? 9.196   -10.961 11.568  1.00 96.88  ? 8   DA  C P     1 
ATOM   509  O  OP1   . DA  C 1 8 ? 8.146   -11.815 12.174  1.00 91.76  ? 8   DA  C OP1   1 
ATOM   510  O  OP2   . DA  C 1 8 ? 10.070  -10.142 12.444  1.00 85.93  ? 8   DA  C OP2   1 
ATOM   511  O  "O5'" . DA  C 1 8 ? 10.102  -11.887 10.641  1.00 88.31  ? 8   DA  C "O5'" 1 
ATOM   512  C  "C5'" . DA  C 1 8 ? 10.923  -11.322 9.603   1.00 66.16  ? 8   DA  C "C5'" 1 
ATOM   513  O  "O5'" . DT  D 1 1 ? 9.621   3.208   -11.474 1.00 72.06  ? 1   DT  D "O5'" 1 
ATOM   514  C  "C5'" . DT  D 1 1 ? 10.651  3.340   -12.446 1.00 73.48  ? 1   DT  D "C5'" 1 
ATOM   515  C  "C4'" . DT  D 1 1 ? 10.138  4.085   -13.662 1.00 79.06  ? 1   DT  D "C4'" 1 
ATOM   516  O  "O4'" . DT  D 1 1 ? 11.147  4.096   -14.692 1.00 84.79  ? 1   DT  D "O4'" 1 
ATOM   517  C  "C3'" . DT  D 1 1 ? 8.902   3.482   -14.305 1.00 72.98  ? 1   DT  D "C3'" 1 
ATOM   518  O  "O3'" . DT  D 1 1 ? 8.084   4.504   -14.827 1.00 69.45  ? 1   DT  D "O3'" 1 
ATOM   519  C  "C2'" . DT  D 1 1 ? 9.450   2.582   -15.415 1.00 77.44  ? 1   DT  D "C2'" 1 
ATOM   520  C  "C1'" . DT  D 1 1 ? 10.881  3.081   -15.638 1.00 84.76  ? 1   DT  D "C1'" 1 
ATOM   521  N  N1    . DT  D 1 1 ? 11.887  2.016   -15.468 1.00 94.76  ? 1   DT  D N1    1 
ATOM   522  C  C2    . DT  D 1 1 ? 13.084  2.110   -16.130 1.00 87.67  ? 1   DT  D C2    1 
ATOM   523  O  O2    . DT  D 1 1 ? 13.371  3.046   -16.857 1.00 69.88  ? 1   DT  D O2    1 
ATOM   524  N  N3    . DT  D 1 1 ? 13.941  1.064   -15.906 1.00 95.53  ? 1   DT  D N3    1 
ATOM   525  C  C4    . DT  D 1 1 ? 13.715  -0.044  -15.104 1.00 97.53  ? 1   DT  D C4    1 
ATOM   526  O  O4    . DT  D 1 1 ? 14.547  -0.933  -14.965 1.00 102.11 ? 1   DT  D O4    1 
ATOM   527  C  C5    . DT  D 1 1 ? 12.432  -0.075  -14.441 1.00 96.49  ? 1   DT  D C5    1 
ATOM   528  C  C7    . DT  D 1 1 ? 12.066  -1.221  -13.543 1.00 97.53  ? 1   DT  D C7    1 
ATOM   529  C  C6    . DT  D 1 1 ? 11.592  0.941   -14.656 1.00 94.65  ? 1   DT  D C6    1 
ATOM   530  P  P     . DA  D 1 2 ? 6.507   4.257   -14.996 1.00 62.61  ? 2   DA  D P     1 
ATOM   531  O  OP1   . DA  D 1 2 ? 6.266   2.791   -15.064 1.00 59.53  ? 2   DA  D OP1   1 
ATOM   532  O  OP2   . DA  D 1 2 ? 6.054   5.193   -16.049 1.00 57.45  ? 2   DA  D OP2   1 
ATOM   533  O  "O5'" . DA  D 1 2 ? 5.886   4.783   -13.628 1.00 49.38  ? 2   DA  D "O5'" 1 
ATOM   534  C  "C5'" . DA  D 1 2 ? 5.834   6.173   -13.371 1.00 40.79  ? 2   DA  D "C5'" 1 
ATOM   535  C  "C4'" . DA  D 1 2 ? 5.285   6.429   -11.986 1.00 29.92  ? 2   DA  D "C4'" 1 
ATOM   536  O  "O4'" . DA  D 1 2 ? 3.836   6.267   -11.997 1.00 33.00  ? 2   DA  D "O4'" 1 
ATOM   537  C  "C3'" . DA  D 1 2 ? 5.796   5.467   -10.912 1.00 36.75  ? 2   DA  D "C3'" 1 
ATOM   538  O  "O3'" . DA  D 1 2 ? 5.928   6.174   -9.698  1.00 46.32  ? 2   DA  D "O3'" 1 
ATOM   539  C  "C2'" . DA  D 1 2 ? 4.655   4.451   -10.826 1.00 32.54  ? 2   DA  D "C2'" 1 
ATOM   540  C  "C1'" . DA  D 1 2 ? 3.490   5.406   -10.947 1.00 29.62  ? 2   DA  D "C1'" 1 
ATOM   541  N  N9    . DA  D 1 2 ? 2.193   4.789   -11.229 1.00 27.50  ? 2   DA  D N9    1 
ATOM   542  C  C8    . DA  D 1 2 ? 1.907   3.461   -11.375 1.00 34.01  ? 2   DA  D C8    1 
ATOM   543  N  N7    . DA  D 1 2 ? 0.634   3.224   -11.611 1.00 32.20  ? 2   DA  D N7    1 
ATOM   544  C  C5    . DA  D 1 2 ? 0.055   4.490   -11.611 1.00 30.37  ? 2   DA  D C5    1 
ATOM   545  C  C6    . DA  D 1 2 ? -1.272  4.946   -11.800 1.00 38.59  ? 2   DA  D C6    1 
ATOM   546  N  N6    . DA  D 1 2 ? -2.312  4.135   -12.036 1.00 35.31  ? 2   DA  D N6    1 
ATOM   547  N  N1    . DA  D 1 2 ? -1.492  6.274   -11.741 1.00 41.65  ? 2   DA  D N1    1 
ATOM   548  C  C2    . DA  D 1 2 ? -0.457  7.088   -11.504 1.00 41.53  ? 2   DA  D C2    1 
ATOM   549  N  N3    . DA  D 1 2 ? 0.824   6.781   -11.309 1.00 36.82  ? 2   DA  D N3    1 
ATOM   550  C  C4    . DA  D 1 2 ? 1.014   5.457   -11.381 1.00 29.26  ? 2   DA  D C4    1 
ATOM   551  P  P     . DG  D 1 3 ? 7.231   5.998   -8.781  1.00 54.93  ? 3   DG  D P     1 
ATOM   552  O  OP1   . DG  D 1 3 ? 8.364   6.514   -9.577  1.00 43.46  ? 3   DG  D OP1   1 
ATOM   553  O  OP2   . DG  D 1 3 ? 7.268   4.612   -8.263  1.00 50.52  ? 3   DG  D OP2   1 
ATOM   554  O  "O5'" . DG  D 1 3 ? 6.947   6.980   -7.555  1.00 45.61  ? 3   DG  D "O5'" 1 
ATOM   555  C  "C5'" . DG  D 1 3 ? 7.340   6.617   -6.242  1.00 46.31  ? 3   DG  D "C5'" 1 
ATOM   556  C  "C4'" . DG  D 1 3 ? 6.768   7.599   -5.245  1.00 43.71  ? 3   DG  D "C4'" 1 
ATOM   557  O  "O4'" . DG  D 1 3 ? 5.315   7.565   -5.314  1.00 39.69  ? 3   DG  D "O4'" 1 
ATOM   558  C  "C3'" . DG  D 1 3 ? 7.127   7.339   -3.785  1.00 44.46  ? 3   DG  D "C3'" 1 
ATOM   559  O  "O3'" . DG  D 1 3 ? 7.334   8.595   -3.120  1.00 55.54  ? 3   DG  D "O3'" 1 
ATOM   560  C  "C2'" . DG  D 1 3 ? 5.885   6.625   -3.262  1.00 43.01  ? 3   DG  D "C2'" 1 
ATOM   561  C  "C1'" . DG  D 1 3 ? 4.794   7.349   -4.032  1.00 39.58  ? 3   DG  D "C1'" 1 
ATOM   562  N  N9    . DG  D 1 3 ? 3.536   6.600   -4.142  1.00 38.50  ? 3   DG  D N9    1 
ATOM   563  C  C8    . DG  D 1 3 ? 2.275   7.081   -3.881  1.00 39.97  ? 3   DG  D C8    1 
ATOM   564  N  N7    . DG  D 1 3 ? 1.334   6.195   -4.051  1.00 30.47  ? 3   DG  D N7    1 
ATOM   565  C  C5    . DG  D 1 3 ? 2.014   5.049   -4.448  1.00 30.87  ? 3   DG  D C5    1 
ATOM   566  C  C6    . DG  D 1 3 ? 1.516   3.767   -4.769  1.00 36.37  ? 3   DG  D C6    1 
ATOM   567  O  O6    . DG  D 1 3 ? 0.346   3.391   -4.770  1.00 33.15  ? 3   DG  D O6    1 
ATOM   568  N  N1    . DG  D 1 3 ? 2.529   2.886   -5.122  1.00 30.16  ? 3   DG  D N1    1 
ATOM   569  C  C2    . DG  D 1 3 ? 3.858   3.206   -5.161  1.00 33.14  ? 3   DG  D C2    1 
ATOM   570  N  N2    . DG  D 1 3 ? 4.686   2.226   -5.530  1.00 37.37  ? 3   DG  D N2    1 
ATOM   571  N  N3    . DG  D 1 3 ? 4.345   4.400   -4.865  1.00 36.52  ? 3   DG  D N3    1 
ATOM   572  C  C4    . DG  D 1 3 ? 3.367   5.274   -4.511  1.00 35.39  ? 3   DG  D C4    1 
ATOM   573  P  P     A DG  D 1 4 ? 7.536   8.663   -1.523  0.50 56.06  ? 4   DG  D P     1 
ATOM   574  P  P     B DG  D 1 4 ? 7.810   8.642   -1.586  0.50 56.05  ? 4   DG  D P     1 
ATOM   575  O  OP1   A DG  D 1 4 ? 8.170   9.972   -1.247  0.50 54.09  ? 4   DG  D OP1   1 
ATOM   576  O  OP1   B DG  D 1 4 ? 8.599   9.885   -1.423  0.50 54.75  ? 4   DG  D OP1   1 
ATOM   577  O  OP2   A DG  D 1 4 ? 8.195   7.416   -1.076  0.50 54.66  ? 4   DG  D OP2   1 
ATOM   578  O  OP2   B DG  D 1 4 ? 8.421   7.337   -1.246  0.50 55.12  ? 4   DG  D OP2   1 
ATOM   579  O  "O5'" A DG  D 1 4 ? 6.044   8.682   -0.925  0.50 46.54  ? 4   DG  D "O5'" 1 
ATOM   580  O  "O5'" B DG  D 1 4 ? 6.439   8.784   -0.769  0.50 46.30  ? 4   DG  D "O5'" 1 
ATOM   581  C  "C5'" A DG  D 1 4 ? 5.125   9.676   -1.359  0.50 45.39  ? 4   DG  D "C5'" 1 
ATOM   582  C  "C5'" B DG  D 1 4 ? 5.575   9.886   -1.028  0.50 45.66  ? 4   DG  D "C5'" 1 
ATOM   583  C  "C4'" A DG  D 1 4 ? 3.850   9.682   -0.529  0.50 47.40  ? 4   DG  D "C4'" 1 
ATOM   584  C  "C4'" B DG  D 1 4 ? 4.185   9.638   -0.469  0.50 47.32  ? 4   DG  D "C4'" 1 
ATOM   585  O  "O4'" A DG  D 1 4 ? 2.893   8.728   -1.043  0.50 45.80  ? 4   DG  D "O4'" 1 
ATOM   586  O  "O4'" B DG  D 1 4 ? 3.608   8.495   -1.111  0.50 43.64  ? 4   DG  D "O4'" 1 
ATOM   587  C  "C3'" A DG  D 1 4 ? 4.011   9.349   0.962   0.50 48.16  ? 4   DG  D "C3'" 1 
ATOM   588  C  "C3'" B DG  D 1 4 ? 4.138   9.326   1.020   0.50 48.12  ? 4   DG  D "C3'" 1 
ATOM   589  O  "O3'" A DG  D 1 4 ? 3.752   10.520  1.738   0.50 56.41  ? 4   DG  D "O3'" 1 
ATOM   590  O  "O3'" B DG  D 1 4 ? 3.774   10.486  1.740   0.50 56.42  ? 4   DG  D "O3'" 1 
ATOM   591  C  "C2'" A DG  D 1 4 ? 2.955   8.254   1.216   0.50 46.00  ? 4   DG  D "C2'" 1 
ATOM   592  C  "C2'" B DG  D 1 4 ? 3.068   8.227   1.158   0.50 46.01  ? 4   DG  D "C2'" 1 
ATOM   593  C  "C1'" A DG  D 1 4 ? 2.034   8.418   0.014   0.50 42.11  ? 4   DG  D "C1'" 1 
ATOM   594  C  "C1'" B DG  D 1 4 ? 2.612   7.972   -0.276  0.50 43.21  ? 4   DG  D "C1'" 1 
ATOM   595  N  N9    A DG  D 1 4 ? 1.243   7.231   -0.317  0.50 40.39  ? 4   DG  D N9    1 
ATOM   596  N  N9    B DG  D 1 4 ? 2.472   6.562   -0.589  0.50 41.30  ? 4   DG  D N9    1 
ATOM   597  C  C8    A DG  D 1 4 ? -0.128  7.133   -0.295  0.50 40.04  ? 4   DG  D C8    1 
ATOM   598  C  C8    B DG  D 1 4 ? 3.486   5.650   -0.739  0.50 39.68  ? 4   DG  D C8    1 
ATOM   599  N  N7    A DG  D 1 4 ? -0.573  5.957   -0.631  0.50 40.70  ? 4   DG  D N7    1 
ATOM   600  N  N7    B DG  D 1 4 ? 3.068   4.453   -1.028  0.50 36.73  ? 4   DG  D N7    1 
ATOM   601  C  C5    A DG  D 1 4 ? 0.572   5.221   -0.894  0.50 37.52  ? 4   DG  D C5    1 
ATOM   602  C  C5    B DG  D 1 4 ? 1.691   4.583   -1.081  0.50 36.06  ? 4   DG  D C5    1 
ATOM   603  C  C6    A DG  D 1 4 ? 0.713   3.876   -1.302  0.50 36.98  ? 4   DG  D C6    1 
ATOM   604  C  C6    B DG  D 1 4 ? 0.708   3.616   -1.351  0.50 36.95  ? 4   DG  D C6    1 
ATOM   605  O  O6    A DG  D 1 4 ? -0.177  3.044   -1.522  0.50 36.68  ? 4   DG  D O6    1 
ATOM   606  O  O6    B DG  D 1 4 ? 0.872   2.418   -1.612  0.50 33.29  ? 4   DG  D O6    1 
ATOM   607  N  N1    A DG  D 1 4 ? 2.044   3.521   -1.458  0.50 35.70  ? 4   DG  D N1    1 
ATOM   608  N  N1    B DG  D 1 4 ? -0.575  4.158   -1.301  0.50 37.06  ? 4   DG  D N1    1 
ATOM   609  C  C2    A DG  D 1 4 ? 3.110   4.356   -1.244  0.50 36.84  ? 4   DG  D C2    1 
ATOM   610  C  C2    B DG  D 1 4 ? -0.863  5.474   -1.026  0.50 40.62  ? 4   DG  D C2    1 
ATOM   611  N  N2    A DG  D 1 4 ? 4.325   3.826   -1.450  0.50 36.94  ? 4   DG  D N2    1 
ATOM   612  N  N2    B DG  D 1 4 ? -2.160  5.814   -1.026  0.50 36.02  ? 4   DG  D N2    1 
ATOM   613  N  N3    A DG  D 1 4 ? 2.997   5.624   -0.859  0.50 39.44  ? 4   DG  D N3    1 
ATOM   614  N  N3    B DG  D 1 4 ? 0.057   6.395   -0.772  0.50 39.33  ? 4   DG  D N3    1 
ATOM   615  C  C4    A DG  D 1 4 ? 1.702   5.987   -0.703  0.50 39.13  ? 4   DG  D C4    1 
ATOM   616  C  C4    B DG  D 1 4 ? 1.307   5.876   -0.813  0.50 39.53  ? 4   DG  D C4    1 
ATOM   617  P  P     . DG  D 1 5 ? 3.903   10.506  3.339   1.00 61.34  ? 5   DG  D P     1 
ATOM   618  O  OP1   . DG  D 1 5 ? 4.142   11.907  3.755   1.00 71.43  ? 5   DG  D OP1   1 
ATOM   619  O  OP2   . DG  D 1 5 ? 4.855   9.440   3.731   1.00 56.34  ? 5   DG  D OP2   1 
ATOM   620  O  "O5'" . DG  D 1 5 ? 2.455   10.059  3.847   1.00 59.30  ? 5   DG  D "O5'" 1 
ATOM   621  C  "C5'" . DG  D 1 5 ? 1.295   10.735  3.370   1.00 50.19  ? 5   DG  D "C5'" 1 
ATOM   622  C  "C4'" . DG  D 1 5 ? 0.039   10.058  3.889   1.00 60.13  ? 5   DG  D "C4'" 1 
ATOM   623  O  "O4'" . DG  D 1 5 ? -0.203  8.834   3.146   1.00 54.88  ? 5   DG  D "O4'" 1 
ATOM   624  C  "C3'" . DG  D 1 5 ? 0.089   9.658   5.365   1.00 59.67  ? 5   DG  D "C3'" 1 
ATOM   625  O  "O3'" . DG  D 1 5 ? -1.137  9.965   5.978   1.00 73.11  ? 5   DG  D "O3'" 1 
ATOM   626  C  "C2'" . DG  D 1 5 ? 0.315   8.150   5.314   1.00 54.16  ? 5   DG  D "C2'" 1 
ATOM   627  C  "C1'" . DG  D 1 5 ? -0.443  7.783   4.051   1.00 46.78  ? 5   DG  D "C1'" 1 
ATOM   628  N  N9    . DG  D 1 5 ? 0.011   6.535   3.449   1.00 47.36  ? 5   DG  D N9    1 
ATOM   629  C  C8    . DG  D 1 5 ? 1.305   6.138   3.245   1.00 46.48  ? 5   DG  D C8    1 
ATOM   630  N  N7    . DG  D 1 5 ? 1.406   4.968   2.684   1.00 40.15  ? 5   DG  D N7    1 
ATOM   631  C  C5    . DG  D 1 5 ? 0.092   4.561   2.516   1.00 37.51  ? 5   DG  D C5    1 
ATOM   632  C  C6    . DG  D 1 5 ? -0.423  3.379   1.961   1.00 43.35  ? 5   DG  D C6    1 
ATOM   633  O  O6    . DG  D 1 5 ? 0.207   2.416   1.504   1.00 35.01  ? 5   DG  D O6    1 
ATOM   634  N  N1    . DG  D 1 5 ? -1.817  3.366   1.975   1.00 36.12  ? 5   DG  D N1    1 
ATOM   635  C  C2    . DG  D 1 5 ? -2.604  4.377   2.470   1.00 40.93  ? 5   DG  D C2    1 
ATOM   636  N  N2    . DG  D 1 5 ? -3.933  4.191   2.402   1.00 41.04  ? 5   DG  D N2    1 
ATOM   637  N  N3    . DG  D 1 5 ? -2.127  5.495   2.993   1.00 33.71  ? 5   DG  D N3    1 
ATOM   638  C  C4    . DG  D 1 5 ? -0.778  5.516   2.982   1.00 43.03  ? 5   DG  D C4    1 
ATOM   639  P  P     . DT  D 1 6 ? -1.313  11.351  6.763   1.00 73.50  ? 6   DT  D P     1 
ATOM   640  O  OP1   . DT  D 1 6 ? -1.554  12.422  5.765   1.00 76.86  ? 6   DT  D OP1   1 
ATOM   641  O  OP2   . DT  D 1 6 ? -0.212  11.434  7.748   1.00 65.77  ? 6   DT  D OP2   1 
ATOM   642  O  "O5'" . DT  D 1 6 ? -2.637  11.129  7.601   1.00 74.69  ? 6   DT  D "O5'" 1 
ATOM   643  C  "C5'" . DT  D 1 6 ? -2.637  10.170  8.606   1.00 68.43  ? 6   DT  D "C5'" 1 
ATOM   644  C  "C4'" . DT  D 1 6 ? -4.029  9.647   8.832   1.00 74.90  ? 6   DT  D "C4'" 1 
ATOM   645  O  "O4'" . DT  D 1 6 ? -4.046  8.228   8.552   1.00 64.50  ? 6   DT  D "O4'" 1 
ATOM   646  C  "C3'" . DT  D 1 6 ? -4.507  9.772   10.261  1.00 90.24  ? 6   DT  D "C3'" 1 
ATOM   647  O  "O3'" . DT  D 1 6 ? -5.931  9.762   10.298  1.00 94.40  ? 6   DT  D "O3'" 1 
ATOM   648  C  "C2'" . DT  D 1 6 ? -3.902  8.525   10.899  1.00 83.37  ? 6   DT  D "C2'" 1 
ATOM   649  C  "C1'" . DT  D 1 6 ? -4.014  7.503   9.767   1.00 74.51  ? 6   DT  D "C1'" 1 
ATOM   650  N  N1    . DT  D 1 6 ? -2.880  6.528   9.709   1.00 69.65  ? 6   DT  D N1    1 
ATOM   651  C  C2    . DT  D 1 6 ? -3.157  5.186   9.785   1.00 60.42  ? 6   DT  D C2    1 
ATOM   652  O  O2    . DT  D 1 6 ? -4.282  4.748   9.903   1.00 62.45  ? 6   DT  D O2    1 
ATOM   653  N  N3    . DT  D 1 6 ? -2.062  4.366   9.718   1.00 49.95  ? 6   DT  D N3    1 
ATOM   654  C  C4    . DT  D 1 6 ? -0.742  4.749   9.583   1.00 51.30  ? 6   DT  D C4    1 
ATOM   655  O  O4    . DT  D 1 6 ? 0.174   3.935   9.529   1.00 44.24  ? 6   DT  D O4    1 
ATOM   656  C  C5    . DT  D 1 6 ? -0.517  6.174   9.506   1.00 61.02  ? 6   DT  D C5    1 
ATOM   657  C  C7    . DT  D 1 6 ? 0.877   6.705   9.357   1.00 48.48  ? 6   DT  D C7    1 
ATOM   658  C  C6    . DT  D 1 6 ? -1.585  6.988   9.571   1.00 65.06  ? 6   DT  D C6    1 
ATOM   659  P  P     . DT  D 1 7 ? -6.709  9.773   11.703  1.00 103.62 ? 7   DT  D P     1 
ATOM   660  O  OP1   . DT  D 1 7 ? -8.017  10.423  11.459  1.00 104.60 ? 7   DT  D OP1   1 
ATOM   661  O  OP2   . DT  D 1 7 ? -5.800  10.302  12.750  1.00 92.45  ? 7   DT  D OP2   1 
ATOM   662  O  "O5'" . DT  D 1 7 ? -6.942  8.220   12.004  1.00 99.61  ? 7   DT  D "O5'" 1 
ATOM   663  C  "C5'" . DT  D 1 7 ? -6.995  7.754   13.339  1.00 100.38 ? 7   DT  D "C5'" 1 
ATOM   664  C  "C4'" . DT  D 1 7 ? -6.670  6.275   13.399  1.00 95.92  ? 7   DT  D "C4'" 1 
ATOM   665  O  "O4'" . DT  D 1 7 ? -5.481  6.023   12.624  1.00 90.58  ? 7   DT  D "O4'" 1 
ATOM   666  C  "C3'" . DT  D 1 7 ? -6.354  5.755   14.785  1.00 103.22 ? 7   DT  D "C3'" 1 
ATOM   667  O  "O3'" . DT  D 1 7 ? -7.548  5.348   15.429  1.00 110.92 ? 7   DT  D "O3'" 1 
ATOM   668  C  "C2'" . DT  D 1 7 ? -5.442  4.564   14.502  1.00 100.79 ? 7   DT  D "C2'" 1 
ATOM   669  C  "C1'" . DT  D 1 7 ? -4.722  4.987   13.219  1.00 96.58  ? 7   DT  D "C1'" 1 
ATOM   670  N  N1    . DT  D 1 7 ? -3.330  5.486   13.432  1.00 93.52  ? 7   DT  D N1    1 
ATOM   671  C  C2    . DT  D 1 7 ? -2.282  4.599   13.366  1.00 86.59  ? 7   DT  D C2    1 
ATOM   672  O  O2    . DT  D 1 7 ? -2.426  3.408   13.156  1.00 83.72  ? 7   DT  D O2    1 
ATOM   673  N  N3    . DT  D 1 7 ? -1.049  5.157   13.564  1.00 85.80  ? 7   DT  D N3    1 
ATOM   674  C  C4    . DT  D 1 7 ? -0.764  6.486   13.810  1.00 93.29  ? 7   DT  D C4    1 
ATOM   675  O  O4    . DT  D 1 7 ? 0.382   6.892   13.973  1.00 99.97  ? 7   DT  D O4    1 
ATOM   676  C  C5    . DT  D 1 7 ? -1.908  7.365   13.861  1.00 96.28  ? 7   DT  D C5    1 
ATOM   677  C  C7    . DT  D 1 7 ? -1.727  8.832   14.123  1.00 96.97  ? 7   DT  D C7    1 
ATOM   678  C  C6    . DT  D 1 7 ? -3.122  6.828   13.673  1.00 92.77  ? 7   DT  D C6    1 
ATOM   679  P  P     . DA  D 1 8 ? -8.273  6.324   16.478  1.00 122.47 ? 8   DA  D P     1 
ATOM   680  O  OP1   . DA  D 1 8 ? -9.732  6.185   16.273  1.00 112.62 ? 8   DA  D OP1   1 
ATOM   681  O  OP2   . DA  D 1 8 ? -7.645  7.660   16.379  1.00 107.03 ? 8   DA  D OP2   1 
ATOM   682  O  "O5'" . DA  D 1 8 ? -7.878  5.723   17.906  1.00 131.68 ? 8   DA  D "O5'" 1 
ATOM   683  C  "C5'" . DA  D 1 8 ? -6.615  6.037   18.488  1.00 124.25 ? 8   DA  D "C5'" 1 
ATOM   684  C  "C4'" . DA  D 1 8 ? -5.573  5.007   18.099  1.00 115.83 ? 8   DA  D "C4'" 1 
ATOM   685  O  "O4'" . DA  D 1 8 ? -4.491  5.652   17.383  1.00 112.76 ? 8   DA  D "O4'" 1 
ATOM   686  C  "C3'" . DA  D 1 8 ? -4.930  4.259   19.269  1.00 115.97 ? 8   DA  D "C3'" 1 
ATOM   687  O  "O3'" . DA  D 1 8 ? -5.088  2.859   19.094  1.00 126.15 ? 8   DA  D "O3'" 1 
ATOM   688  C  "C2'" . DA  D 1 8 ? -3.456  4.671   19.204  1.00 107.58 ? 8   DA  D "C2'" 1 
ATOM   689  C  "C1'" . DA  D 1 8 ? -3.289  5.031   17.741  1.00 107.30 ? 8   DA  D "C1'" 1 
ATOM   690  N  N9    . DA  D 1 8 ? -2.187  5.955   17.495  1.00 105.26 ? 8   DA  D N9    1 
ATOM   691  C  C8    . DA  D 1 8 ? -2.241  7.322   17.486  1.00 104.13 ? 8   DA  D C8    1 
ATOM   692  N  N7    . DA  D 1 8 ? -1.086  7.895   17.238  1.00 101.42 ? 8   DA  D N7    1 
ATOM   693  C  C5    . DA  D 1 8 ? -0.215  6.828   17.074  1.00 102.52 ? 8   DA  D C5    1 
ATOM   694  C  C6    . DA  D 1 8 ? 1.164   6.763   16.793  1.00 102.42 ? 8   DA  D C6    1 
ATOM   695  N  N6    . DA  D 1 8 ? 1.932   7.844   16.615  1.00 100.36 ? 8   DA  D N6    1 
ATOM   696  N  N1    . DA  D 1 8 ? 1.725   5.537   16.693  1.00 96.29  ? 8   DA  D N1    1 
ATOM   697  C  C2    . DA  D 1 8 ? 0.954   4.457   16.870  1.00 84.67  ? 8   DA  D C2    1 
ATOM   698  N  N3    . DA  D 1 8 ? -0.349  4.394   17.141  1.00 91.91  ? 8   DA  D N3    1 
ATOM   699  C  C4    . DA  D 1 8 ? -0.879  5.626   17.231  1.00 102.95 ? 8   DA  D C4    1 
HETATM 700  C  C1    . KSB E 2 . ? -2.960  -4.617  -9.955  1.00 35.03  ? 101 KSB A C1    1 
HETATM 701  C  C10   . KSB E 2 . ? -2.072  -5.528  -10.412 1.00 33.17  ? 101 KSB A C10   1 
HETATM 702  C  C11   . KSB E 2 . ? -0.470  -7.447  -11.326 1.00 40.32  ? 101 KSB A C11   1 
HETATM 703  C  C12   . KSB E 2 . ? -1.845  -7.714  -11.240 1.00 44.69  ? 101 KSB A C12   1 
HETATM 704  C  C13   . KSB E 2 . ? 1.387   -2.301  -9.709  1.00 32.37  ? 101 KSB A C13   1 
HETATM 705  C  C14   . KSB E 2 . ? 2.719   -1.915  -9.766  1.00 30.91  ? 101 KSB A C14   1 
HETATM 706  C  C15   . KSB E 2 . ? 0.431   -1.396  -9.256  1.00 29.00  ? 101 KSB A C15   1 
HETATM 707  C  C16   . KSB E 2 . ? 0.801   -0.118  -8.852  1.00 28.98  ? 101 KSB A C16   1 
HETATM 708  C  C17   . KSB E 2 . ? 2.143   0.261   -8.893  1.00 27.76  ? 101 KSB A C17   1 
HETATM 709  C  C18   . KSB E 2 . ? 3.099   -0.635  -9.360  1.00 29.94  ? 101 KSB A C18   1 
HETATM 710  C  C19   . KSB E 2 . ? -4.896  -7.023  -13.309 1.00 48.77  ? 101 KSB A C19   1 
HETATM 711  C  C2    . KSB E 2 . ? -5.198  -4.251  -9.513  1.00 33.74  ? 101 KSB A C2    1 
HETATM 712  C  C20   . KSB E 2 . ? -4.632  -4.805  -12.707 1.00 41.02  ? 101 KSB A C20   1 
HETATM 713  C  C21   . KSB E 2 . ? -4.840  -4.493  -14.064 1.00 50.75  ? 101 KSB A C21   1 
HETATM 714  C  C22   . KSB E 2 . ? -5.101  -6.727  -14.641 1.00 53.48  ? 101 KSB A C22   1 
HETATM 715  C  C23   . KSB E 2 . ? -5.330  -7.786  -15.526 1.00 57.97  ? 101 KSB A C23   1 
HETATM 716  C  C24   . KSB E 2 . ? -5.351  -9.107  -15.047 1.00 54.32  ? 101 KSB A C24   1 
HETATM 717  C  C25   . KSB E 2 . ? -5.142  -9.365  -13.687 1.00 54.66  ? 101 KSB A C25   1 
HETATM 718  C  C26   . KSB E 2 . ? -4.913  -8.297  -12.848 1.00 46.67  ? 101 KSB A C26   1 
HETATM 719  C  C27   . KSB E 2 . ? -4.926  -10.735 -11.807 1.00 48.50  ? 101 KSB A C27   1 
HETATM 720  C  C28   . KSB E 2 . ? -4.695  -9.640  -10.961 1.00 48.64  ? 101 KSB A C28   1 
HETATM 721  C  C29   . KSB E 2 . ? -5.659  -7.948  -8.505  1.00 39.67  ? 101 KSB A C29   1 
HETATM 722  C  C3    . KSB E 2 . ? -4.889  -2.952  -9.092  1.00 33.46  ? 101 KSB A C3    1 
HETATM 723  C  C30   . KSB E 2 . ? -3.341  -8.133  -8.366  1.00 42.28  ? 101 KSB A C30   1 
HETATM 724  C  C31   . KSB E 2 . ? -3.559  -8.832  -7.162  1.00 39.97  ? 101 KSB A C31   1 
HETATM 725  C  C32   . KSB E 2 . ? -5.877  -8.626  -7.337  1.00 40.32  ? 101 KSB A C32   1 
HETATM 726  C  C33   . KSB E 2 . ? -7.205  -8.818  -6.933  1.00 39.90  ? 101 KSB A C33   1 
HETATM 727  C  C34   . KSB E 2 . ? -8.272  -8.316  -7.689  1.00 42.48  ? 101 KSB A C34   1 
HETATM 728  C  C35   . KSB E 2 . ? -8.003  -7.632  -8.873  1.00 43.21  ? 101 KSB A C35   1 
HETATM 729  C  C36   . KSB E 2 . ? -6.687  -7.475  -9.244  1.00 39.65  ? 101 KSB A C36   1 
HETATM 730  C  C37   . KSB E 2 . ? -8.571  -6.473  -10.792 1.00 43.84  ? 101 KSB A C37   1 
HETATM 731  C  C38   . KSB E 2 . ? -7.225  -6.321  -11.165 1.00 45.51  ? 101 KSB A C38   1 
HETATM 732  C  C39   . KSB E 2 . ? 2.490   1.448   -8.516  1.00 35.83  ? 101 KSB A C39   1 
HETATM 733  C  C4    . KSB E 2 . ? -3.572  -2.487  -9.100  1.00 28.93  ? 101 KSB A C4    1 
HETATM 734  C  C5    . KSB E 2 . ? -2.587  -3.344  -9.549  1.00 22.72  ? 101 KSB A C5    1 
HETATM 735  C  C6    . KSB E 2 . ? -1.241  -3.000  -9.600  1.00 32.09  ? 101 KSB A C6    1 
HETATM 736  C  C7    . KSB E 2 . ? -0.300  -3.924  -10.060 1.00 33.77  ? 101 KSB A C7    1 
HETATM 737  C  C8    . KSB E 2 . ? -0.728  -5.210  -10.474 1.00 33.23  ? 101 KSB A C8    1 
HETATM 738  C  C9    . KSB E 2 . ? 0.099   -6.220  -10.950 1.00 41.86  ? 101 KSB A C9    1 
HETATM 739  N  N1    . KSB E 2 . ? -2.650  -6.758  -10.784 1.00 37.03  ? 101 KSB A N1    1 
HETATM 740  N  N10   . KSB E 2 . ? -4.794  -9.072  -6.665  1.00 41.29  ? 101 KSB A N10   1 
HETATM 741  N  N11   . KSB E 2 . ? -8.959  -7.115  -9.673  1.00 43.96  ? 101 KSB A N11   1 
HETATM 742  N  N12   . KSB E 2 . ? -6.260  -6.811  -10.383 1.00 42.57  ? 101 KSB A N12   1 
HETATM 743  N  N2    . KSB E 2 . ? -4.259  -5.099  -9.941  1.00 38.99  ? 101 KSB A N2    1 
HETATM 744  N  N3    . KSB E 2 . ? -0.877  -1.762  -9.209  1.00 28.43  ? 101 KSB A N3    1 
HETATM 745  N  N4    . KSB E 2 . ? 1.008   -3.549  -10.110 1.00 25.48  ? 101 KSB A N4    1 
HETATM 746  N  N5    . KSB E 2 . ? -4.655  -6.084  -12.306 1.00 50.14  ? 101 KSB A N5    1 
HETATM 747  N  N6    . KSB E 2 . ? -5.069  -5.429  -15.010 1.00 53.26  ? 101 KSB A N6    1 
HETATM 748  N  N7    . KSB E 2 . ? -5.142  -10.598 -13.133 1.00 51.83  ? 101 KSB A N7    1 
HETATM 749  N  N74   . KSB E 2 . ? 2.776   2.534   -8.210  1.00 34.69  ? 101 KSB A N74   1 
HETATM 750  N  N8    . KSB E 2 . ? -4.678  -8.403  -11.477 1.00 49.46  ? 101 KSB A N8    1 
HETATM 751  N  N9    . KSB E 2 . ? -4.404  -7.669  -9.039  1.00 40.01  ? 101 KSB A N9    1 
HETATM 752  RU RU    . KSB E 2 . ? -4.453  -6.798  -10.629 1.00 38.04  ? 101 KSB A RU    1 
HETATM 753  C  C1    . QHL F 3 . ? 6.261   -3.391  16.644  1.00 35.93  ? 102 QHL A C1    1 
HETATM 754  C  C10   . QHL F 3 . ? 7.354   -4.217  16.472  1.00 31.32  ? 102 QHL A C10   1 
HETATM 755  C  C11   . QHL F 3 . ? 9.572   -5.739  16.141  1.00 37.85  ? 102 QHL A C11   1 
HETATM 756  C  C12   . QHL F 3 . ? 9.712   -4.346  16.220  1.00 40.49  ? 102 QHL A C12   1 
HETATM 757  C  C13   . QHL F 3 . ? 4.486   -7.961  16.516  1.00 36.06  ? 102 QHL A C13   1 
HETATM 758  C  C14   . QHL F 3 . ? 4.276   -9.331  16.438  1.00 40.19  ? 102 QHL A C14   1 
HETATM 759  C  C15   . QHL F 3 . ? 3.396   -7.120  16.700  1.00 32.65  ? 102 QHL A C15   1 
HETATM 760  C  C16   . QHL F 3 . ? 2.109   -7.651  16.798  1.00 38.72  ? 102 QHL A C16   1 
HETATM 761  C  C17   . QHL F 3 . ? 1.908   -9.023  16.712  1.00 39.02  ? 102 QHL A C17   1 
HETATM 762  C  C18   . QHL F 3 . ? 3.000   -9.862  16.546  1.00 35.35  ? 102 QHL A C18   1 
HETATM 763  C  C19   . QHL F 3 . ? 9.945   -1.219  14.084  1.00 47.67  ? 102 QHL A C19   1 
HETATM 764  C  C2    . QHL F 3 . ? 5.490   -1.145  16.884  1.00 32.14  ? 102 QHL A C2    1 
HETATM 765  C  C20   . QHL F 3 . ? 7.654   -1.490  13.596  1.00 44.85  ? 102 QHL A C20   1 
HETATM 766  C  C21   . QHL F 3 . ? 7.994   -1.374  12.246  1.00 44.80  ? 102 QHL A C21   1 
HETATM 767  C  C22   . QHL F 3 . ? 10.268  -1.111  12.751  1.00 48.66  ? 102 QHL A C22   1 
HETATM 768  C  C23   . QHL F 3 . ? 11.608  -0.913  12.404  1.00 53.28  ? 102 QHL A C23   1 
HETATM 769  C  C24   . QHL F 3 . ? 12.594  -0.840  13.397  1.00 54.29  ? 102 QHL A C24   1 
HETATM 770  C  C25   . QHL F 3 . ? 12.242  -0.957  14.743  1.00 54.46  ? 102 QHL A C25   1 
HETATM 771  C  C26   . QHL F 3 . ? 10.919  -1.144  15.060  1.00 53.02  ? 102 QHL A C26   1 
HETATM 772  C  C27   . QHL F 3 . ? 12.737  -1.018  17.039  1.00 61.07  ? 102 QHL A C27   1 
HETATM 773  C  C28   . QHL F 3 . ? 11.394  -1.209  17.376  1.00 55.05  ? 102 QHL A C28   1 
HETATM 774  C  C29   . QHL F 3 . ? 8.226   -0.200  19.067  1.00 36.05  ? 102 QHL A C29   1 
HETATM 775  C  C3    . QHL F 3 . ? 4.197   -1.634  16.990  1.00 34.55  ? 102 QHL A C3    1 
HETATM 776  C  C30   . QHL F 3 . ? 8.574   -2.517  19.460  1.00 35.06  ? 102 QHL A C30   1 
HETATM 777  C  C31   . QHL F 3 . ? 8.494   -2.229  20.826  1.00 38.85  ? 102 QHL A C31   1 
HETATM 778  C  C32   . QHL F 3 . ? 8.155   0.069   20.409  1.00 34.00  ? 102 QHL A C32   1 
HETATM 779  C  C33   . QHL F 3 . ? 7.946   1.390   20.806  1.00 35.52  ? 102 QHL A C33   1 
HETATM 780  C  C34   . QHL F 3 . ? 7.819   2.408   19.851  1.00 35.85  ? 102 QHL A C34   1 
HETATM 781  C  C35   . QHL F 3 . ? 7.888   2.104   18.490  1.00 31.28  ? 102 QHL A C35   1 
HETATM 782  C  C36   . QHL F 3 . ? 8.100   0.801   18.127  1.00 35.67  ? 102 QHL A C36   1 
HETATM 783  C  C37   . QHL F 3 . ? 7.871   2.669   16.210  1.00 36.53  ? 102 QHL A C37   1 
HETATM 784  C  C38   . QHL F 3 . ? 8.078   1.346   15.824  1.00 40.99  ? 102 QHL A C38   1 
HETATM 785  C  C39   . QHL F 3 . ? 0.723   -9.526  16.829  1.00 46.91  ? 102 QHL A C39   1 
HETATM 786  C  C4    . QHL F 3 . ? 3.943   -3.004  16.924  1.00 31.30  ? 102 QHL A C4    1 
HETATM 787  C  C5    . QHL F 3 . ? 4.993   -3.898  16.749  1.00 29.31  ? 102 QHL A C5    1 
HETATM 788  C  C6    . QHL F 3 . ? 4.817   -5.278  16.674  1.00 35.30  ? 102 QHL A C6    1 
HETATM 789  C  C7    . QHL F 3 . ? 5.916   -6.125  16.499  1.00 33.99  ? 102 QHL A C7    1 
HETATM 790  C  C8    . QHL F 3 . ? 7.196   -5.588  16.405  1.00 31.53  ? 102 QHL A C8    1 
HETATM 791  C  C9    . QHL F 3 . ? 8.328   -6.371  16.231  1.00 34.99  ? 102 QHL A C9    1 
HETATM 792  N  N1    . QHL F 3 . ? 8.612   -3.603  16.390  1.00 39.30  ? 102 QHL A N1    1 
HETATM 793  N  N10   . QHL F 3 . ? 8.286   -0.970  21.269  1.00 38.36  ? 102 QHL A N10   1 
HETATM 794  N  N11   . QHL F 3 . ? 7.779   3.025   17.508  1.00 39.31  ? 102 QHL A N11   1 
HETATM 795  N  N12   . QHL F 3 . ? 8.187   0.440   16.789  1.00 36.31  ? 102 QHL A N12   1 
HETATM 796  N  N2    . QHL F 3 . ? 6.486   -2.016  16.700  1.00 27.56  ? 102 QHL A N2    1 
HETATM 797  N  N3    . QHL F 3 . ? 3.577   -5.784  16.774  1.00 35.96  ? 102 QHL A N3    1 
HETATM 798  N  N4    . QHL F 3 . ? 5.742   -7.460  16.421  1.00 36.77  ? 102 QHL A N4    1 
HETATM 799  N  N5    . QHL F 3 . ? 8.627   -1.409  14.504  1.00 38.30  ? 102 QHL A N5    1 
HETATM 800  N  N6    . QHL F 3 . ? 9.267   -1.186  11.844  1.00 46.83  ? 102 QHL A N6    1 
HETATM 801  N  N7    . QHL F 3 . ? 13.134  -0.898  15.758  1.00 61.09  ? 102 QHL A N7    1 
HETATM 802  N  N74   . QHL F 3 . ? -0.335  -10.002 16.884  1.00 44.62  ? 102 QHL A N74   1 
HETATM 803  N  N8    . QHL F 3 . ? 10.507  -1.263  16.385  1.00 36.73  ? 102 QHL A N8    1 
HETATM 804  N  N9    . QHL F 3 . ? 8.449   -1.498  18.601  1.00 33.55  ? 102 QHL A N9    1 
HETATM 805  RU RU    . QHL F 3 . ? 8.487   -1.554  16.550  1.00 37.56  ? 102 QHL A RU    1 
HETATM 806  K  K     . K   G 4 . ? -0.427  0.353   -0.227  1.00 32.30  ? 103 K   A K     1 
HETATM 807  K  K     . K   H 4 . ? -0.662  0.911   -3.791  1.00 31.83  ? 104 K   A K     1 
HETATM 808  C  C1    . KSB I 2 . ? 1.326   8.263   -8.104  1.00 35.89  ? 101 KSB B C1    1 
HETATM 809  C  C10   . KSB I 2 . ? 0.423   9.257   -8.298  1.00 44.25  ? 101 KSB B C10   1 
HETATM 810  C  C11   . KSB I 2 . ? -1.212  11.341  -8.666  1.00 44.75  ? 101 KSB B C11   1 
HETATM 811  C  C12   . KSB I 2 . ? 0.164   11.576  -8.512  1.00 44.09  ? 101 KSB B C12   1 
HETATM 812  C  C13   . KSB I 2 . ? -3.040  6.001   -8.502  1.00 42.36  ? 101 KSB B C13   1 
HETATM 813  C  C14   . KSB I 2 . ? -4.380  5.666   -8.649  1.00 44.84  ? 101 KSB B C14   1 
HETATM 814  C  C15   . KSB I 2 . ? -2.104  5.000   -8.307  1.00 42.47  ? 101 KSB B C15   1 
HETATM 815  C  C16   . KSB I 2 . ? -2.489  3.665   -8.261  1.00 37.84  ? 101 KSB B C16   1 
HETATM 816  C  C17   . KSB I 2 . ? -3.824  3.333   -8.400  1.00 36.70  ? 101 KSB B C17   1 
HETATM 817  C  C18   . KSB I 2 . ? -4.772  4.334   -8.604  1.00 39.00  ? 101 KSB B C18   1 
HETATM 818  C  C19   . KSB I 2 . ? 3.005   11.546  -10.695 1.00 46.70  ? 101 KSB B C19   1 
HETATM 819  C  C2    . KSB I 2 . ? 3.587   7.801   -7.786  1.00 37.81  ? 101 KSB B C2    1 
HETATM 820  C  C20   . KSB I 2 . ? 2.952   9.233   -10.717 1.00 43.63  ? 101 KSB B C20   1 
HETATM 821  C  C21   . KSB I 2 . ? 3.058   9.324   -12.116 1.00 41.05  ? 101 KSB B C21   1 
HETATM 822  C  C22   . KSB I 2 . ? 3.110   11.645  -12.066 1.00 41.64  ? 101 KSB B C22   1 
HETATM 823  C  C23   . KSB I 2 . ? 3.181   12.918  -12.634 1.00 46.01  ? 101 KSB B C23   1 
HETATM 824  C  C24   . KSB I 2 . ? 3.142   14.055  -11.811 1.00 44.26  ? 101 KSB B C24   1 
HETATM 825  C  C25   . KSB I 2 . ? 3.036   13.914  -10.425 1.00 45.54  ? 101 KSB B C25   1 
HETATM 826  C  C26   . KSB I 2 . ? 2.970   12.644  -9.903  1.00 37.92  ? 101 KSB B C26   1 
HETATM 827  C  C27   . KSB I 2 . ? 2.886   14.683  -8.231  1.00 47.44  ? 101 KSB B C27   1 
HETATM 828  C  C28   . KSB I 2 . ? 2.823   13.381  -7.707  1.00 40.06  ? 101 KSB B C28   1 
HETATM 829  C  C29   . KSB I 2 . ? 4.033   11.044  -5.842  1.00 37.31  ? 101 KSB B C29   1 
HETATM 830  C  C3    . KSB I 2 . ? 3.249   6.436   -7.722  1.00 33.57  ? 101 KSB B C3    1 
HETATM 831  C  C30   . KSB I 2 . ? 1.708   11.106  -5.607  1.00 42.84  ? 101 KSB B C30   1 
HETATM 832  C  C31   . KSB I 2 . ? 1.954   11.416  -4.259  1.00 47.75  ? 101 KSB B C31   1 
HETATM 833  C  C32   . KSB I 2 . ? 4.273   11.343  -4.531  1.00 41.37  ? 101 KSB B C32   1 
HETATM 834  C  C33   . KSB I 2 . ? 5.607   11.445  -4.120  1.00 46.76  ? 101 KSB B C33   1 
HETATM 835  C  C34   . KSB I 2 . ? 6.664   11.236  -5.023  1.00 37.78  ? 101 KSB B C34   1 
HETATM 836  C  C35   . KSB I 2 . ? 6.375   10.926  -6.351  1.00 38.85  ? 101 KSB B C35   1 
HETATM 837  C  C36   . KSB I 2 . ? 5.050   10.846  -6.717  1.00 41.52  ? 101 KSB B C36   1 
HETATM 838  C  C37   . KSB I 2 . ? 6.910   10.409  -8.555  1.00 43.83  ? 101 KSB B C37   1 
HETATM 839  C  C38   . KSB I 2 . ? 5.553   10.333  -8.927  1.00 42.72  ? 101 KSB B C38   1 
HETATM 840  C  C39   . KSB I 2 . ? -4.208  2.111   -8.385  1.00 44.84  ? 101 KSB B C39   1 
HETATM 841  C  C4    . KSB I 2 . ? 1.929   5.980   -7.859  1.00 34.56  ? 101 KSB B C4    1 
HETATM 842  C  C5    . KSB I 2 . ? 0.939   6.933   -8.058  1.00 32.36  ? 101 KSB B C5    1 
HETATM 843  C  C6    . KSB I 2 . ? -0.412  6.616   -8.205  1.00 37.26  ? 101 KSB B C6    1 
HETATM 844  C  C7    . KSB I 2 . ? -1.345  7.634   -8.405  1.00 46.08  ? 101 KSB B C7    1 
HETATM 845  C  C8    . KSB I 2 . ? -0.923  8.971   -8.448  1.00 41.66  ? 101 KSB B C8    1 
HETATM 846  C  C9    . KSB I 2 . ? -1.770  10.057  -8.636  1.00 46.34  ? 101 KSB B C9    1 
HETATM 847  N  N1    . KSB I 2 . ? 0.983   10.539  -8.316  1.00 37.42  ? 101 KSB B N1    1 
HETATM 848  N  N10   . KSB I 2 . ? 3.198   11.529  -3.735  1.00 44.80  ? 101 KSB B N10   1 
HETATM 849  N  N11   . KSB I 2 . ? 7.312   10.706  -7.298  1.00 40.96  ? 101 KSB B N11   1 
HETATM 850  N  N12   . KSB I 2 . ? 4.611   10.541  -7.997  1.00 39.44  ? 101 KSB B N12   1 
HETATM 851  N  N2    . KSB I 2 . ? 2.636   8.724   -7.964  1.00 38.82  ? 101 KSB B N2    1 
HETATM 852  N  N3    . KSB I 2 . ? -0.806  5.330   -8.158  1.00 33.49  ? 101 KSB B N3    1 
HETATM 853  N  N4    . KSB I 2 . ? -2.648  7.301   -8.546  1.00 37.25  ? 101 KSB B N4    1 
HETATM 854  N  N5    . KSB I 2 . ? 2.920   10.352  -9.982  1.00 39.42  ? 101 KSB B N5    1 
HETATM 855  N  N6    . KSB I 2 . ? 3.134   10.498  -12.781 1.00 39.22  ? 101 KSB B N6    1 
HETATM 856  N  N7    . KSB I 2 . ? 2.992   14.943  -9.552  1.00 41.65  ? 101 KSB B N7    1 
HETATM 857  N  N74   . KSB I 2 . ? -4.522  0.998   -8.417  1.00 39.60  ? 101 KSB B N74   1 
HETATM 858  N  N8    . KSB I 2 . ? 2.863   12.342  -8.545  1.00 46.13  ? 101 KSB B N8    1 
HETATM 859  N  N9    . KSB I 2 . ? 2.761   10.903  -6.400  1.00 33.34  ? 101 KSB B N9    1 
HETATM 860  RU RU    . KSB I 2 . ? 2.802   10.550  -8.168  1.00 35.92  ? 101 KSB B RU    1 
HETATM 861  C  C1    . KSB J 2 . ? 6.148   -3.053  4.095   1.00 36.03  ? 101 KSB C C1    1 
HETATM 862  C  C10   . KSB J 2 . ? 6.290   -4.399  4.130   1.00 36.20  ? 101 KSB C C10   1 
HETATM 863  C  C11   . KSB J 2 . ? 6.730   -7.006  4.184   1.00 41.38  ? 101 KSB C C11   1 
HETATM 864  C  C12   . KSB J 2 . ? 7.845   -6.147  4.209   1.00 44.54  ? 101 KSB C C12   1 
HETATM 865  C  C13   . KSB J 2 . ? 1.480   -4.758  3.988   1.00 30.01  ? 101 KSB C C13   1 
HETATM 866  C  C14   . KSB J 2 . ? 0.324   -5.530  3.979   1.00 28.91  ? 101 KSB C C14   1 
HETATM 867  C  C15   . KSB J 2 . ? 1.380   -3.370  3.963   1.00 29.69  ? 101 KSB C C15   1 
HETATM 868  C  C16   . KSB J 2 . ? 0.132   -2.749  3.924   1.00 27.22  ? 101 KSB C C16   1 
HETATM 869  C  C17   . KSB J 2 . ? -1.026  -3.528  3.895   1.00 29.56  ? 101 KSB C C17   1 
HETATM 870  C  C18   . KSB J 2 . ? -0.925  -4.913  3.934   1.00 25.76  ? 101 KSB C C18   1 
HETATM 871  C  C19   . KSB J 2 . ? 9.735   -4.028  6.762   1.00 51.58  ? 101 KSB C C19   1 
HETATM 872  C  C2    . KSB J 2 . ? 7.313   -1.062  4.092   1.00 34.42  ? 101 KSB C C2    1 
HETATM 873  C  C20   . KSB J 2 . ? 7.834   -2.707  6.825   1.00 44.46  ? 101 KSB C C20   1 
HETATM 874  C  C21   . KSB J 2 . ? 7.945   -2.736  8.224   1.00 52.46  ? 101 KSB C C21   1 
HETATM 875  C  C22   . KSB J 2 . ? 9.849   -4.060  8.132   1.00 55.95  ? 101 KSB C C22   1 
HETATM 876  C  C23   . KSB J 2 . ? 10.915  -4.779  8.674   1.00 58.28  ? 101 KSB C C23   1 
HETATM 877  C  C24   . KSB J 2 . ? 11.826  -5.438  7.833   1.00 52.71  ? 101 KSB C C24   1 
HETATM 878  C  C25   . KSB J 2 . ? 11.673  -5.375  6.449   1.00 52.78  ? 101 KSB C C25   1 
HETATM 879  C  C26   . KSB J 2 . ? 10.614  -4.662  5.949   1.00 46.94  ? 101 KSB C C26   1 
HETATM 880  C  C27   . KSB J 2 . ? 12.255  -5.846  4.240   1.00 46.55  ? 101 KSB C C27   1 
HETATM 881  C  C28   . KSB J 2 . ? 11.170  -5.117  3.735   1.00 50.33  ? 101 KSB C C28   1 
HETATM 882  C  C29   . KSB J 2 . ? 10.176  -2.707  2.005   1.00 44.01  ? 101 KSB C C29   1 
HETATM 883  C  C3    . KSB J 2 . ? 6.088   -0.383  4.052   1.00 34.23  ? 101 KSB C C3    1 
HETATM 884  C  C30   . KSB J 2 . ? 8.748   -4.493  1.591   1.00 44.12  ? 101 KSB C C30   1 
HETATM 885  C  C31   . KSB J 2 . ? 9.184   -4.445  0.255   1.00 36.81  ? 101 KSB C C31   1 
HETATM 886  C  C32   . KSB J 2 . ? 10.611  -2.655  0.707   1.00 39.69  ? 101 KSB C C32   1 
HETATM 887  C  C33   . KSB J 2 . ? 11.560  -1.683  0.383   1.00 43.92  ? 101 KSB C C33   1 
HETATM 888  C  C34   . KSB J 2 . ? 12.036  -0.796  1.361   1.00 43.49  ? 101 KSB C C34   1 
HETATM 889  C  C35   . KSB J 2 . ? 11.569  -0.889  2.675   1.00 46.00  ? 101 KSB C C35   1 
HETATM 890  C  C36   . KSB J 2 . ? 10.640  -1.861  2.956   1.00 37.72  ? 101 KSB C C36   1 
HETATM 891  C  C37   . KSB J 2 . ? 11.426  -0.284  4.909   1.00 46.07  ? 101 KSB C C37   1 
HETATM 892  C  C38   . KSB J 2 . ? 10.478  -1.289  5.184   1.00 40.23  ? 101 KSB C C38   1 
HETATM 893  C  C39   . KSB J 2 . ? -2.198  -2.984  3.866   1.00 32.38  ? 101 KSB C C39   1 
HETATM 894  C  C4    . KSB J 2 . ? 4.864   -1.051  4.028   1.00 31.36  ? 101 KSB C C4    1 
HETATM 895  C  C5    . KSB J 2 . ? 4.895   -2.429  4.046   1.00 23.03  ? 101 KSB C C5    1 
HETATM 896  C  C6    . KSB J 2 . ? 3.738   -3.211  4.024   1.00 32.43  ? 101 KSB C C6    1 
HETATM 897  C  C7    . KSB J 2 . ? 3.861   -4.604  4.046   1.00 34.95  ? 101 KSB C C7    1 
HETATM 898  C  C8    . KSB J 2 . ? 5.155   -5.200  4.097   1.00 36.76  ? 101 KSB C C8    1 
HETATM 899  C  C9    . KSB J 2 . ? 5.397   -6.566  4.129   1.00 40.10  ? 101 KSB C C9    1 
HETATM 900  N  N1    . KSB J 2 . ? 7.646   -4.828  4.186   1.00 37.72  ? 101 KSB C N1    1 
HETATM 901  N  N10   . KSB J 2 . ? 10.097  -3.545  -0.173  1.00 40.82  ? 101 KSB C N10   1 
HETATM 902  N  N11   . KSB J 2 . ? 11.967  -0.086  3.687   1.00 40.65  ? 101 KSB C N11   1 
HETATM 903  N  N12   . KSB J 2 . ? 10.059  -2.087  4.199   1.00 43.20  ? 101 KSB C N12   1 
HETATM 904  N  N2    . KSB J 2 . ? 7.381   -2.396  4.105   1.00 43.60  ? 101 KSB C N2    1 
HETATM 905  N  N3    . KSB J 2 . ? 2.518   -2.620  3.981   1.00 27.93  ? 101 KSB C N3    1 
HETATM 906  N  N4    . KSB J 2 . ? 2.717   -5.343  4.026   1.00 30.16  ? 101 KSB C N4    1 
HETATM 907  N  N5    . KSB J 2 . ? 8.733   -3.357  6.071   1.00 51.04  ? 101 KSB C N5    1 
HETATM 908  N  N6    . KSB J 2 . ? 8.927   -3.398  8.865   1.00 50.81  ? 101 KSB C N6    1 
HETATM 909  N  N7    . KSB J 2 . ? 12.494  -5.971  5.561   1.00 47.34  ? 101 KSB C N7    1 
HETATM 910  N  N74   . KSB J 2 . ? -3.257  -2.501  3.839   1.00 35.43  ? 101 KSB C N74   1 
HETATM 911  N  N8    . KSB J 2 . ? 10.332  -4.524  4.592   1.00 49.76  ? 101 KSB C N8    1 
HETATM 912  N  N9    . KSB J 2 . ? 9.233   -3.608  2.478   1.00 37.72  ? 101 KSB C N9    1 
HETATM 913  RU RU    . KSB J 2 . ? 8.879   -3.479  4.254   1.00 39.09  ? 101 KSB C RU    1 
HETATM 914  C  C1    . QHL K 3 . ? 0.871   -5.378  14.090  1.00 36.01  ? 102 QHL C C1    1 
HETATM 915  C  C10   . QHL K 3 . ? 0.755   -6.735  13.853  1.00 34.56  ? 102 QHL C C10   1 
HETATM 916  C  C11   . QHL K 3 . ? 0.373   -9.387  13.407  1.00 39.24  ? 102 QHL C C11   1 
HETATM 917  C  C12   . QHL K 3 . ? -0.726  -8.596  13.743  1.00 42.07  ? 102 QHL C C12   1 
HETATM 918  C  C13   . QHL K 3 . ? 5.390   -6.935  13.025  1.00 34.12  ? 102 QHL C C13   1 
HETATM 919  C  C14   . QHL K 3 . ? 6.522   -7.664  12.701  1.00 43.62  ? 102 QHL C C14   1 
HETATM 920  C  C15   . QHL K 3 . ? 5.495   -5.570  13.262  1.00 33.71  ? 102 QHL C C15   1 
HETATM 921  C  C16   . QHL K 3 . ? 6.738   -4.941  13.174  1.00 39.84  ? 102 QHL C C16   1 
HETATM 922  C  C17   . QHL K 3 . ? 7.873   -5.680  12.837  1.00 40.86  ? 102 QHL C C17   1 
HETATM 923  C  C18   . QHL K 3 . ? 7.756   -7.039  12.606  1.00 35.27  ? 102 QHL C C18   1 
HETATM 924  C  C19   . QHL K 3 . ? -2.848  -7.508  16.675  1.00 50.97  ? 102 QHL C C19   1 
HETATM 925  C  C2    . QHL K 3 . ? -0.275  -3.365  14.670  1.00 33.77  ? 102 QHL C C2    1 
HETATM 926  C  C20   . QHL K 3 . ? -1.067  -6.138  17.389  1.00 45.11  ? 102 QHL C C20   1 
HETATM 927  C  C21   . QHL K 3 . ? -1.216  -6.725  18.650  1.00 48.60  ? 102 QHL C C21   1 
HETATM 928  C  C22   . QHL K 3 . ? -2.986  -8.078  17.921  1.00 46.51  ? 102 QHL C C22   1 
HETATM 929  C  C23   . QHL K 3 . ? -3.974  -9.049  18.111  1.00 54.22  ? 102 QHL C C23   1 
HETATM 930  C  C24   . QHL K 3 . ? -4.809  -9.434  17.053  1.00 56.73  ? 102 QHL C C24   1 
HETATM 931  C  C25   . QHL K 3 . ? -4.654  -8.842  15.797  1.00 57.02  ? 102 QHL C C25   1 
HETATM 932  C  C26   . QHL K 3 . ? -3.673  -7.886  15.632  1.00 54.45  ? 102 QHL C C26   1 
HETATM 933  C  C27   . QHL K 3 . ? -5.218  -8.554  13.540  1.00 61.25  ? 102 QHL C C27   1 
HETATM 934  C  C28   . QHL K 3 . ? -4.225  -7.584  13.361  1.00 56.80  ? 102 QHL C C28   1 
HETATM 935  C  C29   . QHL K 3 . ? -3.132  -4.157  12.520  1.00 39.02  ? 102 QHL C C29   1 
HETATM 936  C  C3    . QHL K 3 . ? 0.942   -2.700  14.593  1.00 35.53  ? 102 QHL C C3    1 
HETATM 937  C  C30   . QHL K 3 . ? -1.720  -5.710  11.409  1.00 40.36  ? 102 QHL C C30   1 
HETATM 938  C  C31   . QHL K 3 . ? -2.087  -5.086  10.215  1.00 40.30  ? 102 QHL C C31   1 
HETATM 939  C  C32   . QHL K 3 . ? -3.484  -3.556  11.338  1.00 36.87  ? 102 QHL C C32   1 
HETATM 940  C  C33   . QHL K 3 . ? -4.374  -2.486  11.379  1.00 37.08  ? 102 QHL C C33   1 
HETATM 941  C  C34   . QHL K 3 . ? -4.886  -2.047  12.609  1.00 35.37  ? 102 QHL C C34   1 
HETATM 942  C  C35   . QHL K 3 . ? -4.513  -2.674  13.797  1.00 35.17  ? 102 QHL C C35   1 
HETATM 943  C  C36   . QHL K 3 . ? -3.640  -3.725  13.728  1.00 41.90  ? 102 QHL C C36   1 
HETATM 944  C  C37   . QHL K 3 . ? -4.571  -2.956  16.130  1.00 39.93  ? 102 QHL C C37   1 
HETATM 945  C  C38   . QHL K 3 . ? -3.675  -4.025  16.073  1.00 41.67  ? 102 QHL C C38   1 
HETATM 946  C  C39   . QHL K 3 . ? 9.027   -5.104  12.765  1.00 45.38  ? 102 QHL C C39   1 
HETATM 947  C  C4    . QHL K 3 . ? 2.119   -3.377  14.255  1.00 31.07  ? 102 QHL C C4    1 
HETATM 948  C  C5    . QHL K 3 . ? 2.081   -4.740  14.005  1.00 32.28  ? 102 QHL C C5    1 
HETATM 949  C  C6    . QHL K 3 . ? 3.210   -5.484  13.669  1.00 33.77  ? 102 QHL C C6    1 
HETATM 950  C  C7    . QHL K 3 . ? 3.100   -6.860  13.424  1.00 35.99  ? 102 QHL C C7    1 
HETATM 951  C  C8    . QHL K 3 . ? 1.852   -7.492  13.514  1.00 31.59  ? 102 QHL C C8    1 
HETATM 952  C  C9    . QHL K 3 . ? 1.659   -8.850  13.290  1.00 34.58  ? 102 QHL C C9    1 
HETATM 953  N  N1    . QHL K 3 . ? -0.521  -7.293  13.959  1.00 36.80  ? 102 QHL C N1    1 
HETATM 954  N  N10   . QHL K 3 . ? -2.942  -4.041  10.196  1.00 38.75  ? 102 QHL C N10   1 
HETATM 955  N  N11   . QHL K 3 . ? -4.970  -2.306  15.015  1.00 43.06  ? 102 QHL C N11   1 
HETATM 956  N  N12   . QHL K 3 . ? -3.231  -4.390  14.875  1.00 36.87  ? 102 QHL C N12   1 
HETATM 957  N  N2    . QHL K 3 . ? -0.283  -4.680  14.444  1.00 25.51  ? 102 QHL C N2    1 
HETATM 958  N  N3    . QHL K 3 . ? 4.396   -4.857  13.583  1.00 36.43  ? 102 QHL C N3    1 
HETATM 959  N  N4    . QHL K 3 . ? 4.200   -7.567  13.109  1.00 37.93  ? 102 QHL C N4    1 
HETATM 960  N  N5    . QHL K 3 . ? -1.880  -6.532  16.409  1.00 36.31  ? 102 QHL C N5    1 
HETATM 961  N  N6    . QHL K 3 . ? -2.149  -7.664  18.902  1.00 51.04  ? 102 QHL C N6    1 
HETATM 962  N  N7    . QHL K 3 . ? -5.416  -9.160  14.727  1.00 57.25  ? 102 QHL C N7    1 
HETATM 963  N  N74   . QHL K 3 . ? 10.040  -4.542  12.707  1.00 46.56  ? 102 QHL C N74   1 
HETATM 964  N  N8    . QHL K 3 . ? -3.468  -7.256  14.405  1.00 44.84  ? 102 QHL C N8    1 
HETATM 965  N  N9    . QHL K 3 . ? -2.249  -5.239  12.541  1.00 40.75  ? 102 QHL C N9    1 
HETATM 966  RU RU    . QHL K 3 . ? -1.931  -5.889  14.453  1.00 38.06  ? 102 QHL C RU    1 
HETATM 967  C  C1    . KSB L 2 . ? -6.399  2.135   5.723   1.00 38.08  ? 101 KSB D C1    1 
HETATM 968  C  C10   . KSB L 2 . ? -6.501  3.340   6.342   1.00 39.86  ? 101 KSB D C10   1 
HETATM 969  C  C11   . KSB L 2 . ? -6.895  5.688   7.572   1.00 39.27  ? 101 KSB D C11   1 
HETATM 970  C  C12   . KSB L 2 . ? -8.001  4.867   7.296   1.00 45.95  ? 101 KSB D C12   1 
HETATM 971  C  C13   . KSB L 2 . ? -1.796  3.834   6.029   1.00 40.86  ? 101 KSB D C13   1 
HETATM 972  C  C14   . KSB L 2 . ? -0.647  4.574   6.260   1.00 43.78  ? 101 KSB D C14   1 
HETATM 973  C  C15   . KSB L 2 . ? -1.711  2.605   5.397   1.00 38.86  ? 101 KSB D C15   1 
HETATM 974  C  C16   . KSB L 2 . ? -0.483  2.095   4.997   1.00 37.67  ? 101 KSB D C16   1 
HETATM 975  C  C17   . KSB L 2 . ? 0.668   2.841   5.227   1.00 38.17  ? 101 KSB D C17   1 
HETATM 976  C  C18   . KSB L 2 . ? 0.586   4.073   5.864   1.00 39.40  ? 101 KSB D C18   1 
HETATM 977  C  C19   . KSB L 2 . ? -9.613  2.054   8.915   1.00 45.45  ? 101 KSB D C19   1 
HETATM 978  C  C2    . KSB L 2 . ? -7.597  0.307   4.950   1.00 32.01  ? 101 KSB D C2    1 
HETATM 979  C  C20   . KSB L 2 . ? -7.862  0.695   8.242   1.00 41.25  ? 101 KSB D C20   1 
HETATM 980  C  C21   . KSB L 2 . ? -7.838  0.206   9.561   1.00 39.48  ? 101 KSB D C21   1 
HETATM 981  C  C22   . KSB L 2 . ? -9.595  1.582   10.211  1.00 41.87  ? 101 KSB D C22   1 
HETATM 982  C  C23   . KSB L 2 . ? -10.519 2.107   11.124  1.00 46.34  ? 101 KSB D C23   1 
HETATM 983  C  C24   . KSB L 2 . ? -11.431 3.092   10.708  1.00 43.54  ? 101 KSB D C24   1 
HETATM 984  C  C25   . KSB L 2 . ? -11.421 3.544   9.384   1.00 48.05  ? 101 KSB D C25   1 
HETATM 985  C  C26   . KSB L 2 . ? -10.497 3.001   8.514   1.00 40.52  ? 101 KSB D C26   1 
HETATM 986  C  C27   . KSB L 2 . ? -12.146 4.838   7.592   1.00 50.52  ? 101 KSB D C27   1 
HETATM 987  C  C28   . KSB L 2 . ? -11.203 4.277   6.713   1.00 42.55  ? 101 KSB D C28   1 
HETATM 988  C  C29   . KSB L 2 . ? -10.570 2.514   4.086   1.00 36.14  ? 101 KSB D C29   1 
HETATM 989  C  C3    . KSB L 2 . ? -6.385  -0.268  4.513   1.00 30.93  ? 101 KSB D C3    1 
HETATM 990  C  C30   . KSB L 2 . ? -9.114  4.334   4.179   1.00 42.00  ? 101 KSB D C30   1 
HETATM 991  C  C31   . KSB L 2 . ? -9.711  4.742   2.973   1.00 48.03  ? 101 KSB D C31   1 
HETATM 992  C  C32   . KSB L 2 . ? -11.151 2.911   2.915   1.00 39.64  ? 101 KSB D C32   1 
HETATM 993  C  C33   . KSB L 2 . ? -12.169 2.112   2.386   1.00 47.43  ? 101 KSB D C33   1 
HETATM 994  C  C34   . KSB L 2 . ? -12.579 0.934   3.033   1.00 38.65  ? 101 KSB D C34   1 
HETATM 995  C  C35   . KSB L 2 . ? -11.958 0.565   4.226   1.00 43.67  ? 101 KSB D C35   1 
HETATM 996  C  C36   . KSB L 2 . ? -10.968 1.383   4.717   1.00 41.20  ? 101 KSB D C36   1 
HETATM 997  C  C37   . KSB L 2 . ? -11.600 -0.800  6.073   1.00 46.65  ? 101 KSB D C37   1 
HETATM 998  C  C38   . KSB L 2 . ? -10.591 0.042   6.570   1.00 43.93  ? 101 KSB D C38   1 
HETATM 999  C  C39   . KSB L 2 . ? 1.823   2.390   4.895   1.00 46.86  ? 101 KSB D C39   1 
HETATM 1000 C  C4    . KSB L 2 . ? -5.157  0.382   4.692   1.00 29.47  ? 101 KSB D C4    1 
HETATM 1001 C  C5    . KSB L 2 . ? -5.181  1.621   5.318   1.00 22.58  ? 101 KSB D C5    1 
HETATM 1002 C  C6    . KSB L 2 . ? -4.033  2.378   5.562   1.00 35.51  ? 101 KSB D C6    1 
HETATM 1003 C  C7    . KSB L 2 . ? -4.129  3.614   6.200   1.00 44.12  ? 101 KSB D C7    1 
HETATM 1004 C  C8    . KSB L 2 . ? -5.381  4.107   6.593   1.00 40.57  ? 101 KSB D C8    1 
HETATM 1005 C  C9    . KSB L 2 . ? -5.584  5.326   7.230   1.00 45.91  ? 101 KSB D C9    1 
HETATM 1006 N  N1    . KSB L 2 . ? -7.807  3.701   6.675   1.00 38.81  ? 101 KSB D N1    1 
HETATM 1007 N  N10   . KSB L 2 . ? -10.698 4.052   2.357   1.00 46.13  ? 101 KSB D N10   1 
HETATM 1008 N  N11   . KSB L 2 . ? -12.275 -0.542  4.931   1.00 45.35  ? 101 KSB D N11   1 
HETATM 1009 N  N12   . KSB L 2 . ? -10.256 1.139   5.878   1.00 42.01  ? 101 KSB D N12   1 
HETATM 1010 N  N2    . KSB L 2 . ? -7.620  1.502   5.545   1.00 36.41  ? 101 KSB D N2    1 
HETATM 1011 N  N3    . KSB L 2 . ? -2.838  1.900   5.173   1.00 29.51  ? 101 KSB D N3    1 
HETATM 1012 N  N4    . KSB L 2 . ? -3.000  4.321   6.417   1.00 41.64  ? 101 KSB D N4    1 
HETATM 1013 N  N5    . KSB L 2 . ? -8.753  1.635   7.900   1.00 38.22  ? 101 KSB D N5    1 
HETATM 1014 N  N6    . KSB L 2 . ? -8.683  0.636   10.523  1.00 39.27  ? 101 KSB D N6    1 
HETATM 1015 N  N7    . KSB L 2 . ? -12.259 4.481   8.891   1.00 43.33  ? 101 KSB D N7    1 
HETATM 1016 N  N74   . KSB L 2 . ? 2.856   1.928   4.645   1.00 36.65  ? 101 KSB D N74   1 
HETATM 1017 N  N8    . KSB L 2 . ? -10.357 3.346   7.170   1.00 47.55  ? 101 KSB D N8    1 
HETATM 1018 N  N9    . KSB L 2 . ? -9.542  3.199   4.732   1.00 35.03  ? 101 KSB D N9    1 
HETATM 1019 RU RU    . KSB L 2 . ? -9.037  2.428   6.279   1.00 36.53  ? 101 KSB D RU    1 
HETATM 1020 O  O     . HOH M 5 . ? 7.785   3.319   -2.688  0.50 42.11  ? 201 HOH A O     1 
HETATM 1021 O  O     . HOH M 5 . ? 5.881   0.034   -16.223 1.00 52.43  ? 202 HOH A O     1 
HETATM 1022 O  O     . HOH M 5 . ? 9.798   1.726   12.908  1.00 56.59  ? 203 HOH A O     1 
HETATM 1023 O  O     . HOH M 5 . ? 4.522   1.430   -12.135 1.00 38.91  ? 204 HOH A O     1 
HETATM 1024 O  O     . HOH M 5 . ? -1.618  -6.268  -14.261 0.50 39.39  ? 205 HOH A O     1 
HETATM 1025 O  O     . HOH M 5 . ? 7.691   -4.615  -14.424 1.00 53.50  ? 206 HOH A O     1 
HETATM 1026 O  O     . HOH M 5 . ? 6.188   5.190   2.913   1.00 46.17  ? 207 HOH A O     1 
HETATM 1027 O  O     . HOH M 5 . ? -0.371  -7.293  -7.035  1.00 43.35  ? 208 HOH A O     1 
HETATM 1028 O  O     . HOH M 5 . ? -2.290  -8.767  -14.582 1.00 50.39  ? 209 HOH A O     1 
HETATM 1029 O  O     . HOH M 5 . ? -0.953  -10.692 -12.632 1.00 45.70  ? 210 HOH A O     1 
HETATM 1030 O  O     . HOH N 5 . ? -6.549  -5.425  1.841   1.00 46.89  ? 201 HOH B O     1 
HETATM 1031 O  O     . HOH N 5 . ? -7.406  -4.559  13.305  1.00 41.11  ? 202 HOH B O     1 
HETATM 1032 O  O     . HOH N 5 . ? -0.247  11.059  -11.941 1.00 46.73  ? 203 HOH B O     1 
HETATM 1033 O  O     . HOH N 5 . ? -6.529  3.158   -12.227 1.00 40.06  ? 204 HOH B O     1 
HETATM 1034 O  O     . HOH N 5 . ? -1.413  9.753   -4.154  1.00 51.10  ? 205 HOH B O     1 
HETATM 1035 O  O     . HOH N 5 . ? -8.768  -3.337  12.063  1.00 44.23  ? 206 HOH B O     1 
HETATM 1036 O  O     . HOH O 5 . ? -7.946  -3.977  -1.815  0.50 40.30  ? 201 HOH C O     1 
HETATM 1037 O  O     . HOH O 5 . ? -3.016  -5.784  6.966   1.00 34.40  ? 202 HOH C O     1 
HETATM 1038 O  O     . HOH O 5 . ? 6.641   -6.468  7.295   1.00 51.69  ? 203 HOH C O     1 
HETATM 1039 O  O     . HOH O 5 . ? -2.161  -0.955  15.368  1.00 50.66  ? 204 HOH C O     1 
HETATM 1040 O  O     . HOH O 5 . ? 5.938   -5.657  0.030   1.00 38.72  ? 205 HOH C O     1 
HETATM 1041 O  O     . HOH P 5 . ? 14.268  2.962   -19.098 1.00 55.60  ? 201 HOH D O     1 
HETATM 1042 O  O     . HOH P 5 . ? 3.081   3.515   9.096   1.00 37.04  ? 202 HOH D O     1 
HETATM 1043 O  O     . HOH P 5 . ? -6.316  6.173   2.795   1.00 48.42  ? 203 HOH D O     1 
# 
